data_3SAJ
#
_entry.id   3SAJ
#
_cell.length_a   92.586
_cell.length_b   94.421
_cell.length_c   186.367
_cell.angle_alpha   90.00
_cell.angle_beta   90.00
_cell.angle_gamma   90.00
#
_symmetry.space_group_name_H-M   'P 21 21 21'
#
loop_
_entity.id
_entity.type
_entity.pdbx_description
1 polymer 'Glutamate receptor 1'
2 branched beta-D-mannopyranose-(1-4)-2-acetamido-2-deoxy-beta-D-glucopyranose-(1-4)-2-acetamido-2-deoxy-beta-D-glucopyranose
3 branched 2-acetamido-2-deoxy-beta-D-glucopyranose-(1-4)-2-acetamido-2-deoxy-beta-D-glucopyranose
4 branched alpha-D-mannopyranose-(1-2)-alpha-D-mannopyranose-(1-3)-alpha-D-mannopyranose-(1-6)-[alpha-D-mannopyranose-(1-3)]beta-D-mannopyranose-(1-4)-2-acetamido-2-deoxy-beta-D-glucopyranose-(1-4)-2-acetamido-2-deoxy-beta-D-glucopyranose
5 non-polymer 2-acetamido-2-deoxy-beta-D-glucopyranose
6 water water
#
_entity_poly.entity_id   1
_entity_poly.type   'polypeptide(L)'
_entity_poly.pdbx_seq_one_letter_code
;IEERGAMPNNIQIGGLFPNQQSQEHAAFRFALSQLTEPPKLLPQIDIVNISDSFEMTYRFCSQFSKGVYAIFGFYERRTV
NMLTSFCGALHVCFITPSFPVDTSNQFVLQLRPELQEALISIIDHYKWQTFVYIYDADRGLSVLQRVLDTAAEKNWQVTA
VNILTTTEEGYRMLFQDLEKKKERLVVVDCESERLNAILGQIVKLEKNGIGYHYILANLGFMDIDLNKFKESGANVTGFQ
LVNYTDTIPARIMQQWRTSDSRDHTRVDWKRPKYTSALTYDGVKVMAEAFQSLRRQRIDISRRGNAGDCLANPAVPWGQG
IDIQRALQQVRFEGLTGNVQFNEKGRRTNYTLHVIEMKHDGIRKIGYWNEDDKFVPAALEVLFQ
;
_entity_poly.pdbx_strand_id   A,B,C,D
#
# COMPACT_ATOMS: atom_id res chain seq x y z
N GLY A 5 0.07 -12.93 -37.94
CA GLY A 5 -0.22 -12.27 -39.20
C GLY A 5 0.90 -11.35 -39.69
N ALA A 6 0.55 -10.09 -39.94
CA ALA A 6 1.46 -9.14 -40.54
C ALA A 6 1.78 -7.94 -39.70
N MET A 7 2.56 -7.03 -40.27
CA MET A 7 2.76 -5.70 -39.70
C MET A 7 2.44 -4.70 -40.80
N PRO A 8 2.27 -3.44 -40.43
CA PRO A 8 2.02 -2.39 -41.42
C PRO A 8 3.29 -2.17 -42.24
N ASN A 9 3.20 -1.43 -43.33
CA ASN A 9 4.38 -1.19 -44.18
C ASN A 9 5.27 -0.08 -43.63
N ASN A 10 4.72 0.68 -42.68
CA ASN A 10 5.47 1.73 -42.00
C ASN A 10 5.58 1.46 -40.51
N ILE A 11 6.75 1.66 -39.95
CA ILE A 11 6.94 1.50 -38.51
C ILE A 11 7.37 2.83 -37.90
N GLN A 12 6.45 3.43 -37.15
CA GLN A 12 6.69 4.72 -36.54
C GLN A 12 7.65 4.60 -35.37
N ILE A 13 8.69 5.42 -35.39
CA ILE A 13 9.73 5.35 -34.39
C ILE A 13 9.85 6.72 -33.73
N GLY A 14 9.67 6.76 -32.42
CA GLY A 14 9.86 7.99 -31.67
C GLY A 14 11.29 8.44 -31.49
N GLY A 15 11.47 9.73 -31.26
CA GLY A 15 12.84 10.20 -31.09
C GLY A 15 12.89 11.12 -29.93
N LEU A 16 13.90 10.99 -29.06
CA LEU A 16 14.13 12.05 -28.05
C LEU A 16 15.52 12.62 -28.25
N PHE A 17 15.56 13.79 -28.89
CA PHE A 17 16.78 14.46 -29.29
C PHE A 17 16.90 15.80 -28.61
N PRO A 18 18.12 16.22 -28.27
CA PRO A 18 18.32 17.54 -27.66
C PRO A 18 18.17 18.69 -28.66
N ASN A 19 18.28 18.41 -29.96
CA ASN A 19 18.11 19.43 -30.99
C ASN A 19 18.01 18.83 -32.38
N GLN A 20 17.54 19.62 -33.35
CA GLN A 20 17.30 19.13 -34.69
C GLN A 20 18.45 19.45 -35.65
N GLN A 21 19.45 20.16 -35.15
CA GLN A 21 20.68 20.36 -35.92
C GLN A 21 21.89 19.92 -35.09
N SER A 22 22.44 18.78 -35.48
CA SER A 22 23.61 18.21 -34.83
C SER A 22 24.09 17.15 -35.79
N GLN A 23 25.32 16.72 -35.60
CA GLN A 23 25.87 15.71 -36.49
C GLN A 23 25.24 14.34 -36.23
N GLU A 24 24.82 14.08 -34.99
CA GLU A 24 24.12 12.84 -34.68
C GLU A 24 22.81 12.80 -35.44
N HIS A 25 22.17 13.95 -35.52
CA HIS A 25 20.91 14.07 -36.24
C HIS A 25 21.10 13.78 -37.72
N ALA A 26 22.18 14.31 -38.29
CA ALA A 26 22.50 14.06 -39.70
C ALA A 26 22.80 12.60 -39.94
N ALA A 27 23.50 11.98 -38.99
CA ALA A 27 23.84 10.56 -39.08
C ALA A 27 22.57 9.71 -39.09
N PHE A 28 21.60 10.13 -38.29
CA PHE A 28 20.31 9.50 -38.16
C PHE A 28 19.56 9.52 -39.48
N ARG A 29 19.38 10.71 -40.06
N ARG A 29 19.41 10.72 -40.06
CA ARG A 29 18.66 10.85 -41.31
CA ARG A 29 18.69 10.96 -41.33
C ARG A 29 19.34 10.06 -42.42
C ARG A 29 19.33 10.22 -42.51
N PHE A 30 20.66 10.18 -42.52
CA PHE A 30 21.40 9.52 -43.61
C PHE A 30 21.35 8.00 -43.54
N ALA A 31 21.48 7.45 -42.33
CA ALA A 31 21.31 6.01 -42.18
C ALA A 31 19.86 5.54 -42.54
N LEU A 32 18.85 6.30 -42.14
CA LEU A 32 17.48 5.94 -42.53
C LEU A 32 17.33 5.92 -44.05
N SER A 33 17.99 6.83 -44.73
CA SER A 33 17.96 6.90 -46.19
C SER A 33 18.69 5.76 -46.87
N GLN A 34 19.51 5.02 -46.13
CA GLN A 34 20.23 3.90 -46.73
C GLN A 34 19.41 2.61 -46.76
N LEU A 35 18.32 2.57 -45.99
CA LEU A 35 17.50 1.38 -45.90
C LEU A 35 16.63 1.14 -47.13
N THR A 36 16.64 -0.10 -47.63
CA THR A 36 15.82 -0.46 -48.78
C THR A 36 14.71 -1.47 -48.45
N GLU A 37 15.03 -2.46 -47.61
CA GLU A 37 14.07 -3.49 -47.24
C GLU A 37 12.95 -2.96 -46.34
N PRO A 38 11.73 -3.47 -46.55
CA PRO A 38 10.57 -3.11 -45.73
C PRO A 38 10.64 -3.84 -44.40
N PRO A 39 9.91 -3.39 -43.37
CA PRO A 39 9.03 -2.21 -43.42
C PRO A 39 9.80 -0.91 -43.31
N LYS A 40 9.20 0.18 -43.77
CA LYS A 40 9.82 1.49 -43.67
C LYS A 40 9.79 2.04 -42.21
N LEU A 41 10.93 2.57 -41.75
CA LEU A 41 11.00 3.17 -40.44
C LEU A 41 10.64 4.63 -40.64
N LEU A 42 9.57 5.08 -39.99
CA LEU A 42 9.06 6.39 -40.18
C LEU A 42 9.38 7.22 -38.89
N PRO A 43 10.42 8.05 -38.95
CA PRO A 43 10.82 8.73 -37.74
C PRO A 43 9.84 9.85 -37.37
N GLN A 44 9.64 10.02 -36.07
CA GLN A 44 8.75 11.00 -35.51
C GLN A 44 9.47 11.57 -34.31
N ILE A 45 10.51 12.34 -34.56
CA ILE A 45 11.31 12.79 -33.48
C ILE A 45 10.88 14.14 -32.89
N ASP A 46 11.05 14.25 -31.58
CA ASP A 46 10.75 15.49 -30.91
C ASP A 46 12.01 16.11 -30.29
N ILE A 47 12.09 17.43 -30.33
CA ILE A 47 13.19 18.13 -29.70
C ILE A 47 12.77 18.38 -28.26
N VAL A 48 13.65 17.97 -27.33
CA VAL A 48 13.28 17.89 -25.94
C VAL A 48 14.49 18.15 -25.09
N ASN A 49 14.26 18.66 -23.90
CA ASN A 49 15.32 18.79 -22.92
C ASN A 49 15.61 17.44 -22.27
N ILE A 50 16.70 16.80 -22.70
CA ILE A 50 16.96 15.43 -22.29
C ILE A 50 17.42 15.35 -20.83
N SER A 51 17.58 16.51 -20.20
CA SER A 51 17.91 16.56 -18.77
C SER A 51 16.69 16.71 -17.89
N ASP A 52 15.53 17.03 -18.45
CA ASP A 52 14.36 17.24 -17.66
C ASP A 52 13.32 16.10 -17.71
N SER A 53 13.08 15.46 -16.56
CA SER A 53 12.23 14.26 -16.49
C SER A 53 10.82 14.57 -16.86
N PHE A 54 10.36 15.74 -16.45
CA PHE A 54 9.02 16.14 -16.82
C PHE A 54 8.83 16.20 -18.36
N GLU A 55 9.76 16.84 -19.05
CA GLU A 55 9.61 17.02 -20.49
C GLU A 55 9.76 15.68 -21.18
N MET A 56 10.73 14.89 -20.73
CA MET A 56 10.97 13.57 -21.33
C MET A 56 9.75 12.70 -21.12
N THR A 57 9.15 12.79 -19.94
CA THR A 57 7.95 12.04 -19.63
C THR A 57 6.81 12.44 -20.53
N TYR A 58 6.67 13.74 -20.75
CA TYR A 58 5.57 14.22 -21.58
C TYR A 58 5.72 13.69 -22.99
N ARG A 59 6.94 13.72 -23.51
CA ARG A 59 7.24 13.20 -24.84
C ARG A 59 7.05 11.70 -24.95
N PHE A 60 7.55 10.99 -23.94
CA PHE A 60 7.49 9.54 -23.93
C PHE A 60 6.06 9.08 -23.90
N CYS A 61 5.27 9.68 -23.03
CA CYS A 61 3.85 9.39 -22.94
C CYS A 61 3.14 9.80 -24.22
N SER A 62 3.54 10.95 -24.76
CA SER A 62 2.98 11.45 -26.01
C SER A 62 3.30 10.48 -27.14
N GLN A 63 4.54 10.00 -27.18
CA GLN A 63 4.97 9.05 -28.20
C GLN A 63 4.26 7.72 -28.12
N PHE A 64 4.09 7.25 -26.89
CA PHE A 64 3.40 6.01 -26.62
C PHE A 64 1.90 5.97 -26.95
N SER A 65 1.18 7.02 -26.58
CA SER A 65 -0.27 7.08 -26.78
C SER A 65 -0.54 7.09 -28.27
N LYS A 66 0.45 7.59 -29.00
CA LYS A 66 0.43 7.69 -30.45
C LYS A 66 0.74 6.38 -31.22
N GLY A 67 1.29 5.38 -30.54
CA GLY A 67 1.55 4.09 -31.14
C GLY A 67 2.87 3.89 -31.87
N VAL A 68 3.86 4.75 -31.62
CA VAL A 68 5.17 4.49 -32.20
C VAL A 68 5.55 3.08 -31.65
N TYR A 69 6.54 2.39 -32.23
CA TYR A 69 6.89 0.99 -31.84
C TYR A 69 8.15 0.81 -30.98
N ALA A 70 8.90 1.88 -30.86
CA ALA A 70 10.15 1.94 -30.18
C ALA A 70 10.52 3.39 -30.17
N ILE A 71 11.44 3.77 -29.28
CA ILE A 71 11.90 5.13 -29.21
C ILE A 71 13.42 5.18 -29.31
N PHE A 72 13.92 5.93 -30.29
CA PHE A 72 15.34 6.20 -30.40
C PHE A 72 15.58 7.63 -29.95
N GLY A 73 16.51 7.82 -29.03
CA GLY A 73 16.81 9.14 -28.51
C GLY A 73 17.93 9.10 -27.50
N PHE A 74 18.16 10.22 -26.83
CA PHE A 74 19.25 10.33 -25.88
C PHE A 74 18.72 10.64 -24.48
N TYR A 75 19.46 10.20 -23.47
CA TYR A 75 19.07 10.46 -22.08
C TYR A 75 20.23 10.94 -21.23
N GLU A 76 19.98 11.97 -20.43
CA GLU A 76 20.97 12.50 -19.51
C GLU A 76 20.89 11.80 -18.16
N ARG A 77 21.78 12.16 -17.25
CA ARG A 77 21.85 11.53 -15.93
C ARG A 77 20.54 11.63 -15.15
N ARG A 78 20.03 12.84 -15.00
CA ARG A 78 18.82 13.08 -14.21
C ARG A 78 17.61 12.34 -14.74
N THR A 79 17.65 12.01 -16.03
CA THR A 79 16.50 11.42 -16.68
C THR A 79 16.65 9.92 -16.94
N VAL A 80 17.83 9.38 -16.66
CA VAL A 80 18.09 7.96 -16.91
C VAL A 80 17.13 7.06 -16.13
N ASN A 81 16.90 7.38 -14.86
CA ASN A 81 16.01 6.59 -14.03
C ASN A 81 14.57 6.59 -14.53
N MET A 82 14.10 7.76 -14.96
CA MET A 82 12.75 7.90 -15.47
C MET A 82 12.52 7.08 -16.73
N LEU A 83 13.51 7.09 -17.62
CA LEU A 83 13.42 6.38 -18.88
C LEU A 83 13.46 4.86 -18.70
N THR A 84 14.32 4.41 -17.78
CA THR A 84 14.42 2.99 -17.49
C THR A 84 13.11 2.48 -16.91
N SER A 85 12.55 3.25 -15.99
CA SER A 85 11.32 2.88 -15.30
C SER A 85 10.14 2.83 -16.26
N PHE A 86 10.07 3.79 -17.17
CA PHE A 86 8.96 3.86 -18.12
C PHE A 86 9.02 2.78 -19.18
N CYS A 87 10.25 2.45 -19.60
CA CYS A 87 10.44 1.38 -20.54
C CYS A 87 10.04 0.05 -19.90
N GLY A 88 10.42 -0.12 -18.64
CA GLY A 88 10.12 -1.34 -17.92
C GLY A 88 8.64 -1.52 -17.61
N ALA A 89 7.97 -0.40 -17.36
CA ALA A 89 6.54 -0.43 -17.04
C ALA A 89 5.70 -0.73 -18.26
N LEU A 90 6.06 -0.12 -19.39
CA LEU A 90 5.24 -0.20 -20.60
C LEU A 90 5.75 -1.19 -21.64
N HIS A 91 6.93 -1.74 -21.42
CA HIS A 91 7.51 -2.67 -22.37
C HIS A 91 7.68 -2.01 -23.73
N VAL A 92 8.10 -0.74 -23.69
CA VAL A 92 8.46 0.01 -24.87
C VAL A 92 9.97 0.14 -24.84
N CYS A 93 10.62 -0.10 -25.98
CA CYS A 93 12.07 -0.11 -26.01
C CYS A 93 12.68 1.24 -26.31
N PHE A 94 13.78 1.52 -25.61
CA PHE A 94 14.52 2.75 -25.82
C PHE A 94 15.91 2.39 -26.33
N ILE A 95 16.23 2.86 -27.54
CA ILE A 95 17.51 2.58 -28.16
C ILE A 95 18.38 3.84 -28.08
N THR A 96 19.54 3.73 -27.46
CA THR A 96 20.34 4.93 -27.19
C THR A 96 21.85 4.74 -27.29
N PRO A 97 22.52 5.79 -27.74
CA PRO A 97 23.99 5.80 -27.82
C PRO A 97 24.58 6.55 -26.63
N SER A 98 23.72 6.96 -25.70
CA SER A 98 24.15 7.70 -24.52
C SER A 98 24.98 6.82 -23.59
N PHE A 99 25.79 7.46 -22.77
CA PHE A 99 26.60 6.74 -21.79
C PHE A 99 25.75 5.67 -21.10
N PRO A 100 26.24 4.43 -21.13
CA PRO A 100 25.51 3.33 -20.49
C PRO A 100 25.58 3.43 -18.98
N VAL A 101 24.45 3.27 -18.31
CA VAL A 101 24.40 3.33 -16.86
C VAL A 101 24.24 1.93 -16.28
N ASP A 102 24.27 1.84 -14.95
CA ASP A 102 24.09 0.57 -14.28
C ASP A 102 22.63 0.40 -13.91
N THR A 103 22.11 -0.82 -14.08
CA THR A 103 20.74 -1.14 -13.70
C THR A 103 19.65 -0.52 -14.58
N SER A 104 19.83 -0.62 -15.89
CA SER A 104 18.74 -0.38 -16.81
C SER A 104 17.96 -1.68 -16.77
N ASN A 105 16.75 -1.69 -17.30
CA ASN A 105 16.05 -2.96 -17.40
C ASN A 105 16.36 -3.50 -18.84
N GLN A 106 15.70 -4.58 -19.29
CA GLN A 106 15.99 -5.19 -20.60
C GLN A 106 15.40 -4.45 -21.81
N PHE A 107 14.62 -3.41 -21.55
CA PHE A 107 13.95 -2.67 -22.61
C PHE A 107 14.73 -1.43 -23.04
N VAL A 108 15.91 -1.25 -22.46
CA VAL A 108 16.80 -0.17 -22.84
C VAL A 108 17.97 -0.78 -23.61
N LEU A 109 18.09 -0.44 -24.89
CA LEU A 109 19.16 -1.02 -25.70
C LEU A 109 20.31 -0.05 -25.84
N GLN A 110 21.43 -0.42 -25.24
CA GLN A 110 22.57 0.48 -25.17
C GLN A 110 23.60 0.22 -26.27
N LEU A 111 23.58 1.07 -27.28
CA LEU A 111 24.51 1.08 -28.36
C LEU A 111 25.94 1.30 -27.91
N ARG A 112 26.16 2.06 -26.83
CA ARG A 112 27.52 2.41 -26.41
C ARG A 112 28.08 1.31 -25.50
N PRO A 113 29.22 0.69 -25.89
CA PRO A 113 29.90 -0.33 -25.08
C PRO A 113 30.38 0.25 -23.75
N GLU A 114 30.38 -0.56 -22.70
CA GLU A 114 30.92 -0.13 -21.42
C GLU A 114 32.43 -0.17 -21.53
N LEU A 115 33.08 0.82 -20.91
CA LEU A 115 34.55 1.02 -20.96
C LEU A 115 35.32 0.61 -19.73
N GLN A 116 34.67 0.53 -18.59
CA GLN A 116 35.35 0.34 -17.31
C GLN A 116 36.33 -0.84 -17.24
N GLU A 117 36.00 -1.97 -17.85
CA GLU A 117 36.89 -3.12 -17.78
C GLU A 117 38.13 -2.86 -18.62
N ALA A 118 37.90 -2.39 -19.86
CA ALA A 118 39.00 -1.99 -20.75
C ALA A 118 39.95 -1.01 -20.08
N LEU A 119 39.38 -0.05 -19.36
CA LEU A 119 40.18 0.95 -18.71
C LEU A 119 41.07 0.26 -17.68
N ILE A 120 40.46 -0.62 -16.89
CA ILE A 120 41.23 -1.34 -15.89
C ILE A 120 42.42 -2.08 -16.53
N SER A 121 42.13 -2.86 -17.57
CA SER A 121 43.13 -3.60 -18.33
C SER A 121 44.30 -2.74 -18.79
N ILE A 122 44.00 -1.57 -19.34
CA ILE A 122 45.03 -0.68 -19.86
C ILE A 122 45.90 -0.11 -18.74
N ILE A 123 45.32 0.02 -17.55
CA ILE A 123 46.05 0.52 -16.39
C ILE A 123 47.00 -0.54 -15.84
N ASP A 124 46.48 -1.76 -15.67
CA ASP A 124 47.29 -2.90 -15.25
C ASP A 124 48.46 -3.02 -16.28
N HIS A 125 48.15 -3.01 -17.59
CA HIS A 125 49.15 -3.18 -18.67
C HIS A 125 50.32 -2.21 -18.53
N TYR A 126 50.02 -0.99 -18.12
CA TYR A 126 51.04 0.04 -17.92
C TYR A 126 51.65 -0.08 -16.53
N LYS A 127 51.13 -1.00 -15.73
CA LYS A 127 51.67 -1.26 -14.41
C LYS A 127 51.49 -0.10 -13.43
N TRP A 128 50.61 0.82 -13.76
CA TRP A 128 50.33 1.93 -12.85
C TRP A 128 49.96 1.38 -11.47
N GLN A 129 50.50 1.99 -10.41
CA GLN A 129 50.18 1.56 -9.04
C GLN A 129 49.48 2.66 -8.24
N THR A 130 49.74 3.90 -8.61
CA THR A 130 49.07 5.05 -8.01
C THR A 130 48.80 6.09 -9.09
N PHE A 131 47.68 6.81 -8.99
CA PHE A 131 47.35 7.79 -10.01
C PHE A 131 46.19 8.71 -9.62
N VAL A 132 46.12 9.85 -10.28
CA VAL A 132 45.03 10.79 -10.07
C VAL A 132 43.91 10.39 -11.04
N TYR A 133 42.68 10.40 -10.55
CA TYR A 133 41.49 10.09 -11.35
C TYR A 133 40.58 11.30 -11.38
N ILE A 134 40.31 11.80 -12.57
CA ILE A 134 39.49 13.01 -12.73
C ILE A 134 38.16 12.73 -13.34
N TYR A 135 37.13 13.14 -12.63
CA TYR A 135 35.78 12.86 -13.07
C TYR A 135 34.89 14.08 -12.98
N ASP A 136 34.11 14.27 -14.03
CA ASP A 136 32.90 15.05 -13.96
C ASP A 136 31.86 13.98 -13.69
N ALA A 137 30.72 14.34 -13.12
CA ALA A 137 29.78 13.33 -12.66
C ALA A 137 28.45 13.29 -13.41
N ASP A 138 28.38 13.97 -14.55
CA ASP A 138 27.12 14.06 -15.29
C ASP A 138 26.90 12.92 -16.27
N ARG A 139 27.89 12.05 -16.43
CA ARG A 139 27.75 10.90 -17.33
C ARG A 139 27.90 9.57 -16.60
N GLY A 140 27.50 9.54 -15.33
CA GLY A 140 27.55 8.32 -14.54
C GLY A 140 28.75 8.27 -13.62
N LEU A 141 28.64 7.48 -12.56
CA LEU A 141 29.72 7.32 -11.59
C LEU A 141 30.13 5.86 -11.45
N SER A 142 29.60 5.01 -12.32
CA SER A 142 29.91 3.58 -12.26
C SER A 142 31.40 3.30 -12.41
N VAL A 143 32.04 4.07 -13.29
CA VAL A 143 33.43 3.86 -13.66
C VAL A 143 34.34 4.17 -12.46
N LEU A 144 34.07 5.29 -11.81
CA LEU A 144 34.76 5.60 -10.57
C LEU A 144 34.63 4.47 -9.53
N GLN A 145 33.41 3.99 -9.30
CA GLN A 145 33.20 2.87 -8.36
C GLN A 145 34.04 1.68 -8.76
N ARG A 146 33.98 1.33 -10.04
CA ARG A 146 34.75 0.22 -10.56
C ARG A 146 36.26 0.44 -10.41
N VAL A 147 36.68 1.69 -10.56
CA VAL A 147 38.07 2.06 -10.34
C VAL A 147 38.45 1.95 -8.86
N LEU A 148 37.61 2.49 -7.96
CA LEU A 148 37.91 2.40 -6.50
C LEU A 148 37.88 0.98 -5.97
N ASP A 149 36.93 0.17 -6.46
CA ASP A 149 36.87 -1.25 -6.09
C ASP A 149 38.14 -2.03 -6.48
N THR A 150 38.59 -1.87 -7.71
CA THR A 150 39.81 -2.53 -8.16
C THR A 150 41.01 -1.98 -7.39
N ALA A 151 40.95 -0.70 -7.03
CA ALA A 151 42.05 -0.08 -6.32
C ALA A 151 42.20 -0.68 -4.93
N ALA A 152 41.07 -0.83 -4.25
CA ALA A 152 41.03 -1.45 -2.91
C ALA A 152 41.51 -2.90 -2.97
N GLU A 153 41.10 -3.55 -4.05
CA GLU A 153 41.46 -4.92 -4.36
C GLU A 153 42.96 -5.08 -4.59
N LYS A 154 43.53 -4.16 -5.36
CA LYS A 154 44.92 -4.30 -5.80
C LYS A 154 45.92 -3.40 -5.06
N ASN A 155 45.45 -2.71 -4.04
CA ASN A 155 46.32 -1.85 -3.24
C ASN A 155 46.85 -0.67 -4.03
N TRP A 156 46.08 -0.20 -5.00
CA TRP A 156 46.44 0.96 -5.79
C TRP A 156 46.14 2.22 -4.97
N GLN A 157 46.96 3.25 -5.11
CA GLN A 157 46.71 4.53 -4.45
C GLN A 157 46.04 5.53 -5.41
N VAL A 158 44.72 5.57 -5.40
CA VAL A 158 43.98 6.46 -6.28
C VAL A 158 43.54 7.75 -5.59
N THR A 159 43.80 8.88 -6.24
CA THR A 159 43.31 10.16 -5.76
C THR A 159 42.23 10.64 -6.72
N ALA A 160 41.07 11.00 -6.20
CA ALA A 160 39.93 11.36 -7.03
C ALA A 160 39.60 12.85 -7.01
N VAL A 161 39.50 13.43 -8.20
CA VAL A 161 39.11 14.83 -8.36
C VAL A 161 37.92 14.95 -9.31
N ASN A 162 36.81 15.50 -8.82
CA ASN A 162 35.65 15.74 -9.64
C ASN A 162 36.01 17.16 -10.03
N ILE A 163 36.15 17.42 -11.32
CA ILE A 163 36.63 18.71 -11.80
C ILE A 163 35.70 19.88 -11.47
N LEU A 164 34.39 19.63 -11.50
CA LEU A 164 33.41 20.67 -11.28
C LEU A 164 33.59 21.41 -9.96
N THR A 165 33.99 20.69 -8.92
CA THR A 165 34.17 21.28 -7.59
C THR A 165 35.56 21.90 -7.42
N THR A 166 36.46 21.59 -8.35
CA THR A 166 37.85 22.06 -8.25
C THR A 166 38.20 23.19 -9.17
N THR A 167 38.35 24.37 -8.58
CA THR A 167 38.97 25.47 -9.27
C THR A 167 40.46 25.14 -9.27
N GLU A 168 41.28 26.10 -9.66
CA GLU A 168 42.69 25.84 -9.99
C GLU A 168 43.63 25.25 -8.93
N GLU A 169 43.42 25.55 -7.66
CA GLU A 169 44.37 25.15 -6.62
C GLU A 169 44.44 23.65 -6.34
N GLY A 170 43.30 22.97 -6.45
CA GLY A 170 43.22 21.55 -6.16
C GLY A 170 44.23 20.70 -6.94
N TYR A 171 44.33 20.96 -8.23
CA TYR A 171 45.23 20.21 -9.09
C TYR A 171 46.69 20.39 -8.68
N ARG A 172 47.03 21.62 -8.30
CA ARG A 172 48.39 21.93 -7.86
C ARG A 172 48.72 21.24 -6.54
N MET A 173 47.69 21.04 -5.72
CA MET A 173 47.85 20.49 -4.38
C MET A 173 48.31 19.02 -4.37
N LEU A 174 47.99 18.30 -5.44
CA LEU A 174 48.28 16.87 -5.52
C LEU A 174 49.74 16.51 -5.43
N PHE A 175 50.61 17.43 -5.83
CA PHE A 175 52.04 17.17 -5.83
C PHE A 175 52.76 17.71 -4.58
N GLN A 176 52.01 17.98 -3.52
CA GLN A 176 52.60 18.47 -2.28
C GLN A 176 53.61 17.47 -1.75
N ASP A 177 53.35 16.19 -2.01
CA ASP A 177 54.29 15.12 -1.70
C ASP A 177 54.54 14.28 -2.95
N LEU A 178 55.01 14.93 -4.02
CA LEU A 178 55.26 14.23 -5.29
C LEU A 178 56.60 14.52 -5.96
N GLU A 179 57.68 14.51 -5.20
CA GLU A 179 59.01 14.54 -5.79
C GLU A 179 59.59 13.15 -5.60
N LYS A 180 60.56 12.78 -6.43
CA LYS A 180 61.12 11.43 -6.36
C LYS A 180 60.28 10.44 -7.17
N LYS A 181 59.34 10.97 -7.97
CA LYS A 181 58.55 10.17 -8.88
C LYS A 181 58.53 10.89 -10.23
N LYS A 182 59.37 10.42 -11.14
CA LYS A 182 59.60 11.12 -12.40
C LYS A 182 58.52 10.91 -13.46
N GLU A 183 57.40 10.31 -13.07
CA GLU A 183 56.30 10.10 -14.00
C GLU A 183 54.94 10.08 -13.30
N ARG A 184 54.19 11.17 -13.44
CA ARG A 184 52.83 11.23 -12.91
C ARG A 184 51.79 10.66 -13.90
N LEU A 185 50.86 9.89 -13.36
CA LEU A 185 49.86 9.14 -14.14
C LEU A 185 48.42 9.66 -13.84
N VAL A 186 47.69 10.05 -14.87
CA VAL A 186 46.37 10.67 -14.70
C VAL A 186 45.31 10.07 -15.63
N VAL A 187 44.19 9.68 -15.03
CA VAL A 187 43.02 9.19 -15.76
C VAL A 187 41.99 10.34 -15.79
N VAL A 188 41.50 10.63 -16.98
CA VAL A 188 40.58 11.70 -17.18
C VAL A 188 39.26 11.07 -17.61
N ASP A 189 38.26 11.21 -16.75
CA ASP A 189 36.94 10.65 -17.00
C ASP A 189 35.87 11.74 -17.06
N CYS A 190 35.54 12.16 -18.28
CA CYS A 190 34.65 13.30 -18.47
C CYS A 190 33.84 13.20 -19.76
N GLU A 191 32.82 14.04 -19.86
CA GLU A 191 31.99 14.10 -21.06
C GLU A 191 32.85 14.48 -22.26
N SER A 192 32.52 13.92 -23.42
CA SER A 192 33.32 14.09 -24.63
C SER A 192 33.39 15.54 -25.12
N GLU A 193 32.25 16.23 -25.07
CA GLU A 193 32.16 17.60 -25.53
C GLU A 193 33.09 18.49 -24.71
N ARG A 194 33.50 17.96 -23.56
CA ARG A 194 34.23 18.71 -22.55
C ARG A 194 35.66 18.21 -22.40
N LEU A 195 36.02 17.15 -23.12
CA LEU A 195 37.34 16.54 -22.98
C LEU A 195 38.48 17.46 -23.34
N ASN A 196 38.30 18.18 -24.44
CA ASN A 196 39.35 19.07 -24.91
C ASN A 196 39.68 20.17 -23.91
N ALA A 197 38.66 20.76 -23.31
CA ALA A 197 38.86 21.88 -22.39
C ALA A 197 39.55 21.44 -21.10
N ILE A 198 39.12 20.31 -20.55
CA ILE A 198 39.74 19.81 -19.32
C ILE A 198 41.18 19.39 -19.55
N LEU A 199 41.44 18.72 -20.67
CA LEU A 199 42.80 18.31 -21.00
C LEU A 199 43.69 19.53 -21.10
N GLY A 200 43.21 20.55 -21.80
CA GLY A 200 43.94 21.79 -21.97
C GLY A 200 44.23 22.43 -20.63
N GLN A 201 43.26 22.39 -19.74
CA GLN A 201 43.40 22.99 -18.41
C GLN A 201 44.46 22.28 -17.55
N ILE A 202 44.43 20.96 -17.54
CA ILE A 202 45.30 20.19 -16.65
C ILE A 202 46.73 20.02 -17.17
N VAL A 203 46.91 20.25 -18.47
CA VAL A 203 48.22 20.26 -19.06
C VAL A 203 48.90 21.60 -18.76
N LYS A 204 48.10 22.65 -18.63
CA LYS A 204 48.64 23.94 -18.24
C LYS A 204 49.17 23.86 -16.83
N LEU A 205 48.51 23.06 -15.99
CA LEU A 205 48.88 22.97 -14.58
C LEU A 205 50.09 22.05 -14.31
N GLU A 206 50.69 21.52 -15.39
CA GLU A 206 51.84 20.64 -15.29
C GLU A 206 53.06 21.32 -14.69
N LYS A 207 53.84 20.54 -13.95
CA LYS A 207 55.10 21.06 -13.44
C LYS A 207 56.25 20.55 -14.31
N ASN A 208 57.30 21.37 -14.41
CA ASN A 208 58.55 21.04 -15.13
C ASN A 208 59.27 19.86 -14.51
N GLY A 209 59.92 19.04 -15.35
CA GLY A 209 60.77 17.95 -14.86
C GLY A 209 60.04 16.76 -14.24
N ILE A 210 58.73 16.71 -14.47
CA ILE A 210 57.97 15.52 -14.19
C ILE A 210 57.40 15.00 -15.51
N GLY A 211 57.37 13.67 -15.66
CA GLY A 211 56.80 13.05 -16.85
C GLY A 211 55.32 12.82 -16.66
N TYR A 212 54.51 13.34 -17.59
CA TYR A 212 53.08 13.20 -17.48
C TYR A 212 52.48 12.13 -18.42
N HIS A 213 51.53 11.38 -17.89
CA HIS A 213 50.85 10.35 -18.66
C HIS A 213 49.35 10.41 -18.47
N TYR A 214 48.61 10.36 -19.58
CA TYR A 214 47.17 10.47 -19.50
C TYR A 214 46.48 9.32 -20.13
N ILE A 215 45.48 8.80 -19.43
CA ILE A 215 44.61 7.81 -20.03
C ILE A 215 43.19 8.35 -20.06
N LEU A 216 42.58 8.38 -21.23
CA LEU A 216 41.22 8.86 -21.39
C LEU A 216 40.20 7.76 -21.11
N ALA A 217 39.42 7.94 -20.04
CA ALA A 217 38.48 6.92 -19.59
C ALA A 217 37.16 6.94 -20.36
N ASN A 218 37.08 7.77 -21.40
CA ASN A 218 35.88 7.82 -22.22
C ASN A 218 36.24 7.80 -23.70
N LEU A 219 35.38 7.21 -24.52
CA LEU A 219 35.56 7.33 -25.94
C LEU A 219 35.56 8.85 -26.15
N GLY A 220 36.08 9.30 -27.29
CA GLY A 220 36.16 10.73 -27.54
C GLY A 220 37.59 11.18 -27.82
N PHE A 221 38.51 10.23 -27.80
CA PHE A 221 39.92 10.48 -28.06
C PHE A 221 40.14 11.19 -29.39
N MET A 222 39.66 10.58 -30.47
CA MET A 222 39.92 11.03 -31.84
C MET A 222 39.12 12.26 -32.27
N ASP A 223 38.20 12.67 -31.42
CA ASP A 223 37.35 13.83 -31.69
C ASP A 223 37.89 15.07 -30.99
N ILE A 224 39.12 14.98 -30.53
CA ILE A 224 39.80 16.08 -29.84
C ILE A 224 40.87 16.80 -30.67
N ASP A 225 41.46 17.85 -30.10
CA ASP A 225 42.44 18.67 -30.80
C ASP A 225 43.71 17.87 -30.78
N LEU A 226 43.80 16.91 -31.69
CA LEU A 226 44.95 16.03 -31.76
C LEU A 226 46.27 16.73 -32.08
N ASN A 227 46.25 17.62 -33.07
CA ASN A 227 47.48 18.26 -33.53
C ASN A 227 48.15 19.06 -32.47
N LYS A 228 47.35 19.76 -31.70
CA LYS A 228 47.92 20.52 -30.62
C LYS A 228 48.58 19.61 -29.58
N PHE A 229 47.88 18.56 -29.16
CA PHE A 229 48.41 17.65 -28.14
C PHE A 229 49.58 16.74 -28.54
N LYS A 230 49.51 16.15 -29.73
CA LYS A 230 50.66 15.38 -30.20
C LYS A 230 51.84 16.29 -30.43
N GLU A 231 51.65 17.41 -31.12
CA GLU A 231 52.77 18.30 -31.41
C GLU A 231 53.41 18.86 -30.15
N SER A 232 52.70 18.77 -29.02
CA SER A 232 53.23 19.24 -27.75
C SER A 232 54.00 18.13 -27.04
N GLY A 233 54.01 16.95 -27.65
CA GLY A 233 54.75 15.81 -27.12
C GLY A 233 54.04 15.12 -25.97
N ALA A 234 52.71 15.23 -25.94
CA ALA A 234 51.91 14.67 -24.86
C ALA A 234 51.81 13.15 -24.94
N ASN A 235 51.77 12.52 -23.77
CA ASN A 235 51.55 11.07 -23.68
C ASN A 235 50.09 10.82 -23.34
N VAL A 236 49.34 10.29 -24.30
CA VAL A 236 47.90 10.11 -24.12
C VAL A 236 47.41 8.80 -24.73
N THR A 237 46.66 8.04 -23.95
CA THR A 237 46.09 6.77 -24.43
C THR A 237 44.58 6.74 -24.23
N GLY A 238 43.85 6.37 -25.28
CA GLY A 238 42.41 6.32 -25.23
C GLY A 238 41.85 5.20 -26.08
N PHE A 239 40.52 5.10 -26.12
CA PHE A 239 39.86 4.06 -26.90
C PHE A 239 39.24 4.62 -28.18
N GLN A 240 39.18 3.78 -29.20
CA GLN A 240 38.61 4.14 -30.49
C GLN A 240 37.63 3.06 -30.93
N LEU A 241 36.39 3.44 -31.21
CA LEU A 241 35.38 2.46 -31.53
C LEU A 241 35.33 2.14 -33.00
N VAL A 242 35.70 3.12 -33.81
CA VAL A 242 35.54 3.02 -35.23
C VAL A 242 36.88 2.96 -35.94
N ASN A 243 37.11 1.87 -36.68
CA ASN A 243 38.15 1.92 -37.70
C ASN A 243 37.63 2.52 -38.98
N TYR A 244 38.04 3.75 -39.26
CA TYR A 244 37.59 4.46 -40.46
C TYR A 244 38.20 3.99 -41.79
N THR A 245 39.19 3.09 -41.71
CA THR A 245 39.77 2.53 -42.92
C THR A 245 39.51 1.04 -43.05
N ASP A 246 38.80 0.44 -42.12
CA ASP A 246 38.42 -0.96 -42.32
C ASP A 246 37.40 -1.02 -43.47
N THR A 247 37.13 -2.24 -43.96
CA THR A 247 36.35 -2.46 -45.18
C THR A 247 34.93 -1.87 -45.10
N ILE A 248 34.17 -2.29 -44.09
CA ILE A 248 32.78 -1.86 -43.98
C ILE A 248 32.59 -0.35 -43.64
N PRO A 249 33.37 0.19 -42.69
CA PRO A 249 33.30 1.64 -42.43
C PRO A 249 33.79 2.55 -43.58
N ALA A 250 34.71 2.05 -44.40
CA ALA A 250 35.27 2.84 -45.49
C ALA A 250 34.23 3.03 -46.59
N ARG A 251 33.60 1.92 -46.96
CA ARG A 251 32.40 1.85 -47.79
C ARG A 251 31.31 2.84 -47.32
N ILE A 252 30.94 2.77 -46.04
CA ILE A 252 29.91 3.66 -45.48
C ILE A 252 30.28 5.14 -45.59
N MET A 253 31.50 5.49 -45.20
CA MET A 253 31.96 6.87 -45.30
C MET A 253 31.93 7.32 -46.74
N GLN A 254 32.05 6.36 -47.65
CA GLN A 254 32.02 6.62 -49.08
C GLN A 254 30.67 7.21 -49.50
N GLN A 255 29.60 6.49 -49.22
CA GLN A 255 28.26 6.92 -49.59
C GLN A 255 27.83 8.18 -48.88
N TRP A 256 28.17 8.25 -47.59
CA TRP A 256 27.89 9.43 -46.80
C TRP A 256 28.58 10.64 -47.43
N ARG A 257 29.81 10.43 -47.89
CA ARG A 257 30.59 11.50 -48.52
C ARG A 257 29.89 12.02 -49.77
N THR A 258 29.40 11.10 -50.59
CA THR A 258 28.71 11.46 -51.83
C THR A 258 27.36 12.12 -51.53
N SER A 259 26.73 11.68 -50.45
CA SER A 259 25.41 12.19 -50.07
C SER A 259 25.44 13.66 -49.69
N ASP A 260 26.52 14.08 -49.05
CA ASP A 260 26.64 15.44 -48.55
C ASP A 260 27.02 16.44 -49.64
N SER A 261 27.80 15.96 -50.62
CA SER A 261 28.44 16.81 -51.61
C SER A 261 27.51 17.63 -52.51
N ARG A 262 26.26 17.19 -52.69
CA ARG A 262 25.34 17.94 -53.55
C ARG A 262 24.39 18.82 -52.75
N ASP A 263 23.63 18.22 -51.84
CA ASP A 263 22.68 18.96 -51.02
C ASP A 263 23.41 19.85 -50.02
N LYS A 270 34.32 17.17 -40.43
CA LYS A 270 34.47 16.16 -41.49
C LYS A 270 34.54 14.72 -40.95
N ARG A 271 35.36 14.48 -39.91
CA ARG A 271 35.36 13.17 -39.22
C ARG A 271 34.17 13.01 -38.24
N PRO A 272 33.25 12.05 -38.51
CA PRO A 272 32.19 11.75 -37.53
C PRO A 272 32.70 11.39 -36.13
N LYS A 273 32.07 12.00 -35.15
CA LYS A 273 32.27 11.62 -33.79
C LYS A 273 31.69 10.23 -33.52
N TYR A 274 32.25 9.57 -32.51
CA TYR A 274 31.80 8.25 -32.12
C TYR A 274 30.26 8.22 -31.84
N THR A 275 29.68 9.34 -31.39
CA THR A 275 28.24 9.35 -31.09
C THR A 275 27.40 9.40 -32.31
N SER A 276 27.94 10.04 -33.34
CA SER A 276 27.33 9.96 -34.65
C SER A 276 27.39 8.52 -35.19
N ALA A 277 28.55 7.87 -35.08
CA ALA A 277 28.72 6.52 -35.61
C ALA A 277 27.78 5.53 -34.92
N LEU A 278 27.51 5.75 -33.64
CA LEU A 278 26.59 4.88 -32.88
C LEU A 278 25.14 5.19 -33.21
N THR A 279 24.86 6.44 -33.52
CA THR A 279 23.52 6.82 -33.93
C THR A 279 23.19 6.12 -35.26
N TYR A 280 24.17 6.07 -36.15
CA TYR A 280 24.06 5.41 -37.44
C TYR A 280 23.90 3.88 -37.27
N ASP A 281 24.68 3.26 -36.39
CA ASP A 281 24.44 1.86 -36.12
C ASP A 281 23.10 1.62 -35.37
N GLY A 282 22.69 2.54 -34.50
CA GLY A 282 21.44 2.40 -33.81
C GLY A 282 20.28 2.31 -34.77
N VAL A 283 20.30 3.11 -35.82
CA VAL A 283 19.26 2.98 -36.83
C VAL A 283 19.28 1.62 -37.48
N LYS A 284 20.47 1.05 -37.71
CA LYS A 284 20.50 -0.27 -38.32
C LYS A 284 19.98 -1.35 -37.37
N VAL A 285 20.23 -1.18 -36.08
CA VAL A 285 19.69 -2.05 -35.07
C VAL A 285 18.14 -2.17 -35.17
N MET A 286 17.47 -1.02 -35.20
CA MET A 286 16.03 -0.96 -35.37
C MET A 286 15.62 -1.60 -36.69
N ALA A 287 16.29 -1.24 -37.79
CA ALA A 287 15.95 -1.80 -39.10
C ALA A 287 16.08 -3.32 -39.12
N GLU A 288 17.15 -3.84 -38.51
CA GLU A 288 17.36 -5.28 -38.47
C GLU A 288 16.27 -5.93 -37.68
N ALA A 289 15.88 -5.31 -36.57
CA ALA A 289 14.86 -5.92 -35.73
C ALA A 289 13.51 -5.96 -36.44
N PHE A 290 13.14 -4.85 -37.08
CA PHE A 290 11.84 -4.78 -37.69
C PHE A 290 11.79 -5.51 -39.03
N GLN A 291 12.93 -5.59 -39.73
CA GLN A 291 12.93 -6.43 -40.94
C GLN A 291 12.75 -7.87 -40.52
N SER A 292 13.36 -8.22 -39.39
CA SER A 292 13.38 -9.59 -38.91
C SER A 292 11.97 -10.03 -38.45
N LEU A 293 11.19 -9.14 -37.86
CA LEU A 293 9.85 -9.50 -37.46
C LEU A 293 8.97 -9.66 -38.69
N ARG A 294 9.22 -8.83 -39.70
CA ARG A 294 8.40 -8.81 -40.90
C ARG A 294 8.57 -10.12 -41.61
N ARG A 295 9.82 -10.57 -41.71
CA ARG A 295 10.02 -11.76 -42.50
C ARG A 295 9.70 -13.01 -41.69
N GLN A 296 9.92 -12.93 -40.38
CA GLN A 296 9.58 -14.01 -39.47
C GLN A 296 8.05 -14.25 -39.36
N ARG A 297 7.25 -13.38 -39.96
CA ARG A 297 5.76 -13.44 -39.90
C ARG A 297 5.20 -13.27 -38.47
N ILE A 298 5.80 -12.43 -37.65
CA ILE A 298 5.32 -12.31 -36.28
C ILE A 298 4.28 -11.20 -36.26
N ASP A 299 3.07 -11.52 -35.81
CA ASP A 299 1.97 -10.58 -35.90
C ASP A 299 2.10 -9.46 -34.88
N ILE A 300 2.30 -8.26 -35.42
CA ILE A 300 2.38 -7.05 -34.63
C ILE A 300 1.35 -6.01 -35.10
N SER A 301 0.62 -5.47 -34.13
CA SER A 301 -0.32 -4.38 -34.31
C SER A 301 -0.08 -3.35 -33.20
N ARG A 302 -0.41 -2.10 -33.47
CA ARG A 302 -0.30 -1.11 -32.41
C ARG A 302 -1.31 -0.03 -32.64
N ARG A 303 -1.98 0.34 -31.54
CA ARG A 303 -3.18 1.17 -31.59
C ARG A 303 -2.88 2.65 -31.83
N GLY A 304 -3.53 3.22 -32.83
CA GLY A 304 -3.41 4.63 -33.12
C GLY A 304 -4.11 5.34 -31.97
N ASN A 305 -4.85 4.56 -31.20
CA ASN A 305 -5.62 5.06 -30.07
C ASN A 305 -4.76 5.74 -29.02
N ALA A 306 -5.34 6.75 -28.38
CA ALA A 306 -4.67 7.42 -27.28
C ALA A 306 -4.72 6.54 -26.05
N GLY A 307 -4.06 5.40 -26.12
CA GLY A 307 -3.91 4.55 -24.97
C GLY A 307 -3.14 5.36 -23.95
N ASP A 308 -3.79 5.70 -22.84
CA ASP A 308 -3.17 6.58 -21.86
C ASP A 308 -1.92 5.96 -21.24
N CYS A 309 -0.86 6.75 -21.18
CA CYS A 309 0.44 6.28 -20.71
C CYS A 309 0.45 5.96 -19.22
N LEU A 310 -0.29 6.74 -18.43
CA LEU A 310 -0.29 6.58 -16.98
C LEU A 310 -1.48 5.82 -16.43
N ALA A 311 -1.18 4.74 -15.73
CA ALA A 311 -2.19 3.92 -15.10
C ALA A 311 -1.56 3.10 -13.99
N ASN A 312 -2.38 2.64 -13.05
CA ASN A 312 -1.90 1.80 -11.96
C ASN A 312 -2.73 0.54 -11.85
N PRO A 313 -2.10 -0.62 -12.04
CA PRO A 313 -0.69 -0.73 -12.40
C PRO A 313 -0.50 -0.44 -13.87
N ALA A 314 0.73 -0.18 -14.29
CA ALA A 314 0.98 0.09 -15.70
C ALA A 314 0.58 -1.15 -16.51
N VAL A 315 -0.11 -0.92 -17.62
CA VAL A 315 -0.50 -2.01 -18.49
C VAL A 315 0.51 -2.03 -19.62
N PRO A 316 1.34 -3.06 -19.64
CA PRO A 316 2.38 -3.14 -20.66
C PRO A 316 1.84 -3.46 -22.04
N TRP A 317 2.42 -2.83 -23.06
CA TRP A 317 2.16 -3.23 -24.39
C TRP A 317 2.46 -4.74 -24.55
N GLY A 318 1.43 -5.49 -24.95
CA GLY A 318 1.50 -6.97 -24.98
C GLY A 318 2.47 -7.57 -26.01
N GLN A 319 2.70 -6.84 -27.09
CA GLN A 319 3.63 -7.31 -28.12
C GLN A 319 5.00 -6.67 -27.96
N GLY A 320 5.15 -5.81 -26.95
CA GLY A 320 6.40 -5.15 -26.67
C GLY A 320 7.55 -6.11 -26.43
N ILE A 321 7.27 -7.20 -25.73
CA ILE A 321 8.29 -8.19 -25.44
C ILE A 321 8.82 -8.84 -26.71
N ASP A 322 7.99 -8.88 -27.75
CA ASP A 322 8.39 -9.44 -29.02
C ASP A 322 9.41 -8.53 -29.71
N ILE A 323 9.17 -7.23 -29.63
CA ILE A 323 10.05 -6.25 -30.25
C ILE A 323 11.35 -6.11 -29.49
N GLN A 324 11.29 -6.35 -28.18
CA GLN A 324 12.48 -6.29 -27.33
C GLN A 324 13.42 -7.45 -27.65
N ARG A 325 12.83 -8.60 -27.95
CA ARG A 325 13.61 -9.79 -28.28
C ARG A 325 14.30 -9.64 -29.63
N ALA A 326 13.58 -9.08 -30.60
CA ALA A 326 14.13 -8.88 -31.94
C ALA A 326 15.29 -7.90 -31.91
N LEU A 327 15.14 -6.83 -31.12
CA LEU A 327 16.18 -5.82 -31.00
C LEU A 327 17.42 -6.36 -30.31
N GLN A 328 17.20 -7.27 -29.35
CA GLN A 328 18.28 -7.81 -28.54
C GLN A 328 19.09 -8.89 -29.27
N GLN A 329 18.45 -9.58 -30.20
CA GLN A 329 19.09 -10.69 -30.89
C GLN A 329 19.75 -10.27 -32.21
N VAL A 330 19.66 -8.99 -32.54
CA VAL A 330 20.28 -8.48 -33.76
C VAL A 330 21.79 -8.71 -33.72
N ARG A 331 22.36 -9.05 -34.87
CA ARG A 331 23.81 -9.25 -34.98
C ARG A 331 24.28 -8.88 -36.38
N PHE A 332 25.16 -7.88 -36.47
CA PHE A 332 25.65 -7.42 -37.77
C PHE A 332 26.92 -6.59 -37.65
N GLU A 333 27.56 -6.34 -38.79
CA GLU A 333 28.78 -5.54 -38.84
C GLU A 333 28.46 -4.10 -39.24
N GLY A 334 28.59 -3.18 -38.30
CA GLY A 334 28.28 -1.79 -38.55
C GLY A 334 29.50 -0.88 -38.48
N LEU A 335 29.25 0.43 -38.47
CA LEU A 335 30.32 1.42 -38.39
C LEU A 335 31.22 1.15 -37.20
N THR A 336 30.63 0.72 -36.09
CA THR A 336 31.37 0.46 -34.87
C THR A 336 31.69 -1.02 -34.70
N GLY A 337 31.97 -1.69 -35.81
CA GLY A 337 32.32 -3.10 -35.79
C GLY A 337 31.14 -4.01 -35.49
N ASN A 338 31.43 -5.19 -34.94
CA ASN A 338 30.39 -6.12 -34.53
C ASN A 338 29.43 -5.52 -33.53
N VAL A 339 28.14 -5.51 -33.89
CA VAL A 339 27.06 -4.97 -33.04
C VAL A 339 26.19 -6.11 -32.55
N GLN A 340 26.07 -6.28 -31.24
CA GLN A 340 25.38 -7.43 -30.63
C GLN A 340 25.06 -7.06 -29.18
N PHE A 341 24.02 -7.67 -28.59
CA PHE A 341 23.62 -7.35 -27.22
C PHE A 341 23.42 -8.62 -26.40
N ASN A 342 23.65 -8.50 -25.10
CA ASN A 342 23.33 -9.56 -24.17
C ASN A 342 21.91 -9.32 -23.67
N GLU A 343 21.38 -10.21 -22.88
CA GLU A 343 19.96 -10.20 -22.56
C GLU A 343 19.51 -9.01 -21.73
N LYS A 344 20.46 -8.20 -21.29
CA LYS A 344 20.20 -7.03 -20.46
C LYS A 344 20.25 -5.76 -21.27
N GLY A 345 20.57 -5.88 -22.55
CA GLY A 345 20.54 -4.77 -23.47
C GLY A 345 21.81 -3.99 -23.61
N ARG A 346 22.93 -4.53 -23.07
CA ARG A 346 24.26 -3.93 -23.22
C ARG A 346 25.03 -4.44 -24.45
N ARG A 347 25.86 -3.60 -25.04
CA ARG A 347 26.76 -4.07 -26.07
C ARG A 347 27.62 -5.22 -25.55
N THR A 348 27.77 -6.26 -26.36
CA THR A 348 28.55 -7.44 -26.02
C THR A 348 29.29 -7.87 -27.29
N ASN A 349 30.36 -8.63 -27.13
CA ASN A 349 31.14 -9.11 -28.26
C ASN A 349 31.53 -7.96 -29.21
N TYR A 350 32.05 -6.87 -28.61
CA TYR A 350 32.57 -5.69 -29.32
C TYR A 350 34.07 -5.60 -29.20
N THR A 351 34.70 -4.83 -30.09
CA THR A 351 36.15 -4.63 -30.05
C THR A 351 36.45 -3.15 -29.90
N LEU A 352 37.40 -2.82 -29.01
CA LEU A 352 37.82 -1.44 -28.83
C LEU A 352 39.24 -1.30 -29.27
N HIS A 353 39.50 -0.29 -30.11
CA HIS A 353 40.83 0.01 -30.61
C HIS A 353 41.54 0.91 -29.58
N VAL A 354 42.73 0.52 -29.18
CA VAL A 354 43.47 1.23 -28.15
C VAL A 354 44.52 2.03 -28.91
N ILE A 355 44.47 3.35 -28.74
CA ILE A 355 45.34 4.27 -29.45
C ILE A 355 46.20 5.01 -28.44
N GLU A 356 47.49 5.10 -28.75
CA GLU A 356 48.46 5.76 -27.91
C GLU A 356 49.06 6.92 -28.70
N MET A 357 48.91 8.14 -28.19
CA MET A 357 49.52 9.29 -28.84
C MET A 357 50.83 9.45 -28.09
N LYS A 358 51.94 9.42 -28.84
CA LYS A 358 53.27 9.57 -28.24
C LYS A 358 54.26 10.17 -29.24
N HIS A 359 55.20 10.99 -28.78
CA HIS A 359 56.26 11.52 -29.65
C HIS A 359 55.81 12.19 -30.96
N ASP A 360 54.81 13.05 -30.88
CA ASP A 360 54.33 13.77 -32.07
C ASP A 360 53.65 12.78 -32.99
N GLY A 361 53.31 11.60 -32.45
CA GLY A 361 52.64 10.58 -33.22
C GLY A 361 51.53 9.86 -32.47
N ILE A 362 50.46 9.52 -33.18
CA ILE A 362 49.35 8.77 -32.61
C ILE A 362 49.30 7.43 -33.38
N ARG A 363 49.32 6.32 -32.65
CA ARG A 363 49.38 4.99 -33.24
C ARG A 363 48.53 3.98 -32.47
N LYS A 364 47.95 3.01 -33.17
CA LYS A 364 47.17 1.97 -32.51
C LYS A 364 48.15 1.02 -31.83
N ILE A 365 47.91 0.73 -30.56
CA ILE A 365 48.86 -0.07 -29.77
C ILE A 365 48.26 -1.43 -29.41
N GLY A 366 47.11 -1.73 -30.00
CA GLY A 366 46.40 -2.97 -29.69
C GLY A 366 44.91 -2.74 -29.66
N TYR A 367 44.19 -3.72 -29.14
CA TYR A 367 42.74 -3.63 -29.03
C TYR A 367 42.24 -4.42 -27.82
N TRP A 368 40.99 -4.22 -27.48
CA TRP A 368 40.41 -4.84 -26.29
C TRP A 368 39.02 -5.39 -26.57
N ASN A 369 38.76 -6.60 -26.07
CA ASN A 369 37.42 -7.17 -26.10
C ASN A 369 37.16 -7.92 -24.79
N GLU A 370 35.93 -8.28 -24.53
CA GLU A 370 35.60 -8.89 -23.28
C GLU A 370 36.36 -10.16 -23.04
N ASP A 371 36.36 -11.08 -23.99
CA ASP A 371 37.05 -12.36 -23.80
C ASP A 371 38.57 -12.40 -23.76
N ASP A 372 39.21 -11.73 -24.72
CA ASP A 372 40.67 -11.78 -24.81
C ASP A 372 41.27 -10.66 -24.02
N LYS A 373 40.41 -9.75 -23.60
CA LYS A 373 40.85 -8.54 -22.96
C LYS A 373 41.70 -7.85 -23.98
N PHE A 374 42.90 -7.54 -23.56
CA PHE A 374 43.74 -6.76 -24.41
C PHE A 374 44.90 -7.45 -25.00
N VAL A 375 44.98 -7.30 -26.30
CA VAL A 375 46.05 -7.92 -27.02
C VAL A 375 46.86 -6.83 -27.71
N PRO A 376 48.14 -6.82 -27.38
CA PRO A 376 49.07 -5.86 -27.97
C PRO A 376 49.25 -6.16 -29.44
N ALA A 377 49.37 -5.10 -30.21
CA ALA A 377 49.56 -5.22 -31.63
C ALA A 377 50.95 -5.71 -31.91
N ALA A 378 51.19 -6.16 -33.12
CA ALA A 378 52.50 -6.64 -33.49
C ALA A 378 53.43 -5.45 -33.27
N LEU A 379 52.92 -4.28 -33.63
CA LEU A 379 53.59 -3.00 -33.44
C LEU A 379 53.64 -2.23 -34.73
N ALA B 6 -11.70 25.61 30.58
CA ALA B 6 -12.81 26.13 29.71
C ALA B 6 -13.69 25.03 29.12
N MET B 7 -14.99 25.29 29.13
CA MET B 7 -15.99 24.44 28.48
C MET B 7 -16.99 25.37 27.76
N PRO B 8 -17.32 25.06 26.49
CA PRO B 8 -18.26 25.96 25.82
C PRO B 8 -19.60 25.90 26.56
N ASN B 9 -20.44 26.92 26.40
CA ASN B 9 -21.74 26.89 27.06
C ASN B 9 -22.71 25.78 26.55
N ASN B 10 -22.51 25.34 25.31
CA ASN B 10 -23.43 24.48 24.60
C ASN B 10 -22.68 23.29 24.06
N ILE B 11 -23.11 22.08 24.37
CA ILE B 11 -22.47 20.90 23.82
C ILE B 11 -23.42 20.34 22.78
N GLN B 12 -23.04 20.53 21.52
CA GLN B 12 -23.77 19.97 20.35
C GLN B 12 -23.69 18.46 20.38
N ILE B 13 -24.84 17.81 20.22
CA ILE B 13 -24.97 16.35 20.24
C ILE B 13 -25.72 15.88 19.00
N GLY B 14 -25.14 14.93 18.32
CA GLY B 14 -25.76 14.41 17.15
C GLY B 14 -26.72 13.29 17.49
N GLY B 15 -27.64 13.07 16.55
CA GLY B 15 -28.66 12.07 16.72
C GLY B 15 -28.95 11.35 15.43
N LEU B 16 -28.96 10.04 15.51
CA LEU B 16 -29.26 9.23 14.36
C LEU B 16 -30.49 8.43 14.77
N PHE B 17 -31.68 8.92 14.42
CA PHE B 17 -32.97 8.30 14.74
C PHE B 17 -33.70 7.74 13.52
N PRO B 18 -34.41 6.62 13.66
CA PRO B 18 -35.11 6.10 12.48
C PRO B 18 -36.41 6.82 12.15
N ASN B 19 -37.12 7.26 13.16
CA ASN B 19 -38.45 7.76 12.91
C ASN B 19 -38.61 9.20 13.28
N GLN B 20 -39.56 9.84 12.65
CA GLN B 20 -39.75 11.26 12.85
C GLN B 20 -40.04 11.46 14.34
N GLN B 21 -40.86 10.58 14.92
CA GLN B 21 -41.33 10.71 16.31
C GLN B 21 -41.80 9.40 17.00
N SER B 22 -41.13 8.94 18.06
CA SER B 22 -41.54 7.70 18.75
C SER B 22 -41.44 7.87 20.25
N GLN B 23 -41.75 6.81 20.99
CA GLN B 23 -41.65 6.87 22.45
C GLN B 23 -40.19 7.17 22.87
N GLU B 24 -39.21 6.57 22.19
CA GLU B 24 -37.81 6.80 22.51
C GLU B 24 -37.48 8.27 22.29
N HIS B 25 -38.05 8.83 21.23
CA HIS B 25 -37.86 10.23 20.93
C HIS B 25 -38.42 11.11 22.08
N ALA B 26 -39.60 10.73 22.60
CA ALA B 26 -40.15 11.35 23.80
C ALA B 26 -39.26 11.20 25.04
N ALA B 27 -38.65 10.01 25.23
CA ALA B 27 -37.72 9.79 26.36
C ALA B 27 -36.50 10.69 26.27
N PHE B 28 -35.99 10.83 25.04
CA PHE B 28 -34.90 11.73 24.73
C PHE B 28 -35.26 13.21 25.06
N ARG B 29 -36.33 13.75 24.47
CA ARG B 29 -36.74 15.15 24.67
C ARG B 29 -36.93 15.44 26.17
N PHE B 30 -37.54 14.48 26.87
CA PHE B 30 -37.89 14.64 28.28
C PHE B 30 -36.69 14.57 29.19
N ALA B 31 -35.73 13.67 28.94
CA ALA B 31 -34.50 13.66 29.75
C ALA B 31 -33.74 14.93 29.54
N LEU B 32 -33.77 15.48 28.33
CA LEU B 32 -33.09 16.73 28.09
C LEU B 32 -33.71 17.87 28.90
N SER B 33 -35.01 17.78 29.15
CA SER B 33 -35.78 18.86 29.76
C SER B 33 -35.47 19.04 31.22
N GLN B 34 -34.92 17.97 31.81
CA GLN B 34 -34.55 17.85 33.22
C GLN B 34 -33.09 18.20 33.55
N LEU B 35 -32.31 18.64 32.58
CA LEU B 35 -30.94 18.99 32.88
C LEU B 35 -30.87 20.49 33.01
N THR B 36 -30.51 20.94 34.21
CA THR B 36 -30.34 22.37 34.45
C THR B 36 -28.88 22.86 34.39
N GLU B 37 -27.91 21.96 34.57
CA GLU B 37 -26.53 22.39 34.79
C GLU B 37 -25.82 22.63 33.48
N PRO B 38 -25.01 23.69 33.39
CA PRO B 38 -24.14 23.73 32.20
C PRO B 38 -23.08 22.61 32.28
N PRO B 39 -22.48 22.26 31.13
CA PRO B 39 -22.80 22.78 29.82
C PRO B 39 -24.07 22.11 29.37
N LYS B 40 -24.92 22.86 28.67
CA LYS B 40 -26.18 22.37 28.18
C LYS B 40 -25.95 21.54 26.92
N LEU B 41 -26.65 20.43 26.85
CA LEU B 41 -26.61 19.54 25.72
C LEU B 41 -27.60 20.05 24.73
N LEU B 42 -27.11 20.44 23.56
CA LEU B 42 -27.93 20.96 22.48
C LEU B 42 -28.03 19.83 21.47
N PRO B 43 -29.23 19.25 21.29
CA PRO B 43 -29.35 18.16 20.32
C PRO B 43 -29.59 18.66 18.91
N GLN B 44 -29.06 17.94 17.95
CA GLN B 44 -29.36 18.16 16.55
C GLN B 44 -29.58 16.80 15.95
N ILE B 45 -30.76 16.25 16.06
CA ILE B 45 -30.85 14.94 15.57
C ILE B 45 -31.25 14.92 14.11
N ASP B 46 -30.96 13.79 13.47
CA ASP B 46 -31.38 13.60 12.10
C ASP B 46 -32.20 12.31 11.98
N ILE B 47 -33.24 12.39 11.17
CA ILE B 47 -34.00 11.19 10.85
C ILE B 47 -33.23 10.54 9.69
N VAL B 48 -32.85 9.29 9.90
CA VAL B 48 -32.04 8.56 8.96
C VAL B 48 -32.54 7.12 8.88
N ASN B 49 -32.36 6.48 7.74
CA ASN B 49 -32.59 5.05 7.65
C ASN B 49 -31.39 4.35 8.27
N ILE B 50 -31.60 3.74 9.40
CA ILE B 50 -30.50 3.14 10.17
C ILE B 50 -30.03 1.82 9.59
N SER B 51 -30.75 1.28 8.63
CA SER B 51 -30.32 0.05 7.93
C SER B 51 -29.40 0.34 6.77
N ASP B 52 -29.27 1.61 6.38
CA ASP B 52 -28.51 1.93 5.18
C ASP B 52 -27.14 2.58 5.44
N SER B 53 -26.05 1.97 4.97
CA SER B 53 -24.71 2.43 5.39
C SER B 53 -24.37 3.80 4.82
N PHE B 54 -24.76 3.98 3.57
CA PHE B 54 -24.55 5.22 2.88
C PHE B 54 -25.20 6.44 3.53
N GLU B 55 -26.49 6.31 3.87
CA GLU B 55 -27.20 7.36 4.57
C GLU B 55 -26.61 7.63 5.95
N MET B 56 -26.27 6.56 6.69
CA MET B 56 -25.67 6.73 8.01
C MET B 56 -24.31 7.42 7.88
N THR B 57 -23.57 7.03 6.86
CA THR B 57 -22.28 7.64 6.58
C THR B 57 -22.47 9.12 6.25
N TYR B 58 -23.50 9.45 5.49
CA TYR B 58 -23.69 10.85 5.15
C TYR B 58 -23.98 11.67 6.40
N ARG B 59 -24.86 11.15 7.24
CA ARG B 59 -25.26 11.80 8.48
C ARG B 59 -24.14 11.90 9.49
N PHE B 60 -23.41 10.81 9.66
CA PHE B 60 -22.34 10.79 10.65
C PHE B 60 -21.28 11.81 10.26
N CYS B 61 -20.94 11.82 8.97
CA CYS B 61 -19.99 12.76 8.43
C CYS B 61 -20.49 14.20 8.51
N SER B 62 -21.77 14.42 8.18
CA SER B 62 -22.37 15.75 8.24
C SER B 62 -22.42 16.33 9.64
N GLN B 63 -22.81 15.48 10.58
CA GLN B 63 -22.81 15.82 11.98
C GLN B 63 -21.40 16.06 12.52
N PHE B 64 -20.45 15.24 12.08
CA PHE B 64 -19.05 15.38 12.51
C PHE B 64 -18.45 16.72 12.09
N SER B 65 -18.76 17.13 10.85
CA SER B 65 -18.39 18.45 10.30
C SER B 65 -19.04 19.70 10.94
N LYS B 66 -20.30 19.61 11.34
CA LYS B 66 -20.97 20.74 12.00
C LYS B 66 -20.44 20.95 13.41
N GLY B 67 -19.78 19.91 13.92
CA GLY B 67 -19.01 20.02 15.15
C GLY B 67 -19.53 19.31 16.40
N VAL B 68 -20.47 18.39 16.24
CA VAL B 68 -21.02 17.67 17.39
C VAL B 68 -19.90 17.05 18.23
N TYR B 69 -20.17 16.82 19.51
CA TYR B 69 -19.12 16.27 20.40
C TYR B 69 -19.39 14.83 20.62
N ALA B 70 -20.55 14.36 20.21
CA ALA B 70 -20.91 12.98 20.44
C ALA B 70 -22.19 12.77 19.71
N ILE B 71 -22.52 11.50 19.51
CA ILE B 71 -23.64 11.14 18.73
C ILE B 71 -24.47 10.09 19.46
N PHE B 72 -25.77 10.30 19.42
CA PHE B 72 -26.68 9.43 20.10
C PHE B 72 -27.51 8.80 19.04
N GLY B 73 -27.75 7.51 19.12
CA GLY B 73 -28.75 7.00 18.20
C GLY B 73 -28.84 5.51 18.11
N PHE B 74 -29.34 5.05 16.97
CA PHE B 74 -29.70 3.64 16.81
C PHE B 74 -29.02 3.09 15.59
N TYR B 75 -28.57 1.84 15.67
CA TYR B 75 -28.09 1.15 14.47
C TYR B 75 -28.71 -0.21 14.36
N GLU B 76 -28.40 -0.93 13.31
CA GLU B 76 -28.84 -2.31 13.15
C GLU B 76 -27.77 -3.10 12.42
N ARG B 77 -27.97 -4.41 12.29
CA ARG B 77 -26.95 -5.28 11.75
C ARG B 77 -26.24 -4.73 10.50
N ARG B 78 -27.00 -4.13 9.60
CA ARG B 78 -26.45 -3.69 8.33
C ARG B 78 -25.56 -2.44 8.42
N THR B 79 -25.56 -1.78 9.58
CA THR B 79 -24.82 -0.54 9.72
C THR B 79 -23.83 -0.53 10.89
N VAL B 80 -23.78 -1.61 11.65
CA VAL B 80 -22.91 -1.66 12.83
C VAL B 80 -21.43 -1.56 12.48
N ASN B 81 -21.03 -2.20 11.38
CA ASN B 81 -19.64 -2.14 10.93
C ASN B 81 -19.26 -0.73 10.50
N MET B 82 -20.24 0.00 10.00
CA MET B 82 -20.03 1.39 9.61
C MET B 82 -19.83 2.25 10.84
N LEU B 83 -20.63 2.02 11.87
CA LEU B 83 -20.56 2.84 13.07
C LEU B 83 -19.34 2.57 13.94
N THR B 84 -18.99 1.30 14.06
CA THR B 84 -17.78 0.91 14.77
C THR B 84 -16.55 1.48 14.07
N SER B 85 -16.49 1.33 12.76
CA SER B 85 -15.33 1.76 11.98
C SER B 85 -15.15 3.28 12.00
N PHE B 86 -16.23 4.01 11.75
CA PHE B 86 -16.17 5.47 11.70
C PHE B 86 -15.90 6.07 13.08
N CYS B 87 -16.40 5.43 14.12
CA CYS B 87 -16.17 5.87 15.48
C CYS B 87 -14.72 5.64 15.88
N GLY B 88 -14.16 4.52 15.44
CA GLY B 88 -12.78 4.18 15.73
C GLY B 88 -11.82 5.10 15.00
N ALA B 89 -12.10 5.33 13.71
CA ALA B 89 -11.23 6.15 12.88
C ALA B 89 -11.19 7.61 13.33
N LEU B 90 -12.33 8.15 13.74
CA LEU B 90 -12.45 9.57 14.06
C LEU B 90 -12.45 9.91 15.55
N HIS B 91 -12.60 8.90 16.39
CA HIS B 91 -12.60 9.10 17.84
C HIS B 91 -13.82 9.90 18.29
N VAL B 92 -14.94 9.68 17.61
CA VAL B 92 -16.22 10.23 18.03
C VAL B 92 -17.02 9.12 18.67
N CYS B 93 -17.71 9.43 19.76
CA CYS B 93 -18.47 8.40 20.47
C CYS B 93 -19.90 8.30 20.01
N PHE B 94 -20.35 7.06 19.83
CA PHE B 94 -21.72 6.77 19.47
C PHE B 94 -22.37 6.11 20.68
N ILE B 95 -23.35 6.78 21.26
CA ILE B 95 -24.05 6.26 22.43
C ILE B 95 -25.38 5.68 22.00
N THR B 96 -25.61 4.42 22.29
CA THR B 96 -26.82 3.77 21.77
C THR B 96 -27.47 2.74 22.70
N PRO B 97 -28.79 2.58 22.57
CA PRO B 97 -29.54 1.59 23.33
C PRO B 97 -29.86 0.38 22.47
N SER B 98 -29.29 0.34 21.27
CA SER B 98 -29.51 -0.77 20.34
C SER B 98 -28.82 -2.05 20.81
N PHE B 99 -29.17 -3.16 20.18
CA PHE B 99 -28.57 -4.45 20.51
C PHE B 99 -27.05 -4.35 20.46
N PRO B 100 -26.40 -4.92 21.47
CA PRO B 100 -24.94 -4.84 21.60
C PRO B 100 -24.19 -5.77 20.64
N VAL B 101 -22.97 -5.37 20.28
CA VAL B 101 -22.12 -6.18 19.41
C VAL B 101 -20.91 -6.73 20.18
N ASP B 102 -20.64 -8.03 20.03
CA ASP B 102 -19.49 -8.63 20.71
C ASP B 102 -18.21 -7.91 20.33
N THR B 103 -18.09 -7.57 19.05
CA THR B 103 -16.94 -6.83 18.58
C THR B 103 -17.30 -5.39 18.22
N SER B 104 -16.65 -4.46 18.89
CA SER B 104 -16.78 -3.05 18.63
C SER B 104 -15.50 -2.42 19.15
N ASN B 105 -15.47 -1.09 19.23
CA ASN B 105 -14.34 -0.42 19.87
C ASN B 105 -14.80 0.34 21.10
N GLN B 106 -13.87 1.00 21.78
CA GLN B 106 -14.19 1.73 23.00
C GLN B 106 -15.01 2.99 22.73
N PHE B 107 -15.20 3.31 21.46
CA PHE B 107 -15.87 4.55 21.08
C PHE B 107 -17.37 4.36 20.84
N VAL B 108 -17.83 3.13 21.02
CA VAL B 108 -19.25 2.84 20.95
C VAL B 108 -19.71 2.56 22.38
N LEU B 109 -20.65 3.36 22.86
CA LEU B 109 -21.15 3.18 24.20
C LEU B 109 -22.51 2.51 24.18
N GLN B 110 -22.54 1.27 24.66
CA GLN B 110 -23.74 0.47 24.61
C GLN B 110 -24.51 0.48 25.90
N LEU B 111 -25.62 1.19 25.88
CA LEU B 111 -26.46 1.33 27.06
C LEU B 111 -27.13 0.02 27.43
N ARG B 112 -27.40 -0.84 26.45
CA ARG B 112 -28.12 -2.07 26.72
C ARG B 112 -27.24 -3.22 27.21
N PRO B 113 -27.61 -3.76 28.36
CA PRO B 113 -26.87 -4.87 28.99
C PRO B 113 -26.89 -6.13 28.14
N GLU B 114 -25.74 -6.79 28.02
CA GLU B 114 -25.65 -8.02 27.25
C GLU B 114 -26.46 -9.01 28.06
N LEU B 115 -26.97 -10.01 27.37
CA LEU B 115 -27.87 -10.96 28.01
C LEU B 115 -27.58 -12.45 27.81
N GLN B 116 -26.60 -12.77 26.97
CA GLN B 116 -26.38 -14.16 26.61
C GLN B 116 -26.04 -15.00 27.83
N GLU B 117 -25.21 -14.46 28.73
CA GLU B 117 -24.90 -15.17 29.96
C GLU B 117 -26.12 -15.42 30.85
N ALA B 118 -26.98 -14.41 30.98
CA ALA B 118 -28.14 -14.55 31.85
C ALA B 118 -29.00 -15.66 31.30
N LEU B 119 -29.17 -15.65 30.01
CA LEU B 119 -29.94 -16.69 29.46
C LEU B 119 -29.33 -18.07 29.58
N ILE B 120 -28.02 -18.16 29.34
CA ILE B 120 -27.36 -19.45 29.37
C ILE B 120 -27.51 -19.99 30.78
N SER B 121 -27.35 -19.07 31.75
CA SER B 121 -27.49 -19.38 33.16
C SER B 121 -28.90 -19.82 33.53
N ILE B 122 -29.89 -19.24 32.86
CA ILE B 122 -31.29 -19.50 33.17
C ILE B 122 -31.62 -20.90 32.67
N ILE B 123 -31.23 -21.17 31.44
CA ILE B 123 -31.39 -22.48 30.87
C ILE B 123 -30.91 -23.54 31.89
N ASP B 124 -29.71 -23.35 32.44
CA ASP B 124 -29.13 -24.29 33.40
C ASP B 124 -29.98 -24.56 34.65
N HIS B 125 -30.60 -23.51 35.20
CA HIS B 125 -31.38 -23.60 36.46
C HIS B 125 -32.52 -24.56 36.27
N TYR B 126 -33.18 -24.49 35.12
CA TYR B 126 -34.22 -25.45 34.76
C TYR B 126 -33.70 -26.85 34.44
N LYS B 127 -32.42 -26.97 34.06
CA LYS B 127 -31.86 -28.24 33.58
C LYS B 127 -32.32 -28.69 32.17
N TRP B 128 -32.48 -27.73 31.26
CA TRP B 128 -32.78 -28.01 29.84
C TRP B 128 -31.62 -28.67 29.09
N GLN B 129 -31.89 -29.71 28.32
CA GLN B 129 -30.86 -30.31 27.47
C GLN B 129 -31.18 -30.28 25.97
N THR B 130 -32.48 -30.29 25.64
CA THR B 130 -32.90 -30.15 24.25
C THR B 130 -33.97 -29.06 24.12
N PHE B 131 -33.71 -28.09 23.25
CA PHE B 131 -34.65 -27.00 23.04
C PHE B 131 -34.52 -26.29 21.69
N VAL B 132 -35.59 -25.61 21.30
CA VAL B 132 -35.58 -24.70 20.15
C VAL B 132 -35.09 -23.29 20.51
N TYR B 133 -34.27 -22.70 19.64
CA TYR B 133 -33.75 -21.34 19.89
C TYR B 133 -34.03 -20.40 18.71
N ILE B 134 -35.05 -19.57 18.87
CA ILE B 134 -35.48 -18.63 17.83
C ILE B 134 -34.93 -17.23 18.07
N TYR B 135 -34.38 -16.63 17.02
CA TYR B 135 -33.74 -15.35 17.11
C TYR B 135 -33.70 -14.56 15.84
N ASP B 136 -33.55 -13.25 15.96
CA ASP B 136 -33.37 -12.42 14.78
C ASP B 136 -31.89 -12.24 14.38
N ALA B 137 -31.65 -11.48 13.33
CA ALA B 137 -30.35 -11.41 12.66
C ALA B 137 -29.14 -10.94 13.50
N ASP B 138 -29.34 -9.96 14.37
CA ASP B 138 -28.24 -9.36 15.12
C ASP B 138 -27.48 -10.39 15.93
N ARG B 139 -28.25 -11.29 16.52
CA ARG B 139 -27.74 -12.32 17.40
C ARG B 139 -26.90 -13.43 16.77
N GLY B 140 -27.10 -13.65 15.48
CA GLY B 140 -26.31 -14.63 14.78
C GLY B 140 -24.85 -14.22 14.84
N LEU B 141 -24.62 -12.92 14.86
CA LEU B 141 -23.27 -12.35 14.84
C LEU B 141 -22.40 -12.80 16.02
N SER B 142 -22.95 -12.79 17.23
CA SER B 142 -22.19 -13.26 18.38
C SER B 142 -22.91 -14.31 19.23
N VAL B 143 -24.16 -14.01 19.57
CA VAL B 143 -24.94 -14.82 20.51
C VAL B 143 -25.18 -16.26 20.07
N LEU B 144 -25.53 -16.45 18.81
CA LEU B 144 -25.83 -17.79 18.31
C LEU B 144 -24.64 -18.74 18.36
N GLN B 145 -23.48 -18.26 17.94
CA GLN B 145 -22.27 -19.08 18.00
C GLN B 145 -21.92 -19.37 19.44
N ARG B 146 -22.25 -18.44 20.33
CA ARG B 146 -22.13 -18.68 21.76
C ARG B 146 -23.12 -19.72 22.32
N VAL B 147 -24.37 -19.68 21.87
CA VAL B 147 -25.35 -20.65 22.37
C VAL B 147 -24.87 -22.03 21.95
N LEU B 148 -24.39 -22.10 20.72
CA LEU B 148 -23.81 -23.33 20.16
C LEU B 148 -22.52 -23.75 20.87
N ASP B 149 -21.68 -22.79 21.23
CA ASP B 149 -20.41 -23.10 21.88
C ASP B 149 -20.74 -23.83 23.16
N THR B 150 -21.76 -23.34 23.84
CA THR B 150 -22.21 -23.94 25.08
C THR B 150 -22.76 -25.30 24.97
N ALA B 151 -23.55 -25.42 23.93
CA ALA B 151 -24.24 -26.66 23.61
C ALA B 151 -23.25 -27.81 23.48
N ALA B 152 -22.19 -27.55 22.71
CA ALA B 152 -21.16 -28.53 22.41
C ALA B 152 -20.45 -29.02 23.67
N GLU B 153 -20.15 -28.09 24.57
CA GLU B 153 -19.53 -28.38 25.86
C GLU B 153 -20.44 -29.18 26.81
N LYS B 154 -21.75 -28.95 26.73
CA LYS B 154 -22.72 -29.55 27.66
C LYS B 154 -23.59 -30.60 27.02
N ASN B 155 -23.28 -30.95 25.77
CA ASN B 155 -24.05 -31.92 24.99
C ASN B 155 -25.54 -31.57 24.95
N TRP B 156 -25.83 -30.30 24.74
CA TRP B 156 -27.20 -29.85 24.49
C TRP B 156 -27.49 -30.12 23.05
N GLN B 157 -28.78 -30.17 22.70
CA GLN B 157 -29.19 -30.23 21.31
C GLN B 157 -30.14 -29.10 20.98
N VAL B 158 -29.66 -28.22 20.14
CA VAL B 158 -30.35 -26.97 19.89
C VAL B 158 -30.81 -26.91 18.45
N THR B 159 -32.06 -26.50 18.28
CA THR B 159 -32.62 -26.25 16.98
C THR B 159 -32.62 -24.73 16.80
N ALA B 160 -31.68 -24.23 16.01
CA ALA B 160 -31.54 -22.80 15.79
C ALA B 160 -32.43 -22.32 14.66
N VAL B 161 -33.32 -21.39 14.97
CA VAL B 161 -34.32 -20.91 14.02
C VAL B 161 -34.25 -19.40 13.86
N ASN B 162 -33.79 -18.96 12.69
CA ASN B 162 -33.65 -17.53 12.41
C ASN B 162 -34.98 -16.88 12.04
N ILE B 163 -35.32 -15.82 12.77
CA ILE B 163 -36.56 -15.08 12.50
C ILE B 163 -36.56 -14.56 11.07
N LEU B 164 -35.37 -14.25 10.55
CA LEU B 164 -35.24 -13.67 9.22
C LEU B 164 -35.70 -14.54 8.08
N THR B 165 -35.48 -15.83 8.22
CA THR B 165 -35.73 -16.75 7.12
C THR B 165 -36.95 -17.64 7.31
N THR B 166 -37.23 -18.03 8.55
CA THR B 166 -38.38 -18.89 8.80
C THR B 166 -39.68 -18.11 8.66
N THR B 167 -40.64 -18.70 7.94
CA THR B 167 -41.96 -18.08 7.78
C THR B 167 -43.04 -18.99 8.37
N GLU B 168 -44.27 -18.46 8.42
CA GLU B 168 -45.39 -19.11 9.09
C GLU B 168 -45.49 -20.63 8.93
N GLU B 169 -45.42 -21.12 7.70
CA GLU B 169 -45.52 -22.56 7.46
C GLU B 169 -44.40 -23.30 8.19
N GLY B 170 -43.21 -22.70 8.16
CA GLY B 170 -42.05 -23.25 8.83
C GLY B 170 -42.23 -23.33 10.33
N TYR B 171 -42.83 -22.29 10.90
CA TYR B 171 -43.10 -22.26 12.33
C TYR B 171 -44.07 -23.39 12.66
N ARG B 172 -45.03 -23.59 11.77
CA ARG B 172 -46.04 -24.63 11.93
C ARG B 172 -45.39 -26.02 11.93
N MET B 173 -44.43 -26.21 11.05
CA MET B 173 -43.70 -27.49 10.96
C MET B 173 -42.91 -27.76 12.23
N LEU B 174 -42.28 -26.71 12.74
CA LEU B 174 -41.45 -26.80 13.93
C LEU B 174 -42.28 -27.18 15.16
N PHE B 175 -43.43 -26.53 15.27
CA PHE B 175 -44.40 -26.81 16.32
C PHE B 175 -45.07 -28.17 16.10
N GLN B 176 -45.26 -28.56 14.85
CA GLN B 176 -45.82 -29.87 14.56
C GLN B 176 -44.85 -30.93 15.08
N ASP B 177 -43.57 -30.72 14.81
CA ASP B 177 -42.50 -31.57 15.32
C ASP B 177 -42.31 -31.48 16.83
N LEU B 178 -42.46 -30.27 17.38
CA LEU B 178 -42.25 -30.04 18.80
C LEU B 178 -43.23 -30.84 19.66
N GLU B 179 -44.48 -30.89 19.22
CA GLU B 179 -45.52 -31.62 19.92
C GLU B 179 -45.25 -33.11 19.94
N LYS B 180 -44.59 -33.61 18.90
CA LYS B 180 -44.33 -35.04 18.75
C LYS B 180 -43.51 -35.61 19.91
N LYS B 181 -42.51 -34.87 20.38
CA LYS B 181 -41.75 -35.30 21.55
C LYS B 181 -42.21 -34.49 22.76
N LYS B 182 -43.01 -35.10 23.63
CA LYS B 182 -43.51 -34.42 24.82
C LYS B 182 -44.11 -33.11 24.33
N GLU B 183 -43.84 -32.05 25.10
CA GLU B 183 -44.02 -30.68 24.68
C GLU B 183 -42.65 -30.07 24.96
N ARG B 184 -42.07 -29.43 23.96
CA ARG B 184 -40.71 -28.91 24.04
C ARG B 184 -40.48 -27.60 24.81
N LEU B 185 -39.21 -27.30 25.01
CA LEU B 185 -38.76 -26.07 25.66
C LEU B 185 -38.12 -25.19 24.58
N VAL B 186 -38.42 -23.89 24.62
CA VAL B 186 -37.94 -23.00 23.58
C VAL B 186 -37.31 -21.71 24.07
N VAL B 187 -36.44 -21.13 23.23
CA VAL B 187 -35.86 -19.84 23.51
C VAL B 187 -36.22 -18.84 22.40
N VAL B 188 -36.90 -17.73 22.76
CA VAL B 188 -37.22 -16.67 21.77
C VAL B 188 -36.34 -15.47 22.13
N ASP B 189 -35.38 -15.18 21.27
CA ASP B 189 -34.37 -14.16 21.53
C ASP B 189 -34.50 -13.05 20.49
N CYS B 190 -35.25 -12.02 20.81
CA CYS B 190 -35.48 -10.93 19.86
C CYS B 190 -36.00 -9.58 20.39
N GLU B 191 -36.09 -8.62 19.49
CA GLU B 191 -36.58 -7.29 19.79
C GLU B 191 -38.09 -7.34 20.02
N SER B 192 -38.61 -6.30 20.63
CA SER B 192 -39.96 -6.29 21.19
C SER B 192 -41.08 -6.34 20.17
N GLU B 193 -40.93 -5.64 19.04
CA GLU B 193 -42.00 -5.65 18.03
C GLU B 193 -42.24 -7.07 17.58
N ARG B 194 -41.16 -7.71 17.10
CA ARG B 194 -41.14 -9.08 16.55
C ARG B 194 -41.50 -10.18 17.54
N LEU B 195 -41.04 -10.03 18.77
CA LEU B 195 -41.45 -10.87 19.87
C LEU B 195 -42.99 -10.95 19.96
N ASN B 196 -43.66 -9.82 19.83
CA ASN B 196 -45.12 -9.80 19.87
C ASN B 196 -45.73 -10.57 18.72
N ALA B 197 -45.13 -10.44 17.55
CA ALA B 197 -45.59 -11.17 16.36
C ALA B 197 -45.38 -12.67 16.56
N ILE B 198 -44.21 -13.03 17.07
CA ILE B 198 -43.88 -14.43 17.31
C ILE B 198 -44.83 -15.05 18.34
N LEU B 199 -45.25 -14.24 19.31
CA LEU B 199 -46.15 -14.71 20.35
C LEU B 199 -47.57 -14.85 19.79
N GLY B 200 -47.85 -14.11 18.73
CA GLY B 200 -49.14 -14.21 18.05
C GLY B 200 -49.20 -15.46 17.20
N GLN B 201 -48.09 -15.76 16.53
CA GLN B 201 -47.98 -16.96 15.72
C GLN B 201 -48.09 -18.19 16.64
N ILE B 202 -47.60 -18.07 17.86
CA ILE B 202 -47.61 -19.19 18.82
C ILE B 202 -49.02 -19.55 19.30
N VAL B 203 -49.79 -18.55 19.69
CA VAL B 203 -51.16 -18.80 20.14
C VAL B 203 -52.00 -19.33 18.98
N LYS B 204 -51.81 -18.76 17.80
CA LYS B 204 -52.44 -19.28 16.60
C LYS B 204 -51.94 -20.70 16.41
N LEU B 205 -50.63 -20.88 16.64
CA LEU B 205 -50.04 -22.21 16.66
C LEU B 205 -50.65 -22.97 17.83
N GLU B 206 -51.62 -22.32 18.48
CA GLU B 206 -52.36 -22.91 19.59
C GLU B 206 -51.47 -23.67 20.56
N LYS B 207 -50.34 -23.09 20.91
CA LYS B 207 -49.41 -23.73 21.82
C LYS B 207 -49.24 -22.94 23.11
N ASN B 208 -50.14 -21.98 23.34
CA ASN B 208 -50.17 -21.29 24.61
C ASN B 208 -50.80 -22.25 25.65
N GLY B 209 -50.21 -23.44 25.82
CA GLY B 209 -50.83 -24.44 26.67
C GLY B 209 -49.94 -25.43 27.39
N ILE B 210 -50.57 -26.50 27.87
CA ILE B 210 -49.93 -27.53 28.68
C ILE B 210 -48.64 -28.08 28.07
N GLY B 211 -47.60 -28.15 28.90
CA GLY B 211 -46.34 -28.74 28.49
C GLY B 211 -45.41 -27.81 27.74
N TYR B 212 -45.86 -26.58 27.50
CA TYR B 212 -45.06 -25.63 26.73
C TYR B 212 -44.34 -24.60 27.61
N HIS B 213 -43.02 -24.65 27.56
CA HIS B 213 -42.19 -23.73 28.32
C HIS B 213 -41.40 -22.82 27.38
N TYR B 214 -41.60 -21.52 27.51
CA TYR B 214 -40.88 -20.56 26.71
C TYR B 214 -40.07 -19.61 27.57
N ILE B 215 -38.79 -19.43 27.24
CA ILE B 215 -37.98 -18.41 27.89
C ILE B 215 -37.77 -17.26 26.91
N LEU B 216 -38.20 -16.07 27.30
CA LEU B 216 -38.09 -14.90 26.43
C LEU B 216 -36.84 -14.08 26.70
N ALA B 217 -35.88 -14.12 25.78
CA ALA B 217 -34.67 -13.32 25.93
C ALA B 217 -34.97 -11.87 25.51
N ASN B 218 -35.57 -11.13 26.42
CA ASN B 218 -35.92 -9.73 26.23
C ASN B 218 -35.87 -9.06 27.59
N LEU B 219 -35.71 -7.74 27.61
CA LEU B 219 -35.50 -7.01 28.85
C LEU B 219 -36.77 -6.31 29.36
N GLY B 220 -37.78 -6.23 28.50
CA GLY B 220 -39.03 -5.59 28.88
C GLY B 220 -40.14 -6.60 29.05
N PHE B 221 -40.01 -7.49 30.03
CA PHE B 221 -40.96 -8.58 30.21
C PHE B 221 -42.38 -8.08 30.44
N MET B 222 -42.57 -7.31 31.50
CA MET B 222 -43.88 -6.77 31.82
C MET B 222 -44.29 -5.76 30.75
N ASP B 223 -43.60 -5.78 29.62
CA ASP B 223 -43.78 -4.72 28.63
C ASP B 223 -44.99 -4.65 27.71
N ILE B 224 -45.28 -5.69 26.92
CA ILE B 224 -46.35 -5.58 25.92
C ILE B 224 -47.37 -6.72 25.78
N ASP B 225 -47.27 -7.75 26.62
CA ASP B 225 -48.24 -8.84 26.53
C ASP B 225 -48.84 -9.24 27.89
N LEU B 226 -49.95 -8.61 28.24
CA LEU B 226 -50.63 -8.92 29.51
C LEU B 226 -52.07 -9.33 29.24
N ASN B 227 -52.27 -10.28 28.34
CA ASN B 227 -53.63 -10.69 27.98
C ASN B 227 -53.85 -12.18 27.72
N LYS B 228 -53.31 -12.67 26.62
CA LYS B 228 -53.66 -13.99 26.08
C LYS B 228 -52.92 -15.21 26.62
N PHE B 229 -52.06 -15.03 27.63
CA PHE B 229 -51.23 -16.13 28.10
C PHE B 229 -51.42 -16.51 29.57
N LYS B 230 -52.10 -15.65 30.33
CA LYS B 230 -52.18 -15.79 31.78
C LYS B 230 -52.88 -17.06 32.30
N GLU B 231 -53.99 -17.42 31.69
CA GLU B 231 -54.76 -18.58 32.15
C GLU B 231 -54.84 -19.66 31.07
N SER B 232 -53.79 -19.78 30.28
CA SER B 232 -53.73 -20.78 29.22
C SER B 232 -53.16 -22.09 29.73
N GLY B 233 -52.00 -22.02 30.38
CA GLY B 233 -51.34 -23.19 30.92
C GLY B 233 -49.86 -23.22 30.64
N ALA B 234 -49.38 -22.28 29.84
CA ALA B 234 -47.98 -22.22 29.47
C ALA B 234 -47.13 -21.56 30.56
N ASN B 235 -45.92 -22.09 30.76
CA ASN B 235 -44.98 -21.52 31.71
C ASN B 235 -43.99 -20.62 30.98
N VAL B 236 -44.08 -19.32 31.23
CA VAL B 236 -43.26 -18.35 30.52
C VAL B 236 -42.25 -17.65 31.42
N THR B 237 -41.00 -17.60 30.97
CA THR B 237 -39.95 -16.92 31.70
C THR B 237 -39.38 -15.77 30.86
N GLY B 238 -39.04 -14.66 31.52
CA GLY B 238 -38.49 -13.50 30.85
C GLY B 238 -37.57 -12.72 31.75
N PHE B 239 -37.05 -11.61 31.23
CA PHE B 239 -36.15 -10.76 32.02
C PHE B 239 -36.69 -9.34 32.12
N GLN B 240 -36.46 -8.72 33.27
CA GLN B 240 -36.86 -7.34 33.47
C GLN B 240 -35.67 -6.51 33.93
N LEU B 241 -35.46 -5.37 33.28
CA LEU B 241 -34.38 -4.48 33.65
C LEU B 241 -34.83 -3.34 34.56
N VAL B 242 -36.03 -2.81 34.29
CA VAL B 242 -36.58 -1.72 35.07
C VAL B 242 -37.53 -2.18 36.18
N ASN B 243 -37.32 -1.68 37.40
CA ASN B 243 -38.33 -1.72 38.43
C ASN B 243 -39.05 -0.39 38.54
N TYR B 244 -40.29 -0.35 38.07
CA TYR B 244 -41.08 0.88 38.02
C TYR B 244 -41.58 1.32 39.40
N THR B 245 -41.19 0.61 40.45
CA THR B 245 -41.67 0.93 41.77
C THR B 245 -40.49 1.18 42.72
N ASP B 246 -39.28 0.91 42.24
CA ASP B 246 -38.06 1.25 42.99
C ASP B 246 -37.99 2.77 43.17
N THR B 247 -37.41 3.26 44.27
CA THR B 247 -37.52 4.69 44.62
C THR B 247 -37.15 5.61 43.44
N ILE B 248 -35.87 5.60 43.03
CA ILE B 248 -35.41 6.42 41.90
C ILE B 248 -36.30 6.27 40.65
N PRO B 249 -36.49 5.05 40.16
CA PRO B 249 -37.39 4.84 39.04
C PRO B 249 -38.75 5.50 39.28
N ALA B 250 -39.35 5.24 40.43
CA ALA B 250 -40.67 5.80 40.76
C ALA B 250 -40.71 7.32 40.66
N ARG B 251 -39.69 7.98 41.20
CA ARG B 251 -39.63 9.44 41.18
C ARG B 251 -39.60 9.97 39.75
N ILE B 252 -38.74 9.37 38.92
CA ILE B 252 -38.63 9.77 37.53
C ILE B 252 -39.99 9.68 36.83
N MET B 253 -40.72 8.61 37.09
CA MET B 253 -42.02 8.38 36.46
C MET B 253 -43.02 9.45 36.82
N GLN B 254 -43.12 9.73 38.12
CA GLN B 254 -43.98 10.78 38.61
C GLN B 254 -43.68 12.07 37.85
N GLN B 255 -42.41 12.27 37.56
CA GLN B 255 -41.92 13.51 36.95
C GLN B 255 -42.53 13.78 35.58
N TRP B 256 -42.45 12.81 34.66
CA TRP B 256 -43.06 13.03 33.34
C TRP B 256 -44.51 12.55 33.24
N ARG B 257 -44.99 11.92 34.31
CA ARG B 257 -46.39 11.55 34.40
C ARG B 257 -47.18 12.83 34.63
N THR B 258 -46.78 13.59 35.63
CA THR B 258 -47.35 14.90 35.91
C THR B 258 -46.98 15.85 34.79
N SER B 259 -45.76 15.70 34.28
CA SER B 259 -45.29 16.47 33.14
C SER B 259 -46.01 16.21 31.80
N ASP B 260 -46.26 14.94 31.46
CA ASP B 260 -46.94 14.60 30.19
C ASP B 260 -48.37 15.13 30.14
N SER B 261 -49.06 14.99 31.26
CA SER B 261 -50.43 15.44 31.41
C SER B 261 -50.48 16.96 31.29
N ARG B 262 -49.36 17.60 31.61
CA ARG B 262 -49.25 19.04 31.48
C ARG B 262 -49.42 19.51 30.04
N ASP B 263 -48.77 18.82 29.11
CA ASP B 263 -48.81 19.18 27.69
C ASP B 263 -49.78 18.28 26.93
N LYS B 270 -48.66 4.39 27.40
CA LYS B 270 -48.48 5.10 28.66
C LYS B 270 -47.04 4.88 29.22
N ARG B 271 -46.91 3.90 30.13
CA ARG B 271 -45.64 3.48 30.72
C ARG B 271 -44.54 3.24 29.68
N PRO B 272 -43.31 3.64 30.03
CA PRO B 272 -42.16 3.58 29.17
C PRO B 272 -41.68 2.15 28.99
N LYS B 273 -41.46 1.78 27.73
CA LYS B 273 -40.76 0.55 27.40
C LYS B 273 -39.28 0.66 27.74
N TYR B 274 -38.63 -0.49 27.87
CA TYR B 274 -37.23 -0.54 28.29
C TYR B 274 -36.26 0.21 27.38
N THR B 275 -36.51 0.17 26.08
CA THR B 275 -35.71 0.96 25.12
C THR B 275 -35.80 2.46 25.41
N SER B 276 -36.99 2.95 25.76
CA SER B 276 -37.15 4.34 26.15
C SER B 276 -36.41 4.63 27.45
N ALA B 277 -36.40 3.66 28.35
CA ALA B 277 -35.73 3.81 29.64
C ALA B 277 -34.25 3.89 29.35
N LEU B 278 -33.80 3.05 28.42
CA LEU B 278 -32.41 3.06 27.97
C LEU B 278 -32.01 4.42 27.35
N THR B 279 -32.89 5.01 26.54
CA THR B 279 -32.70 6.31 25.95
C THR B 279 -32.65 7.46 27.00
N TYR B 280 -33.56 7.45 27.96
CA TYR B 280 -33.54 8.37 29.10
C TYR B 280 -32.18 8.29 29.86
N ASP B 281 -31.69 7.07 30.15
CA ASP B 281 -30.43 6.89 30.85
C ASP B 281 -29.20 7.35 30.00
N GLY B 282 -29.26 7.16 28.69
CA GLY B 282 -28.20 7.55 27.78
C GLY B 282 -27.98 9.05 27.70
N VAL B 283 -29.04 9.81 27.89
CA VAL B 283 -28.96 11.23 27.97
C VAL B 283 -28.22 11.65 29.23
N LYS B 284 -28.56 10.99 30.32
CA LYS B 284 -27.83 11.20 31.58
C LYS B 284 -26.37 10.79 31.52
N VAL B 285 -26.06 9.74 30.75
CA VAL B 285 -24.68 9.30 30.52
C VAL B 285 -23.92 10.44 29.90
N MET B 286 -24.47 10.96 28.81
CA MET B 286 -23.87 12.10 28.14
C MET B 286 -23.66 13.28 29.10
N ALA B 287 -24.65 13.61 29.91
CA ALA B 287 -24.57 14.77 30.81
C ALA B 287 -23.51 14.54 31.89
N GLU B 288 -23.58 13.40 32.57
CA GLU B 288 -22.57 13.01 33.57
C GLU B 288 -21.11 13.04 33.08
N ALA B 289 -20.87 12.57 31.87
CA ALA B 289 -19.58 12.69 31.20
C ALA B 289 -19.10 14.15 31.04
N PHE B 290 -19.99 15.05 30.64
CA PHE B 290 -19.51 16.39 30.44
C PHE B 290 -19.25 17.11 31.77
N GLN B 291 -20.02 16.76 32.82
CA GLN B 291 -19.80 17.25 34.18
C GLN B 291 -18.46 16.75 34.69
N SER B 292 -18.13 15.50 34.35
CA SER B 292 -16.89 14.90 34.79
C SER B 292 -15.67 15.58 34.17
N LEU B 293 -15.79 15.91 32.89
CA LEU B 293 -14.73 16.63 32.19
C LEU B 293 -14.59 18.02 32.82
N ARG B 294 -15.72 18.59 33.22
CA ARG B 294 -15.74 19.90 33.85
C ARG B 294 -15.04 19.88 35.20
N ARG B 295 -15.29 18.84 35.98
CA ARG B 295 -14.69 18.71 37.31
C ARG B 295 -13.18 18.55 37.25
N GLN B 296 -12.70 17.93 36.17
CA GLN B 296 -11.27 17.68 35.99
C GLN B 296 -10.57 18.88 35.36
N ARG B 297 -11.36 19.84 34.86
CA ARG B 297 -10.83 21.06 34.26
C ARG B 297 -10.09 20.79 32.96
N ILE B 298 -10.50 19.74 32.26
CA ILE B 298 -10.02 19.50 30.91
C ILE B 298 -10.77 20.43 29.99
N ASP B 299 -10.06 21.34 29.35
CA ASP B 299 -10.69 22.37 28.53
C ASP B 299 -11.08 21.90 27.14
N ILE B 300 -12.31 21.42 27.00
CA ILE B 300 -12.82 21.05 25.68
C ILE B 300 -13.05 22.32 24.88
N SER B 301 -12.62 22.32 23.63
CA SER B 301 -12.74 23.49 22.76
C SER B 301 -13.75 23.21 21.65
N ARG B 302 -14.18 24.28 20.97
CA ARG B 302 -15.11 24.14 19.87
C ARG B 302 -14.48 23.18 18.86
N ARG B 303 -15.30 22.52 18.05
CA ARG B 303 -14.76 21.66 17.00
C ARG B 303 -14.64 22.42 15.69
N GLY B 304 -13.46 22.35 15.08
CA GLY B 304 -13.17 23.07 13.84
C GLY B 304 -14.37 23.23 12.93
N ASN B 305 -14.63 24.47 12.52
CA ASN B 305 -15.79 24.82 11.70
C ASN B 305 -16.06 23.88 10.54
N ALA B 306 -14.98 23.45 9.90
CA ALA B 306 -15.08 22.51 8.79
C ALA B 306 -14.19 21.33 9.13
N GLY B 307 -14.83 20.21 9.43
CA GLY B 307 -14.12 18.96 9.57
C GLY B 307 -14.61 18.15 8.40
N ASP B 308 -13.79 18.05 7.36
CA ASP B 308 -14.18 17.22 6.24
C ASP B 308 -14.01 15.78 6.72
N CYS B 309 -15.02 14.97 6.49
CA CYS B 309 -15.13 13.66 7.12
C CYS B 309 -14.15 12.62 6.61
N LEU B 310 -13.98 12.57 5.30
CA LEU B 310 -13.17 11.54 4.70
C LEU B 310 -11.78 11.96 4.40
N ALA B 311 -10.86 11.12 4.84
CA ALA B 311 -9.46 11.34 4.58
C ALA B 311 -8.61 10.10 4.69
N ASN B 312 -7.40 10.12 4.13
CA ASN B 312 -6.55 8.99 4.32
C ASN B 312 -5.16 9.40 4.76
N PRO B 313 -4.74 9.06 5.95
CA PRO B 313 -5.51 8.36 6.96
C PRO B 313 -6.54 9.24 7.59
N ALA B 314 -7.46 8.63 8.30
CA ALA B 314 -8.42 9.37 9.04
C ALA B 314 -7.72 10.15 10.12
N VAL B 315 -8.08 11.41 10.27
CA VAL B 315 -7.49 12.20 11.35
C VAL B 315 -8.43 12.28 12.54
N PRO B 316 -8.06 11.58 13.61
CA PRO B 316 -8.87 11.54 14.83
C PRO B 316 -8.99 12.89 15.51
N TRP B 317 -10.15 13.16 16.08
CA TRP B 317 -10.36 14.32 16.91
C TRP B 317 -9.50 14.21 18.15
N GLY B 318 -8.55 15.12 18.31
CA GLY B 318 -7.58 15.08 19.39
C GLY B 318 -8.16 14.85 20.77
N GLN B 319 -9.28 15.50 21.06
CA GLN B 319 -9.88 15.41 22.39
C GLN B 319 -10.97 14.35 22.48
N GLY B 320 -11.10 13.55 21.41
CA GLY B 320 -12.09 12.49 21.37
C GLY B 320 -11.83 11.45 22.45
N ILE B 321 -10.55 11.25 22.80
CA ILE B 321 -10.17 10.29 23.82
C ILE B 321 -10.55 10.76 25.22
N ASP B 322 -10.69 12.06 25.38
CA ASP B 322 -11.06 12.65 26.67
C ASP B 322 -12.56 12.43 26.92
N ILE B 323 -13.37 12.77 25.93
CA ILE B 323 -14.81 12.59 26.04
C ILE B 323 -15.16 11.11 26.22
N GLN B 324 -14.40 10.23 25.54
CA GLN B 324 -14.65 8.80 25.61
C GLN B 324 -14.40 8.23 27.01
N ARG B 325 -13.35 8.70 27.66
CA ARG B 325 -13.02 8.25 29.00
C ARG B 325 -14.07 8.74 29.99
N ALA B 326 -14.53 9.96 29.79
CA ALA B 326 -15.55 10.56 30.66
C ALA B 326 -16.85 9.76 30.58
N LEU B 327 -17.23 9.36 29.37
CA LEU B 327 -18.46 8.61 29.15
C LEU B 327 -18.36 7.21 29.76
N GLN B 328 -17.19 6.58 29.58
CA GLN B 328 -16.99 5.22 30.05
C GLN B 328 -16.90 5.11 31.56
N GLN B 329 -16.32 6.11 32.19
CA GLN B 329 -16.10 6.10 33.64
C GLN B 329 -17.33 6.57 34.42
N VAL B 330 -18.42 6.82 33.71
CA VAL B 330 -19.65 7.29 34.34
C VAL B 330 -20.24 6.24 35.26
N ARG B 331 -20.67 6.67 36.45
CA ARG B 331 -21.33 5.78 37.40
C ARG B 331 -22.50 6.47 38.12
N PHE B 332 -23.72 5.96 37.95
CA PHE B 332 -24.90 6.56 38.58
C PHE B 332 -26.12 5.65 38.58
N GLU B 333 -27.16 6.06 39.32
CA GLU B 333 -28.40 5.30 39.36
C GLU B 333 -29.49 5.93 38.48
N GLY B 334 -30.04 5.10 37.59
CA GLY B 334 -30.99 5.52 36.57
C GLY B 334 -32.18 4.58 36.47
N LEU B 335 -33.12 4.87 35.56
CA LEU B 335 -34.29 4.03 35.38
C LEU B 335 -33.91 2.55 35.27
N THR B 336 -32.78 2.29 34.61
CA THR B 336 -32.34 0.92 34.36
C THR B 336 -31.31 0.43 35.38
N GLY B 337 -31.55 0.77 36.64
CA GLY B 337 -30.68 0.33 37.74
C GLY B 337 -29.35 1.08 37.76
N ASN B 338 -28.30 0.40 38.21
CA ASN B 338 -26.96 0.99 38.26
C ASN B 338 -26.38 1.08 36.85
N VAL B 339 -26.09 2.30 36.41
CA VAL B 339 -25.53 2.52 35.08
C VAL B 339 -24.01 2.67 35.16
N GLN B 340 -23.30 1.75 34.52
CA GLN B 340 -21.84 1.74 34.55
C GLN B 340 -21.29 0.99 33.34
N PHE B 341 -20.03 1.26 33.01
CA PHE B 341 -19.40 0.65 31.86
C PHE B 341 -18.01 0.16 32.15
N ASN B 342 -17.67 -0.96 31.53
CA ASN B 342 -16.31 -1.44 31.50
C ASN B 342 -15.58 -0.77 30.35
N GLU B 343 -14.34 -1.17 30.15
CA GLU B 343 -13.46 -0.49 29.23
C GLU B 343 -13.65 -0.95 27.80
N LYS B 344 -14.46 -1.97 27.58
CA LYS B 344 -14.83 -2.25 26.20
C LYS B 344 -16.01 -1.36 25.75
N GLY B 345 -16.64 -0.67 26.71
CA GLY B 345 -17.82 0.13 26.49
C GLY B 345 -19.16 -0.55 26.77
N ARG B 346 -19.14 -1.77 27.29
CA ARG B 346 -20.40 -2.49 27.53
C ARG B 346 -20.92 -2.23 28.94
N ARG B 347 -22.24 -2.29 29.13
CA ARG B 347 -22.83 -2.15 30.48
C ARG B 347 -22.19 -3.14 31.43
N THR B 348 -21.93 -2.71 32.66
CA THR B 348 -21.38 -3.61 33.62
C THR B 348 -21.92 -3.22 34.99
N ASN B 349 -21.79 -4.14 35.94
CA ASN B 349 -22.37 -4.03 37.27
C ASN B 349 -23.87 -3.71 37.25
N TYR B 350 -24.61 -4.48 36.47
CA TYR B 350 -26.06 -4.33 36.42
C TYR B 350 -26.73 -5.57 36.99
N THR B 351 -28.03 -5.44 37.28
CA THR B 351 -28.80 -6.55 37.79
C THR B 351 -30.00 -6.82 36.89
N LEU B 352 -30.12 -8.07 36.45
CA LEU B 352 -31.28 -8.47 35.66
C LEU B 352 -32.22 -9.26 36.55
N HIS B 353 -33.49 -8.86 36.58
CA HIS B 353 -34.50 -9.58 37.34
C HIS B 353 -35.09 -10.68 36.47
N VAL B 354 -35.13 -11.90 36.99
CA VAL B 354 -35.74 -13.03 36.26
C VAL B 354 -37.16 -13.26 36.75
N ILE B 355 -38.10 -13.35 35.83
CA ILE B 355 -39.50 -13.48 36.19
C ILE B 355 -40.20 -14.67 35.53
N GLU B 356 -40.86 -15.48 36.34
CA GLU B 356 -41.70 -16.56 35.85
C GLU B 356 -43.15 -16.10 35.89
N MET B 357 -43.85 -16.15 34.76
CA MET B 357 -45.27 -15.80 34.74
C MET B 357 -46.09 -17.05 35.02
N LYS B 358 -47.15 -16.92 35.82
CA LYS B 358 -47.92 -18.08 36.21
C LYS B 358 -49.32 -17.80 36.75
N HIS B 359 -50.34 -18.13 35.93
CA HIS B 359 -51.72 -18.17 36.40
C HIS B 359 -52.09 -16.91 37.15
N ASP B 360 -51.92 -15.76 36.51
CA ASP B 360 -52.14 -14.49 37.19
C ASP B 360 -51.33 -14.50 38.46
N GLY B 361 -50.23 -15.25 38.41
CA GLY B 361 -49.21 -15.25 39.43
C GLY B 361 -47.97 -14.68 38.76
N ILE B 362 -47.68 -13.42 39.06
CA ILE B 362 -46.48 -12.77 38.56
C ILE B 362 -45.44 -12.84 39.67
N ARG B 363 -44.65 -13.90 39.67
CA ARG B 363 -43.69 -14.10 40.76
C ARG B 363 -42.23 -13.93 40.36
N LYS B 364 -41.53 -13.08 41.09
CA LYS B 364 -40.13 -12.78 40.84
C LYS B 364 -39.22 -13.90 41.29
N ILE B 365 -38.84 -14.74 40.33
CA ILE B 365 -38.03 -15.91 40.60
C ILE B 365 -36.69 -15.61 41.26
N GLY B 366 -36.06 -14.52 40.84
CA GLY B 366 -34.77 -14.13 41.39
C GLY B 366 -34.08 -13.08 40.53
N TYR B 367 -32.80 -12.87 40.75
CA TYR B 367 -32.05 -11.89 39.98
C TYR B 367 -30.73 -12.43 39.41
N TRP B 368 -30.21 -11.73 38.40
CA TRP B 368 -28.95 -12.10 37.78
C TRP B 368 -27.96 -10.94 37.68
N ASN B 369 -26.70 -11.23 38.02
CA ASN B 369 -25.62 -10.25 37.91
C ASN B 369 -24.32 -10.96 37.55
N GLU B 370 -23.35 -10.22 37.03
CA GLU B 370 -22.11 -10.84 36.58
C GLU B 370 -21.33 -11.55 37.69
N ASP B 371 -21.19 -10.90 38.84
CA ASP B 371 -20.48 -11.51 39.98
C ASP B 371 -21.14 -12.70 40.68
N ASP B 372 -22.44 -12.60 40.93
CA ASP B 372 -23.18 -13.64 41.64
C ASP B 372 -23.84 -14.63 40.69
N LYS B 373 -23.73 -14.36 39.40
CA LYS B 373 -24.42 -15.18 38.43
C LYS B 373 -25.91 -15.06 38.76
N PHE B 374 -26.60 -16.18 38.95
CA PHE B 374 -28.02 -16.14 39.23
C PHE B 374 -28.35 -16.63 40.60
N VAL B 375 -29.11 -15.80 41.30
CA VAL B 375 -29.50 -16.13 42.64
C VAL B 375 -31.02 -16.17 42.74
N PRO B 376 -31.52 -17.31 43.18
CA PRO B 376 -32.96 -17.50 43.41
C PRO B 376 -33.37 -16.77 44.69
N ALA B 377 -34.64 -16.36 44.77
CA ALA B 377 -35.12 -15.69 45.97
C ALA B 377 -35.16 -16.65 47.16
N ALA C 6 -10.62 34.10 -0.51
CA ALA C 6 -10.22 33.70 0.84
C ALA C 6 -9.59 32.31 0.83
N MET C 7 -9.70 31.61 1.96
CA MET C 7 -9.07 30.31 2.12
C MET C 7 -10.08 29.19 2.35
N PRO C 8 -9.91 28.09 1.64
CA PRO C 8 -10.75 26.91 1.86
C PRO C 8 -10.64 26.46 3.31
N ASN C 9 -11.72 25.93 3.87
CA ASN C 9 -11.68 25.43 5.24
C ASN C 9 -10.86 24.16 5.32
N ASN C 10 -10.78 23.45 4.19
CA ASN C 10 -10.02 22.22 4.10
C ASN C 10 -8.96 22.27 3.01
N ILE C 11 -7.74 21.87 3.36
CA ILE C 11 -6.62 21.88 2.44
C ILE C 11 -6.14 20.47 2.20
N GLN C 12 -6.39 19.98 1.00
CA GLN C 12 -5.98 18.63 0.64
C GLN C 12 -4.47 18.56 0.46
N ILE C 13 -3.84 17.66 1.22
CA ILE C 13 -2.41 17.43 1.11
C ILE C 13 -2.21 16.02 0.59
N GLY C 14 -1.40 15.88 -0.47
CA GLY C 14 -1.17 14.56 -0.99
C GLY C 14 -0.03 13.91 -0.24
N GLY C 15 -0.02 12.58 -0.22
CA GLY C 15 1.06 11.86 0.37
C GLY C 15 1.58 10.73 -0.51
N LEU C 16 2.90 10.54 -0.51
CA LEU C 16 3.52 9.42 -1.20
C LEU C 16 4.29 8.58 -0.18
N PHE C 17 3.67 7.48 0.25
CA PHE C 17 4.19 6.65 1.32
C PHE C 17 4.52 5.24 0.79
N PRO C 18 5.63 4.67 1.24
CA PRO C 18 6.05 3.34 0.77
C PRO C 18 5.23 2.21 1.38
N ASN C 19 4.70 2.42 2.58
CA ASN C 19 4.03 1.38 3.33
C ASN C 19 2.63 1.69 3.77
N GLN C 20 1.89 0.62 4.05
CA GLN C 20 0.59 0.74 4.70
C GLN C 20 0.79 1.19 6.14
N GLN C 21 1.68 0.51 6.86
CA GLN C 21 1.84 0.74 8.28
C GLN C 21 3.30 0.89 8.73
N SER C 22 3.58 2.00 9.38
CA SER C 22 4.93 2.26 9.90
C SER C 22 4.87 3.29 11.01
N GLN C 23 6.00 3.48 11.67
CA GLN C 23 6.11 4.47 12.73
C GLN C 23 5.94 5.86 12.13
N GLU C 24 6.50 6.07 10.95
CA GLU C 24 6.42 7.35 10.26
C GLU C 24 4.98 7.71 9.94
N HIS C 25 4.24 6.73 9.43
CA HIS C 25 2.83 6.96 9.12
C HIS C 25 2.08 7.31 10.42
N ALA C 26 2.43 6.65 11.52
CA ALA C 26 1.79 6.92 12.81
C ALA C 26 2.16 8.30 13.35
N ALA C 27 3.38 8.74 13.07
CA ALA C 27 3.81 10.07 13.49
C ALA C 27 3.08 11.12 12.67
N PHE C 28 2.90 10.82 11.38
CA PHE C 28 2.14 11.66 10.48
C PHE C 28 0.74 11.87 11.02
N ARG C 29 0.06 10.76 11.31
CA ARG C 29 -1.30 10.78 11.83
C ARG C 29 -1.38 11.51 13.17
N PHE C 30 -0.51 11.15 14.09
CA PHE C 30 -0.51 11.77 15.41
C PHE C 30 -0.43 13.29 15.30
N ALA C 31 0.52 13.76 14.49
CA ALA C 31 0.84 15.17 14.41
C ALA C 31 -0.33 15.98 13.83
N LEU C 32 -1.04 15.38 12.90
CA LEU C 32 -2.28 15.96 12.33
C LEU C 32 -3.43 16.16 13.34
N SER C 33 -3.55 15.23 14.28
CA SER C 33 -4.59 15.27 15.28
C SER C 33 -4.36 16.38 16.30
N GLN C 34 -3.11 16.84 16.43
CA GLN C 34 -2.73 17.90 17.40
C GLN C 34 -3.14 19.31 16.93
N LEU C 35 -3.38 19.48 15.64
CA LEU C 35 -3.69 20.78 15.04
C LEU C 35 -5.10 21.17 15.32
N THR C 36 -5.29 22.44 15.70
CA THR C 36 -6.60 22.96 16.07
C THR C 36 -6.97 24.18 15.22
N GLU C 37 -5.96 24.93 14.76
CA GLU C 37 -6.23 26.09 13.90
C GLU C 37 -6.65 25.65 12.50
N PRO C 38 -7.67 26.32 11.93
CA PRO C 38 -7.99 26.17 10.52
C PRO C 38 -6.82 26.67 9.68
N PRO C 39 -6.73 26.29 8.39
CA PRO C 39 -7.66 25.37 7.73
C PRO C 39 -7.32 23.95 8.21
N LYS C 40 -8.23 23.02 7.95
CA LYS C 40 -7.91 21.66 8.23
C LYS C 40 -6.97 21.11 7.12
N LEU C 41 -5.86 20.54 7.57
CA LEU C 41 -5.01 19.73 6.72
C LEU C 41 -5.65 18.35 6.57
N LEU C 42 -6.03 18.04 5.33
CA LEU C 42 -6.75 16.84 4.94
C LEU C 42 -5.85 15.93 4.11
N PRO C 43 -5.23 14.94 4.75
CA PRO C 43 -4.31 14.05 4.03
C PRO C 43 -5.01 13.12 3.04
N GLN C 44 -4.41 12.97 1.87
CA GLN C 44 -4.86 12.01 0.86
C GLN C 44 -3.64 11.28 0.36
N ILE C 45 -3.13 10.35 1.16
CA ILE C 45 -1.91 9.65 0.81
C ILE C 45 -2.17 8.35 0.08
N ASP C 46 -1.26 8.03 -0.85
CA ASP C 46 -1.36 6.82 -1.62
C ASP C 46 -0.15 5.97 -1.32
N ILE C 47 -0.41 4.71 -1.03
CA ILE C 47 0.69 3.80 -0.81
C ILE C 47 1.34 3.53 -2.20
N VAL C 48 2.65 3.73 -2.32
CA VAL C 48 3.32 3.64 -3.63
C VAL C 48 4.75 3.09 -3.55
N ASN C 49 5.21 2.43 -4.62
CA ASN C 49 6.61 2.00 -4.69
C ASN C 49 7.49 3.21 -4.95
N ILE C 50 8.13 3.70 -3.90
CA ILE C 50 8.81 4.98 -3.93
C ILE C 50 10.13 4.89 -4.71
N SER C 51 10.51 3.68 -5.13
CA SER C 51 11.67 3.49 -6.09
C SER C 51 11.32 3.56 -7.59
N ASP C 52 10.04 3.46 -7.91
CA ASP C 52 9.67 3.41 -9.30
C ASP C 52 9.17 4.74 -9.87
N SER C 53 9.92 5.30 -10.81
CA SER C 53 9.59 6.63 -11.33
C SER C 53 8.22 6.68 -12.02
N PHE C 54 7.85 5.58 -12.67
CA PHE C 54 6.53 5.51 -13.29
C PHE C 54 5.34 5.53 -12.30
N GLU C 55 5.43 4.76 -11.22
CA GLU C 55 4.36 4.72 -10.21
C GLU C 55 4.24 6.09 -9.57
N MET C 56 5.41 6.65 -9.28
CA MET C 56 5.52 7.95 -8.63
C MET C 56 4.93 9.03 -9.52
N THR C 57 5.20 8.95 -10.81
CA THR C 57 4.62 9.89 -11.76
C THR C 57 3.10 9.73 -11.83
N TYR C 58 2.60 8.49 -11.82
CA TYR C 58 1.15 8.30 -11.87
C TYR C 58 0.50 8.91 -10.64
N ARG C 59 1.08 8.66 -9.48
CA ARG C 59 0.57 9.27 -8.25
C ARG C 59 0.74 10.79 -8.21
N PHE C 60 1.88 11.32 -8.66
CA PHE C 60 2.04 12.75 -8.60
C PHE C 60 1.01 13.45 -9.46
N CYS C 61 0.86 12.96 -10.69
CA CYS C 61 -0.07 13.55 -11.64
C CYS C 61 -1.50 13.42 -11.16
N SER C 62 -1.82 12.25 -10.61
CA SER C 62 -3.15 11.97 -10.11
C SER C 62 -3.52 12.89 -8.95
N GLN C 63 -2.60 13.07 -8.01
CA GLN C 63 -2.81 13.99 -6.90
C GLN C 63 -2.88 15.46 -7.34
N PHE C 64 -2.03 15.82 -8.28
CA PHE C 64 -2.05 17.18 -8.77
C PHE C 64 -3.40 17.49 -9.43
N SER C 65 -3.91 16.54 -10.20
CA SER C 65 -5.20 16.67 -10.86
C SER C 65 -6.40 16.74 -9.92
N LYS C 66 -6.37 16.00 -8.80
CA LYS C 66 -7.51 16.09 -7.91
C LYS C 66 -7.49 17.35 -7.01
N GLY C 67 -6.46 18.20 -7.16
CA GLY C 67 -6.37 19.45 -6.41
C GLY C 67 -5.57 19.56 -5.12
N VAL C 68 -4.63 18.66 -4.85
CA VAL C 68 -3.84 18.82 -3.62
C VAL C 68 -3.07 20.13 -3.60
N TYR C 69 -2.72 20.63 -2.43
CA TYR C 69 -2.07 21.94 -2.34
C TYR C 69 -0.58 21.75 -2.15
N ALA C 70 -0.22 20.54 -1.73
CA ALA C 70 1.16 20.15 -1.54
C ALA C 70 1.18 18.64 -1.40
N ILE C 71 2.36 18.05 -1.52
CA ILE C 71 2.50 16.61 -1.30
C ILE C 71 3.54 16.35 -0.23
N PHE C 72 3.19 15.54 0.77
CA PHE C 72 4.13 15.16 1.81
C PHE C 72 4.48 13.67 1.46
N GLY C 73 5.76 13.32 1.39
CA GLY C 73 6.15 11.97 0.97
C GLY C 73 7.61 11.55 1.14
N PHE C 74 7.90 10.34 0.71
CA PHE C 74 9.27 9.81 0.72
C PHE C 74 9.72 9.47 -0.70
N TYR C 75 11.00 9.71 -0.97
CA TYR C 75 11.58 9.34 -2.24
C TYR C 75 12.90 8.61 -2.03
N GLU C 76 13.33 7.90 -3.08
CA GLU C 76 14.52 7.08 -3.05
C GLU C 76 15.47 7.55 -4.14
N ARG C 77 16.66 6.97 -4.20
CA ARG C 77 17.69 7.45 -5.10
C ARG C 77 17.23 7.46 -6.55
N ARG C 78 16.48 6.43 -6.95
CA ARG C 78 15.94 6.34 -8.30
C ARG C 78 14.86 7.37 -8.68
N THR C 79 14.18 7.94 -7.69
CA THR C 79 13.11 8.90 -7.96
C THR C 79 13.32 10.39 -7.60
N VAL C 80 14.47 10.75 -7.05
CA VAL C 80 14.71 12.11 -6.62
C VAL C 80 14.69 13.07 -7.81
N ASN C 81 15.27 12.64 -8.92
CA ASN C 81 15.29 13.45 -10.13
C ASN C 81 13.90 13.69 -10.72
N MET C 82 13.06 12.66 -10.71
CA MET C 82 11.70 12.79 -11.22
C MET C 82 10.86 13.76 -10.40
N LEU C 83 10.93 13.64 -9.08
CA LEU C 83 10.17 14.52 -8.21
C LEU C 83 10.58 15.96 -8.25
N THR C 84 11.88 16.16 -8.19
CA THR C 84 12.44 17.50 -8.31
C THR C 84 11.97 18.16 -9.61
N SER C 85 11.98 17.39 -10.69
CA SER C 85 11.62 17.87 -11.98
C SER C 85 10.10 18.15 -12.02
N PHE C 86 9.26 17.21 -11.62
CA PHE C 86 7.81 17.48 -11.51
C PHE C 86 7.41 18.67 -10.57
N CYS C 87 8.02 18.74 -9.39
CA CYS C 87 7.88 19.88 -8.49
C CYS C 87 8.23 21.20 -9.11
N GLY C 88 9.39 21.28 -9.76
CA GLY C 88 9.89 22.48 -10.46
C GLY C 88 9.03 22.88 -11.66
N ALA C 89 8.52 21.90 -12.40
CA ALA C 89 7.80 22.28 -13.58
C ALA C 89 6.36 22.78 -13.24
N LEU C 90 5.72 22.20 -12.23
CA LEU C 90 4.33 22.51 -11.91
C LEU C 90 4.17 23.41 -10.68
N HIS C 91 5.26 23.55 -9.89
CA HIS C 91 5.22 24.45 -8.73
C HIS C 91 4.29 23.92 -7.63
N VAL C 92 4.33 22.62 -7.40
CA VAL C 92 3.66 22.01 -6.25
C VAL C 92 4.81 21.60 -5.35
N CYS C 93 4.68 21.74 -4.05
CA CYS C 93 5.78 21.43 -3.17
C CYS C 93 5.75 20.00 -2.66
N PHE C 94 6.95 19.43 -2.54
CA PHE C 94 7.08 18.12 -2.01
C PHE C 94 7.86 18.28 -0.70
N ILE C 95 7.22 17.96 0.45
CA ILE C 95 7.85 18.08 1.75
C ILE C 95 8.26 16.70 2.21
N THR C 96 9.54 16.49 2.54
CA THR C 96 10.09 15.14 2.72
C THR C 96 11.25 14.98 3.73
N PRO C 97 11.26 13.88 4.47
CA PRO C 97 12.40 13.60 5.35
C PRO C 97 13.43 12.67 4.71
N SER C 98 13.27 12.35 3.42
CA SER C 98 14.17 11.42 2.74
C SER C 98 15.56 12.01 2.63
N PHE C 99 16.54 11.15 2.39
CA PHE C 99 17.91 11.63 2.27
C PHE C 99 17.99 12.78 1.27
N PRO C 100 18.43 13.93 1.77
CA PRO C 100 18.47 15.17 0.99
C PRO C 100 19.51 15.15 -0.13
N VAL C 101 19.36 16.02 -1.14
CA VAL C 101 20.33 16.10 -2.23
C VAL C 101 20.79 17.53 -2.50
N ASP C 102 21.78 17.68 -3.39
CA ASP C 102 22.35 18.99 -3.68
C ASP C 102 21.91 19.57 -5.04
N THR C 103 21.11 18.80 -5.78
CA THR C 103 20.51 19.31 -7.01
C THR C 103 18.99 19.27 -6.89
N SER C 104 18.48 20.01 -5.90
CA SER C 104 17.05 20.12 -5.69
C SER C 104 16.57 21.46 -6.24
N ASN C 105 15.40 21.89 -5.81
CA ASN C 105 14.89 23.21 -6.14
C ASN C 105 13.98 23.75 -5.02
N GLN C 106 13.68 25.05 -5.06
CA GLN C 106 12.90 25.68 -3.99
C GLN C 106 11.58 24.98 -3.69
N PHE C 107 11.10 24.16 -4.63
CA PHE C 107 9.81 23.50 -4.46
C PHE C 107 9.90 22.16 -3.77
N VAL C 108 11.10 21.77 -3.35
CA VAL C 108 11.30 20.55 -2.59
C VAL C 108 11.84 20.87 -1.21
N LEU C 109 11.01 20.70 -0.19
CA LEU C 109 11.37 21.04 1.17
C LEU C 109 11.94 19.83 1.94
N GLN C 110 13.26 19.75 2.01
CA GLN C 110 13.91 18.68 2.74
C GLN C 110 13.92 18.99 4.23
N LEU C 111 13.06 18.32 4.98
CA LEU C 111 13.00 18.50 6.43
C LEU C 111 14.32 17.98 7.05
N ARG C 112 15.00 17.06 6.35
CA ARG C 112 16.25 16.45 6.84
C ARG C 112 17.49 17.32 6.60
N PRO C 113 18.26 17.55 7.65
CA PRO C 113 19.45 18.41 7.57
C PRO C 113 20.66 17.70 6.96
N GLU C 114 21.47 18.45 6.21
CA GLU C 114 22.67 17.89 5.59
C GLU C 114 23.70 17.52 6.65
N LEU C 115 24.50 16.50 6.36
CA LEU C 115 25.47 15.98 7.32
C LEU C 115 26.88 15.95 6.76
N GLN C 116 27.02 16.12 5.46
CA GLN C 116 28.28 15.86 4.80
C GLN C 116 29.42 16.78 5.28
N GLU C 117 29.14 18.08 5.46
CA GLU C 117 30.19 19.01 5.91
C GLU C 117 30.56 18.71 7.35
N ALA C 118 29.56 18.34 8.15
CA ALA C 118 29.85 18.03 9.54
C ALA C 118 30.78 16.79 9.63
N LEU C 119 30.52 15.80 8.79
CA LEU C 119 31.26 14.56 8.85
C LEU C 119 32.74 14.80 8.69
N ILE C 120 33.09 15.62 7.72
CA ILE C 120 34.44 16.06 7.47
C ILE C 120 35.07 16.76 8.68
N SER C 121 34.39 17.78 9.20
CA SER C 121 34.84 18.47 10.41
C SER C 121 35.27 17.47 11.48
N ILE C 122 34.39 16.53 11.80
CA ILE C 122 34.67 15.53 12.83
C ILE C 122 35.92 14.72 12.50
N ILE C 123 36.08 14.37 11.23
CA ILE C 123 37.24 13.61 10.79
C ILE C 123 38.51 14.41 10.99
N ASP C 124 38.36 15.73 11.11
CA ASP C 124 39.50 16.61 11.32
C ASP C 124 39.88 16.66 12.80
N HIS C 125 38.91 16.90 13.66
CA HIS C 125 39.15 16.96 15.11
C HIS C 125 39.80 15.67 15.60
N TYR C 126 39.59 14.59 14.88
CA TYR C 126 40.21 13.31 15.20
C TYR C 126 41.54 13.18 14.46
N LYS C 127 41.75 14.07 13.49
CA LYS C 127 43.01 14.17 12.77
C LYS C 127 43.34 12.97 11.88
N TRP C 128 42.32 12.18 11.53
CA TRP C 128 42.52 11.05 10.63
C TRP C 128 43.13 11.53 9.31
N GLN C 129 44.16 10.83 8.85
CA GLN C 129 44.78 11.18 7.57
C GLN C 129 44.59 10.08 6.52
N THR C 130 44.38 8.85 6.97
CA THR C 130 44.08 7.74 6.08
C THR C 130 43.03 6.84 6.71
N PHE C 131 42.07 6.36 5.91
CA PHE C 131 40.96 5.59 6.44
C PHE C 131 40.19 4.83 5.37
N VAL C 132 39.36 3.90 5.81
CA VAL C 132 38.43 3.21 4.94
C VAL C 132 37.09 3.93 4.98
N TYR C 133 36.49 4.05 3.80
CA TYR C 133 35.14 4.56 3.65
C TYR C 133 34.24 3.44 3.09
N ILE C 134 33.33 2.99 3.93
CA ILE C 134 32.39 1.97 3.58
C ILE C 134 31.05 2.60 3.19
N TYR C 135 30.58 2.34 1.96
CA TYR C 135 29.37 2.99 1.49
C TYR C 135 28.38 1.99 0.85
N ASP C 136 27.16 2.52 0.70
CA ASP C 136 25.93 1.90 0.25
C ASP C 136 25.59 2.48 -1.13
N ALA C 137 25.73 1.70 -2.19
CA ALA C 137 25.41 2.22 -3.55
C ALA C 137 23.93 2.58 -3.72
N ASP C 138 23.05 1.67 -3.28
CA ASP C 138 21.59 1.87 -3.27
C ASP C 138 21.12 3.28 -2.92
N ARG C 139 21.79 3.94 -1.97
CA ARG C 139 21.25 5.20 -1.47
C ARG C 139 21.88 6.48 -2.00
N GLY C 140 22.86 6.38 -2.89
CA GLY C 140 23.54 7.60 -3.37
C GLY C 140 25.02 7.75 -3.03
N LEU C 141 25.68 8.67 -3.72
CA LEU C 141 27.13 8.79 -3.64
C LEU C 141 27.52 10.22 -3.35
N SER C 142 26.52 11.04 -3.08
CA SER C 142 26.73 12.44 -2.72
C SER C 142 27.88 12.61 -1.73
N VAL C 143 27.78 11.94 -0.58
CA VAL C 143 28.72 12.12 0.55
C VAL C 143 30.11 11.63 0.18
N LEU C 144 30.17 10.47 -0.47
CA LEU C 144 31.43 9.91 -0.90
C LEU C 144 32.23 10.89 -1.79
N GLN C 145 31.56 11.48 -2.78
CA GLN C 145 32.17 12.44 -3.70
C GLN C 145 32.77 13.59 -2.93
N ARG C 146 31.99 14.07 -1.96
CA ARG C 146 32.38 15.16 -1.07
C ARG C 146 33.62 14.83 -0.29
N VAL C 147 33.64 13.64 0.30
CA VAL C 147 34.79 13.22 1.06
C VAL C 147 35.99 13.02 0.16
N LEU C 148 35.77 12.44 -1.03
CA LEU C 148 36.88 12.16 -1.93
C LEU C 148 37.60 13.45 -2.34
N ASP C 149 36.82 14.49 -2.55
CA ASP C 149 37.34 15.80 -2.88
C ASP C 149 38.15 16.44 -1.75
N THR C 150 37.77 16.16 -0.51
CA THR C 150 38.50 16.72 0.60
C THR C 150 39.75 15.88 0.82
N ALA C 151 39.66 14.58 0.52
CA ALA C 151 40.83 13.69 0.56
C ALA C 151 41.94 14.25 -0.34
N ALA C 152 41.50 14.64 -1.54
CA ALA C 152 42.34 15.26 -2.52
C ALA C 152 43.05 16.45 -1.90
N GLU C 153 42.28 17.43 -1.41
CA GLU C 153 42.85 18.71 -0.96
C GLU C 153 43.52 18.67 0.42
N LYS C 154 43.58 17.50 1.05
CA LYS C 154 44.24 17.40 2.35
C LYS C 154 45.14 16.16 2.49
N ASN C 155 45.51 15.60 1.34
CA ASN C 155 46.25 14.34 1.23
C ASN C 155 45.76 13.29 2.22
N TRP C 156 44.45 13.04 2.22
CA TRP C 156 43.96 11.87 2.93
C TRP C 156 44.01 10.73 1.95
N GLN C 157 44.31 9.54 2.44
CA GLN C 157 44.36 8.35 1.59
C GLN C 157 43.19 7.43 1.92
N VAL C 158 42.10 7.64 1.18
CA VAL C 158 40.81 7.02 1.44
C VAL C 158 40.74 5.73 0.65
N THR C 159 40.34 4.65 1.29
CA THR C 159 40.04 3.44 0.56
C THR C 159 38.56 3.20 0.70
N ALA C 160 37.88 3.30 -0.43
CA ALA C 160 36.44 3.29 -0.52
C ALA C 160 35.96 1.90 -0.92
N VAL C 161 34.90 1.45 -0.25
CA VAL C 161 34.43 0.09 -0.38
C VAL C 161 32.91 0.06 -0.36
N ASN C 162 32.33 -0.38 -1.46
CA ASN C 162 30.90 -0.57 -1.55
C ASN C 162 30.53 -1.87 -0.85
N ILE C 163 29.64 -1.79 0.14
CA ILE C 163 29.26 -2.97 0.90
C ILE C 163 28.63 -4.02 0.01
N LEU C 164 28.08 -3.58 -1.12
CA LEU C 164 27.32 -4.45 -2.01
C LEU C 164 28.15 -5.12 -3.10
N THR C 165 29.47 -4.99 -2.99
CA THR C 165 30.38 -5.73 -3.87
C THR C 165 31.45 -6.41 -3.03
N THR C 166 31.52 -6.04 -1.76
CA THR C 166 32.53 -6.54 -0.84
C THR C 166 32.18 -7.82 -0.13
N THR C 167 33.11 -8.76 -0.16
CA THR C 167 32.95 -10.02 0.52
C THR C 167 33.55 -9.93 1.92
N GLU C 168 33.39 -10.98 2.70
CA GLU C 168 33.97 -11.03 4.04
C GLU C 168 35.49 -10.92 3.94
N GLU C 169 36.07 -11.68 3.02
CA GLU C 169 37.51 -11.70 2.82
C GLU C 169 38.01 -10.42 2.17
N GLY C 170 37.26 -9.92 1.19
CA GLY C 170 37.62 -8.70 0.51
C GLY C 170 37.83 -7.55 1.49
N TYR C 171 36.97 -7.47 2.50
CA TYR C 171 37.07 -6.42 3.51
C TYR C 171 38.33 -6.51 4.39
N ARG C 172 38.63 -7.71 4.88
CA ARG C 172 39.79 -7.92 5.73
C ARG C 172 41.06 -7.80 4.93
N MET C 173 40.96 -7.95 3.61
CA MET C 173 42.13 -7.93 2.76
C MET C 173 42.85 -6.59 2.84
N LEU C 174 42.08 -5.51 2.78
CA LEU C 174 42.65 -4.17 2.77
C LEU C 174 43.33 -3.95 4.09
N PHE C 175 42.98 -4.78 5.04
CA PHE C 175 43.56 -4.66 6.34
C PHE C 175 44.71 -5.55 6.80
N GLN C 176 44.60 -6.84 6.52
CA GLN C 176 45.50 -7.81 7.10
C GLN C 176 46.88 -7.37 6.64
N ASP C 177 46.88 -6.52 5.63
CA ASP C 177 48.11 -5.97 5.05
C ASP C 177 48.52 -4.56 5.54
N LEU C 178 47.96 -4.12 6.66
CA LEU C 178 48.31 -2.81 7.23
C LEU C 178 49.02 -2.98 8.57
N GLU C 179 50.19 -2.37 8.73
CA GLU C 179 50.95 -2.51 9.96
C GLU C 179 51.98 -1.42 10.27
N LYS C 180 51.54 -0.23 10.69
CA LYS C 180 52.48 0.83 11.09
C LYS C 180 51.96 1.51 12.35
N LYS C 181 50.82 2.15 12.23
CA LYS C 181 50.05 2.58 13.39
C LYS C 181 49.05 1.46 13.60
N LYS C 182 48.71 1.18 14.86
CA LYS C 182 47.86 0.04 15.16
C LYS C 182 46.37 0.35 14.97
N GLU C 183 46.07 1.59 14.61
CA GLU C 183 44.69 2.01 14.49
C GLU C 183 44.16 2.09 13.06
N ARG C 184 43.04 1.41 12.84
CA ARG C 184 42.38 1.36 11.55
C ARG C 184 41.03 2.09 11.65
N LEU C 185 41.00 3.28 11.06
CA LEU C 185 39.85 4.19 11.17
C LEU C 185 38.84 4.02 10.04
N VAL C 186 37.60 3.77 10.41
CA VAL C 186 36.56 3.47 9.44
C VAL C 186 35.38 4.44 9.48
N VAL C 187 35.04 5.00 8.31
CA VAL C 187 33.86 5.85 8.17
C VAL C 187 32.72 4.94 7.59
N VAL C 188 31.58 4.78 8.28
CA VAL C 188 30.46 3.96 7.78
C VAL C 188 29.31 4.80 7.26
N ASP C 189 29.13 4.77 5.94
CA ASP C 189 28.08 5.53 5.28
C ASP C 189 27.08 4.55 4.69
N CYS C 190 26.02 4.23 5.44
CA CYS C 190 25.02 3.30 4.94
C CYS C 190 23.58 3.71 5.29
N GLU C 191 22.63 3.05 4.63
CA GLU C 191 21.22 3.27 4.89
C GLU C 191 20.98 2.94 6.34
N SER C 192 20.16 3.79 6.96
CA SER C 192 19.97 3.77 8.39
C SER C 192 19.39 2.46 8.92
N GLU C 193 18.70 1.73 8.05
CA GLU C 193 18.11 0.45 8.40
C GLU C 193 19.13 -0.70 8.47
N ARG C 194 20.25 -0.54 7.79
CA ARG C 194 21.27 -1.58 7.67
C ARG C 194 22.38 -1.35 8.68
N LEU C 195 22.36 -0.17 9.28
CA LEU C 195 23.46 0.32 10.09
C LEU C 195 23.75 -0.63 11.23
N ASN C 196 22.69 -1.14 11.84
CA ASN C 196 22.84 -2.06 12.94
C ASN C 196 23.56 -3.33 12.52
N ALA C 197 23.16 -3.86 11.37
CA ALA C 197 23.79 -5.04 10.81
C ALA C 197 25.18 -4.96 10.31
N ILE C 198 25.39 -3.85 9.63
CA ILE C 198 26.66 -3.60 9.02
C ILE C 198 27.68 -3.48 10.11
N LEU C 199 27.33 -2.76 11.17
CA LEU C 199 28.25 -2.61 12.29
C LEU C 199 28.51 -3.97 12.93
N GLY C 200 27.51 -4.84 12.88
CA GLY C 200 27.63 -6.18 13.41
C GLY C 200 28.55 -7.05 12.57
N GLN C 201 28.34 -7.04 11.26
CA GLN C 201 29.19 -7.79 10.35
C GLN C 201 30.62 -7.22 10.38
N ILE C 202 30.73 -5.90 10.53
CA ILE C 202 32.03 -5.22 10.52
C ILE C 202 32.90 -5.52 11.74
N VAL C 203 32.26 -5.72 12.89
CA VAL C 203 32.99 -5.91 14.14
C VAL C 203 33.68 -7.26 14.26
N LYS C 204 33.02 -8.33 13.80
CA LYS C 204 33.64 -9.64 13.82
C LYS C 204 34.85 -9.64 12.89
N LEU C 205 34.70 -8.95 11.77
CA LEU C 205 35.70 -8.95 10.70
C LEU C 205 36.99 -8.19 11.04
N GLU C 206 37.12 -7.75 12.29
CA GLU C 206 38.36 -7.10 12.70
C GLU C 206 39.33 -8.10 13.29
N LYS C 207 40.50 -8.20 12.67
CA LYS C 207 41.55 -9.12 13.12
C LYS C 207 41.77 -8.84 14.61
N ASN C 208 41.82 -9.90 15.42
CA ASN C 208 41.85 -9.70 16.88
C ASN C 208 43.25 -9.41 17.42
N GLY C 209 43.42 -8.16 17.88
CA GLY C 209 44.70 -7.65 18.37
C GLY C 209 44.90 -6.19 18.02
N ILE C 210 43.94 -5.58 17.33
CA ILE C 210 44.08 -4.20 16.85
C ILE C 210 42.93 -3.27 17.28
N GLY C 211 43.23 -1.98 17.38
CA GLY C 211 42.25 -0.98 17.80
C GLY C 211 41.49 -0.32 16.67
N TYR C 212 40.38 0.36 17.00
CA TYR C 212 39.53 0.95 15.98
C TYR C 212 38.85 2.25 16.33
N HIS C 213 38.34 2.89 15.29
CA HIS C 213 37.57 4.11 15.41
C HIS C 213 36.57 4.11 14.27
N TYR C 214 35.29 4.18 14.60
CA TYR C 214 34.24 4.18 13.59
C TYR C 214 33.48 5.49 13.64
N ILE C 215 33.40 6.14 12.50
CA ILE C 215 32.58 7.34 12.38
C ILE C 215 31.44 7.03 11.44
N LEU C 216 30.23 7.40 11.84
CA LEU C 216 29.06 7.13 11.04
C LEU C 216 28.69 8.38 10.24
N ALA C 217 28.53 8.20 8.94
CA ALA C 217 28.25 9.31 8.04
C ALA C 217 26.76 9.65 8.07
N ASN C 218 25.98 8.76 8.66
CA ASN C 218 24.53 8.93 8.68
C ASN C 218 23.94 9.02 10.06
N LEU C 219 22.75 9.63 10.11
CA LEU C 219 21.90 9.62 11.28
C LEU C 219 21.34 8.21 11.35
N GLY C 220 21.11 7.73 12.56
CA GLY C 220 20.62 6.38 12.78
C GLY C 220 21.38 5.76 13.91
N PHE C 221 22.34 6.51 14.42
CA PHE C 221 23.22 6.10 15.50
C PHE C 221 22.40 5.71 16.72
N MET C 222 21.59 6.65 17.19
CA MET C 222 20.75 6.46 18.40
C MET C 222 19.78 5.27 18.36
N ASP C 223 19.38 4.88 17.15
CA ASP C 223 18.41 3.79 16.98
C ASP C 223 19.04 2.39 16.91
N ILE C 224 20.37 2.33 16.93
CA ILE C 224 21.11 1.07 16.85
C ILE C 224 21.26 0.34 18.19
N ASP C 225 21.88 -0.83 18.15
CA ASP C 225 22.08 -1.63 19.35
C ASP C 225 23.31 -1.12 20.07
N LEU C 226 23.09 -0.09 20.87
CA LEU C 226 24.15 0.58 21.60
C LEU C 226 24.79 -0.39 22.57
N ASN C 227 23.98 -1.31 23.08
CA ASN C 227 24.44 -2.26 24.08
C ASN C 227 25.60 -3.16 23.66
N LYS C 228 25.54 -3.72 22.45
CA LYS C 228 26.62 -4.59 22.02
C LYS C 228 27.94 -3.84 21.90
N PHE C 229 27.88 -2.67 21.26
CA PHE C 229 29.05 -1.82 21.11
C PHE C 229 29.55 -1.15 22.39
N LYS C 230 28.62 -0.67 23.22
CA LYS C 230 28.98 -0.03 24.49
C LYS C 230 29.67 -1.07 25.37
N GLU C 231 29.12 -2.28 25.34
CA GLU C 231 29.64 -3.41 26.11
C GLU C 231 31.01 -3.81 25.60
N SER C 232 31.12 -3.81 24.28
CA SER C 232 32.32 -4.23 23.57
C SER C 232 33.50 -3.32 23.85
N GLY C 233 33.22 -2.09 24.22
CA GLY C 233 34.27 -1.07 24.30
C GLY C 233 34.61 -0.50 22.93
N ALA C 234 33.74 -0.74 21.95
CA ALA C 234 33.86 -0.14 20.63
C ALA C 234 33.97 1.39 20.70
N ASN C 235 34.71 1.95 19.75
CA ASN C 235 34.81 3.39 19.58
C ASN C 235 33.93 3.82 18.38
N VAL C 236 32.70 4.22 18.66
CA VAL C 236 31.81 4.69 17.61
C VAL C 236 31.43 6.15 17.84
N THR C 237 31.50 6.94 16.78
CA THR C 237 31.10 8.34 16.83
C THR C 237 30.00 8.58 15.79
N GLY C 238 28.96 9.30 16.19
CA GLY C 238 27.85 9.58 15.30
C GLY C 238 27.15 10.90 15.56
N PHE C 239 26.07 11.14 14.83
CA PHE C 239 25.27 12.34 15.05
C PHE C 239 23.96 12.07 15.76
N GLN C 240 23.53 13.03 16.57
CA GLN C 240 22.18 13.08 17.11
C GLN C 240 21.47 14.40 16.78
N LEU C 241 20.21 14.27 16.37
CA LEU C 241 19.42 15.40 15.91
C LEU C 241 18.28 15.69 16.86
N VAL C 242 17.78 14.67 17.52
CA VAL C 242 16.73 14.85 18.53
C VAL C 242 17.20 14.58 19.95
N ASN C 243 17.14 15.59 20.82
CA ASN C 243 17.32 15.37 22.25
C ASN C 243 15.96 15.14 22.89
N TYR C 244 15.69 13.92 23.34
CA TYR C 244 14.37 13.60 23.88
C TYR C 244 14.13 14.15 25.28
N THR C 245 15.16 14.81 25.84
CA THR C 245 15.14 15.31 27.20
C THR C 245 15.04 16.84 27.24
N ASP C 246 15.30 17.48 26.09
CA ASP C 246 15.10 18.92 25.91
C ASP C 246 13.60 19.19 26.07
N THR C 247 13.22 20.41 26.49
CA THR C 247 11.83 20.73 26.93
C THR C 247 10.71 20.48 25.92
N ILE C 248 10.79 21.10 24.73
CA ILE C 248 9.73 20.92 23.70
C ILE C 248 9.56 19.47 23.23
N PRO C 249 10.67 18.75 22.94
CA PRO C 249 10.51 17.34 22.55
C PRO C 249 9.90 16.48 23.66
N ALA C 250 10.33 16.72 24.90
CA ALA C 250 9.86 15.95 26.05
C ALA C 250 8.37 16.07 26.18
N ARG C 251 7.87 17.29 26.03
CA ARG C 251 6.46 17.57 26.16
C ARG C 251 5.72 16.91 24.98
N ILE C 252 6.34 16.92 23.80
CA ILE C 252 5.73 16.29 22.62
C ILE C 252 5.63 14.78 22.75
N MET C 253 6.68 14.15 23.27
CA MET C 253 6.62 12.73 23.63
C MET C 253 5.50 12.45 24.62
N GLN C 254 5.37 13.32 25.63
CA GLN C 254 4.37 13.20 26.66
C GLN C 254 2.98 13.04 26.07
N GLN C 255 2.57 14.00 25.27
CA GLN C 255 1.26 13.97 24.63
C GLN C 255 1.07 12.71 23.80
N TRP C 256 2.13 12.28 23.11
CA TRP C 256 2.05 11.11 22.24
C TRP C 256 1.87 9.80 22.99
N ARG C 257 2.54 9.68 24.13
CA ARG C 257 2.44 8.48 24.95
C ARG C 257 1.08 8.38 25.63
N THR C 258 0.56 9.53 26.07
CA THR C 258 -0.66 9.57 26.87
C THR C 258 -1.96 9.36 26.08
N SER C 259 -1.87 9.44 24.75
CA SER C 259 -3.05 9.15 23.93
C SER C 259 -3.05 7.69 23.52
N ASP C 260 -1.88 7.20 23.13
CA ASP C 260 -1.72 5.79 22.77
C ASP C 260 -1.76 4.92 24.02
N SER C 261 -2.10 5.54 25.16
CA SER C 261 -2.17 4.81 26.42
C SER C 261 -3.44 3.99 26.53
N ARG C 262 -4.58 4.65 26.38
CA ARG C 262 -5.87 3.97 26.48
C ARG C 262 -6.45 3.57 25.13
N ASP C 263 -5.81 4.01 24.05
CA ASP C 263 -6.23 3.58 22.73
C ASP C 263 -5.94 2.09 22.62
N HIS C 264 -6.98 1.30 22.33
CA HIS C 264 -6.89 -0.15 22.45
C HIS C 264 -6.38 -0.92 21.23
N THR C 265 -5.97 -0.22 20.18
CA THR C 265 -5.52 -0.89 18.98
C THR C 265 -4.17 -0.40 18.50
N ARG C 266 -3.44 0.25 19.39
CA ARG C 266 -2.21 0.95 18.99
C ARG C 266 -0.91 0.20 19.25
N VAL C 267 0.11 0.63 18.53
CA VAL C 267 1.49 0.21 18.72
C VAL C 267 2.31 1.42 18.26
N ASP C 268 3.59 1.24 17.98
CA ASP C 268 4.40 2.32 17.41
C ASP C 268 4.90 3.40 18.37
N TRP C 269 5.20 3.05 19.61
CA TRP C 269 5.78 4.02 20.53
C TRP C 269 6.69 3.42 21.60
N LYS C 270 8.00 3.52 21.36
CA LYS C 270 9.02 3.11 22.32
C LYS C 270 10.01 4.25 22.45
N ARG C 271 10.74 4.48 21.36
CA ARG C 271 11.61 5.63 21.19
C ARG C 271 11.69 5.86 19.69
N PRO C 272 11.23 7.03 19.24
CA PRO C 272 11.03 7.27 17.80
C PRO C 272 12.30 7.32 16.95
N LYS C 273 12.26 6.62 15.81
CA LYS C 273 13.33 6.73 14.83
C LYS C 273 13.39 8.18 14.37
N TYR C 274 14.54 8.61 13.88
CA TYR C 274 14.69 9.98 13.45
C TYR C 274 13.78 10.35 12.29
N THR C 275 13.44 9.35 11.48
CA THR C 275 12.55 9.58 10.34
C THR C 275 11.14 9.92 10.80
N SER C 276 10.72 9.33 11.92
CA SER C 276 9.39 9.61 12.47
C SER C 276 9.36 11.02 13.04
N ALA C 277 10.47 11.44 13.65
CA ALA C 277 10.59 12.77 14.21
C ALA C 277 10.49 13.81 13.08
N LEU C 278 11.20 13.56 12.00
CA LEU C 278 11.18 14.45 10.85
C LEU C 278 9.79 14.50 10.22
N THR C 279 9.10 13.36 10.25
CA THR C 279 7.76 13.30 9.71
C THR C 279 6.79 14.15 10.56
N TYR C 280 6.91 14.03 11.88
CA TYR C 280 6.16 14.87 12.76
C TYR C 280 6.46 16.37 12.51
N ASP C 281 7.73 16.78 12.46
CA ASP C 281 8.04 18.19 12.18
C ASP C 281 7.55 18.62 10.79
N GLY C 282 7.63 17.71 9.81
CA GLY C 282 7.15 17.93 8.45
C GLY C 282 5.69 18.42 8.38
N VAL C 283 4.85 17.83 9.20
CA VAL C 283 3.43 18.18 9.25
C VAL C 283 3.28 19.57 9.81
N LYS C 284 4.01 19.83 10.90
CA LYS C 284 4.01 21.14 11.53
C LYS C 284 4.48 22.20 10.54
N VAL C 285 5.39 21.82 9.63
CA VAL C 285 5.84 22.74 8.60
C VAL C 285 4.67 23.13 7.71
N MET C 286 3.87 22.14 7.32
CA MET C 286 2.71 22.38 6.47
C MET C 286 1.68 23.23 7.23
N ALA C 287 1.39 22.85 8.47
CA ALA C 287 0.44 23.59 9.29
C ALA C 287 0.82 25.05 9.43
N GLU C 288 2.07 25.30 9.82
CA GLU C 288 2.55 26.67 10.00
C GLU C 288 2.43 27.48 8.72
N ALA C 289 2.69 26.85 7.59
CA ALA C 289 2.63 27.53 6.30
C ALA C 289 1.20 27.87 5.88
N PHE C 290 0.27 26.95 6.13
CA PHE C 290 -1.11 27.14 5.71
C PHE C 290 -1.93 28.00 6.67
N GLN C 291 -1.80 27.76 7.97
CA GLN C 291 -2.49 28.60 8.95
C GLN C 291 -2.01 30.06 8.70
N SER C 292 -0.72 30.23 8.39
CA SER C 292 -0.13 31.54 8.12
C SER C 292 -0.68 32.18 6.85
N LEU C 293 -0.89 31.36 5.83
CA LEU C 293 -1.45 31.86 4.58
C LEU C 293 -2.88 32.34 4.82
N ARG C 294 -3.62 31.59 5.63
CA ARG C 294 -5.01 31.91 5.92
C ARG C 294 -5.19 33.21 6.72
N ARG C 295 -4.30 33.46 7.67
CA ARG C 295 -4.42 34.65 8.50
C ARG C 295 -3.86 35.90 7.80
N GLN C 296 -3.38 35.72 6.57
CA GLN C 296 -2.92 36.85 5.76
C GLN C 296 -3.85 37.27 4.61
N ARG C 297 -4.96 36.55 4.43
CA ARG C 297 -5.92 36.88 3.37
C ARG C 297 -5.34 36.71 1.97
N ILE C 298 -4.31 35.87 1.82
CA ILE C 298 -3.76 35.58 0.51
C ILE C 298 -4.67 34.38 0.20
N ASP C 299 -5.49 34.51 -0.84
CA ASP C 299 -6.45 33.48 -1.20
C ASP C 299 -5.79 32.32 -1.94
N ILE C 300 -6.56 31.26 -2.13
CA ILE C 300 -6.13 30.11 -2.92
C ILE C 300 -7.33 29.21 -3.27
N SER C 301 -7.14 28.36 -4.29
CA SER C 301 -8.11 27.32 -4.67
C SER C 301 -7.62 26.60 -5.93
N ARG C 302 -8.16 25.40 -6.20
CA ARG C 302 -7.82 24.65 -7.43
C ARG C 302 -8.86 23.60 -7.83
N ARG C 303 -9.05 23.44 -9.14
CA ARG C 303 -10.05 22.52 -9.66
C ARG C 303 -9.54 21.08 -9.79
N GLY C 304 -10.43 20.16 -9.47
CA GLY C 304 -10.22 18.77 -9.78
C GLY C 304 -10.35 18.68 -11.28
N ASN C 305 -9.31 18.20 -11.95
CA ASN C 305 -9.35 18.11 -13.41
C ASN C 305 -8.31 17.15 -14.01
N ALA C 306 -8.81 16.10 -14.66
CA ALA C 306 -7.95 15.12 -15.30
C ALA C 306 -7.28 15.68 -16.55
N GLY C 307 -6.22 15.00 -17.01
CA GLY C 307 -5.50 15.38 -18.22
C GLY C 307 -4.65 16.63 -18.00
N ASP C 308 -4.83 17.19 -16.81
CA ASP C 308 -4.22 18.44 -16.36
C ASP C 308 -2.68 18.44 -16.30
N CYS C 309 -2.14 17.32 -15.88
CA CYS C 309 -0.72 17.17 -15.53
C CYS C 309 0.36 17.46 -16.60
N LEU C 310 0.26 16.85 -17.78
CA LEU C 310 1.32 16.95 -18.80
C LEU C 310 0.98 17.83 -19.94
N ALA C 311 1.93 18.69 -20.24
CA ALA C 311 1.77 19.65 -21.29
C ALA C 311 3.16 20.10 -21.65
N ASN C 312 3.26 20.73 -22.81
CA ASN C 312 4.50 21.35 -23.22
C ASN C 312 4.16 22.69 -23.83
N PRO C 313 4.54 23.76 -23.14
CA PRO C 313 5.28 23.65 -21.88
C PRO C 313 4.38 23.28 -20.70
N ALA C 314 4.98 22.87 -19.60
CA ALA C 314 4.22 22.62 -18.38
C ALA C 314 3.62 23.94 -17.92
N VAL C 315 2.34 23.91 -17.58
CA VAL C 315 1.67 25.10 -17.07
C VAL C 315 1.67 25.01 -15.55
N PRO C 316 2.55 25.78 -14.91
CA PRO C 316 2.66 25.76 -13.46
C PRO C 316 1.42 26.32 -12.80
N TRP C 317 1.20 25.87 -11.57
CA TRP C 317 0.11 26.35 -10.75
C TRP C 317 0.41 27.79 -10.35
N GLY C 318 -0.53 28.69 -10.64
CA GLY C 318 -0.34 30.11 -10.42
C GLY C 318 -0.04 30.52 -8.99
N GLN C 319 -0.77 29.93 -8.04
CA GLN C 319 -0.59 30.27 -6.63
C GLN C 319 0.46 29.37 -5.97
N GLY C 320 0.99 28.42 -6.74
CA GLY C 320 2.06 27.57 -6.27
C GLY C 320 3.19 28.30 -5.57
N ILE C 321 3.65 29.41 -6.14
CA ILE C 321 4.81 30.11 -5.57
C ILE C 321 4.51 30.71 -4.19
N ASP C 322 3.25 31.09 -3.97
CA ASP C 322 2.85 31.64 -2.67
C ASP C 322 2.94 30.57 -1.59
N ILE C 323 2.49 29.37 -1.91
CA ILE C 323 2.56 28.26 -0.98
C ILE C 323 4.00 27.83 -0.72
N GLN C 324 4.81 27.81 -1.77
CA GLN C 324 6.22 27.47 -1.64
C GLN C 324 6.93 28.46 -0.70
N ARG C 325 6.66 29.76 -0.87
CA ARG C 325 7.28 30.79 -0.04
C ARG C 325 6.86 30.66 1.42
N ALA C 326 5.58 30.39 1.64
CA ALA C 326 5.05 30.23 2.99
C ALA C 326 5.69 29.03 3.68
N LEU C 327 5.89 27.96 2.92
CA LEU C 327 6.51 26.75 3.45
C LEU C 327 7.99 26.97 3.75
N GLN C 328 8.62 27.83 2.96
CA GLN C 328 10.05 28.06 3.07
C GLN C 328 10.43 29.04 4.19
N GLN C 329 9.52 29.92 4.55
CA GLN C 329 9.79 30.92 5.57
C GLN C 329 9.32 30.48 6.95
N VAL C 330 8.92 29.21 7.07
CA VAL C 330 8.46 28.66 8.33
C VAL C 330 9.60 28.54 9.33
N ARG C 331 9.32 28.77 10.61
CA ARG C 331 10.35 28.69 11.65
C ARG C 331 9.80 28.41 13.05
N PHE C 332 10.43 27.46 13.76
CA PHE C 332 9.93 27.05 15.06
C PHE C 332 10.70 25.88 15.64
N GLU C 333 10.47 25.66 16.92
CA GLU C 333 11.09 24.56 17.64
C GLU C 333 10.27 23.29 17.46
N GLY C 334 10.86 22.29 16.80
CA GLY C 334 10.18 21.03 16.58
C GLY C 334 10.88 19.90 17.30
N LEU C 335 10.36 18.69 17.13
CA LEU C 335 10.99 17.50 17.69
C LEU C 335 12.49 17.52 17.39
N THR C 336 12.84 17.90 16.17
CA THR C 336 14.23 17.90 15.70
C THR C 336 14.92 19.29 15.77
N GLY C 337 14.59 20.11 16.78
CA GLY C 337 15.29 21.37 17.05
C GLY C 337 14.65 22.52 16.31
N ASN C 338 15.46 23.52 15.99
CA ASN C 338 14.96 24.66 15.22
C ASN C 338 14.74 24.26 13.76
N VAL C 339 13.49 24.43 13.30
CA VAL C 339 13.12 24.02 11.95
C VAL C 339 13.02 25.27 11.08
N GLN C 340 13.87 25.34 10.07
CA GLN C 340 13.97 26.54 9.25
C GLN C 340 14.60 26.19 7.90
N PHE C 341 14.28 26.94 6.86
CA PHE C 341 14.77 26.61 5.53
C PHE C 341 15.41 27.77 4.86
N ASN C 342 16.50 27.53 4.15
CA ASN C 342 16.97 28.49 3.13
C ASN C 342 16.03 28.45 1.89
N GLU C 343 16.35 29.30 0.93
CA GLU C 343 15.54 29.46 -0.26
C GLU C 343 15.81 28.36 -1.25
N LYS C 344 16.78 27.53 -0.93
CA LYS C 344 17.05 26.34 -1.72
C LYS C 344 16.17 25.16 -1.19
N GLY C 345 15.45 25.38 -0.09
CA GLY C 345 14.61 24.34 0.51
C GLY C 345 15.29 23.40 1.49
N ARG C 346 16.54 23.72 1.84
CA ARG C 346 17.30 22.96 2.83
C ARG C 346 17.10 23.49 4.24
N ARG C 347 17.29 22.59 5.21
CA ARG C 347 17.26 22.96 6.60
C ARG C 347 18.42 23.91 6.83
N THR C 348 18.20 24.93 7.63
CA THR C 348 19.23 25.89 7.93
C THR C 348 19.11 26.31 9.36
N ASN C 349 20.21 26.86 9.92
CA ASN C 349 20.30 27.30 11.31
C ASN C 349 19.87 26.17 12.26
N TYR C 350 20.51 25.02 12.10
CA TYR C 350 20.28 23.85 12.95
C TYR C 350 21.63 23.47 13.53
N THR C 351 21.57 22.68 14.61
CA THR C 351 22.76 22.22 15.28
C THR C 351 22.76 20.68 15.31
N LEU C 352 23.91 20.08 15.02
CA LEU C 352 24.07 18.65 15.13
C LEU C 352 24.91 18.35 16.36
N HIS C 353 24.48 17.35 17.09
CA HIS C 353 25.25 16.96 18.26
C HIS C 353 26.12 15.76 17.98
N VAL C 354 27.39 15.85 18.36
CA VAL C 354 28.27 14.71 18.15
C VAL C 354 28.29 13.85 19.42
N ILE C 355 28.13 12.55 19.22
CA ILE C 355 28.09 11.54 20.29
C ILE C 355 29.21 10.50 20.17
N GLU C 356 29.83 10.19 21.31
CA GLU C 356 30.95 9.27 21.41
C GLU C 356 30.75 8.06 22.29
N MET C 357 31.12 6.90 21.77
CA MET C 357 30.99 5.67 22.51
C MET C 357 32.36 5.14 22.96
N LYS C 358 32.63 5.26 24.26
CA LYS C 358 33.88 4.77 24.89
C LYS C 358 33.67 4.04 26.22
N HIS C 359 34.20 2.82 26.33
CA HIS C 359 34.01 2.00 27.52
C HIS C 359 32.50 2.00 27.69
N ASP C 360 32.00 2.11 28.92
CA ASP C 360 30.56 2.24 29.04
C ASP C 360 30.15 3.70 29.04
N GLY C 361 30.60 4.41 28.00
CA GLY C 361 30.26 5.81 27.86
C GLY C 361 29.64 6.18 26.54
N ILE C 362 28.44 6.76 26.64
CA ILE C 362 27.78 7.35 25.51
C ILE C 362 27.82 8.80 25.92
N ARG C 363 28.51 9.64 25.15
CA ARG C 363 28.68 11.02 25.57
C ARG C 363 28.65 12.01 24.42
N LYS C 364 28.12 13.19 24.68
CA LYS C 364 28.17 14.24 23.70
C LYS C 364 29.59 14.74 23.72
N ILE C 365 30.22 14.80 22.56
CA ILE C 365 31.60 15.26 22.47
C ILE C 365 31.62 16.76 22.23
N GLY C 366 30.52 17.28 21.68
CA GLY C 366 30.40 18.68 21.25
C GLY C 366 29.24 18.86 20.28
N TYR C 367 29.37 19.80 19.34
CA TYR C 367 28.31 20.06 18.37
C TYR C 367 28.83 20.73 17.10
N TRP C 368 27.96 20.80 16.07
CA TRP C 368 28.32 21.39 14.77
C TRP C 368 27.28 22.33 14.21
N ASN C 369 27.75 23.25 13.38
CA ASN C 369 26.93 24.22 12.68
C ASN C 369 27.68 24.81 11.49
N GLU C 370 26.98 25.51 10.61
CA GLU C 370 27.56 26.08 9.40
C GLU C 370 28.69 27.11 9.58
N ASP C 371 28.68 27.88 10.66
CA ASP C 371 29.74 28.87 10.87
C ASP C 371 30.84 28.50 11.87
N ASP C 372 30.46 27.82 12.94
CA ASP C 372 31.42 27.41 13.96
C ASP C 372 32.06 26.10 13.58
N LYS C 373 31.52 25.45 12.56
CA LYS C 373 32.07 24.16 12.20
C LYS C 373 31.87 23.36 13.51
N PHE C 374 32.92 22.76 14.10
CA PHE C 374 32.74 21.97 15.35
C PHE C 374 33.47 22.42 16.56
N VAL C 375 32.70 22.53 17.62
CA VAL C 375 33.21 22.98 18.88
C VAL C 375 33.10 21.86 19.89
N PRO C 376 34.24 21.62 20.53
CA PRO C 376 34.42 20.58 21.55
C PRO C 376 33.71 20.95 22.85
N ALA C 377 33.41 19.95 23.66
CA ALA C 377 32.75 20.17 24.93
C ALA C 377 33.68 19.81 26.09
N GLY D 5 -16.42 10.29 -32.08
CA GLY D 5 -16.44 9.76 -30.73
C GLY D 5 -17.63 8.88 -30.43
N ALA D 6 -17.53 7.61 -30.78
CA ALA D 6 -18.54 6.63 -30.39
C ALA D 6 -18.70 6.66 -28.87
N MET D 7 -17.63 6.24 -28.19
CA MET D 7 -17.57 6.17 -26.74
C MET D 7 -16.26 6.86 -26.40
N PRO D 8 -15.90 6.96 -25.12
CA PRO D 8 -14.56 7.51 -24.82
C PRO D 8 -13.50 6.45 -25.09
N ASN D 9 -12.27 6.85 -25.37
CA ASN D 9 -11.23 5.91 -25.78
C ASN D 9 -10.65 5.16 -24.60
N ASN D 10 -10.76 5.76 -23.42
CA ASN D 10 -10.27 5.15 -22.21
C ASN D 10 -11.41 4.99 -21.21
N ILE D 11 -11.56 3.80 -20.65
CA ILE D 11 -12.56 3.58 -19.62
C ILE D 11 -11.80 3.33 -18.30
N GLN D 12 -11.76 4.34 -17.45
CA GLN D 12 -11.07 4.24 -16.17
C GLN D 12 -11.78 3.22 -15.28
N ILE D 13 -11.00 2.35 -14.63
CA ILE D 13 -11.56 1.31 -13.77
C ILE D 13 -10.91 1.37 -12.40
N GLY D 14 -11.71 1.58 -11.35
CA GLY D 14 -11.15 1.63 -10.01
C GLY D 14 -10.84 0.23 -9.50
N GLY D 15 -9.98 0.19 -8.48
CA GLY D 15 -9.55 -1.05 -7.88
C GLY D 15 -9.40 -0.88 -6.37
N LEU D 16 -9.86 -1.90 -5.65
CA LEU D 16 -9.74 -1.97 -4.21
C LEU D 16 -9.05 -3.31 -3.88
N PHE D 17 -7.75 -3.22 -3.66
CA PHE D 17 -6.89 -4.39 -3.44
C PHE D 17 -6.29 -4.31 -2.04
N PRO D 18 -6.20 -5.45 -1.35
CA PRO D 18 -5.69 -5.43 0.03
C PRO D 18 -4.17 -5.52 0.11
N ASN D 19 -3.50 -5.74 -1.01
CA ASN D 19 -2.05 -5.88 -1.01
C ASN D 19 -1.35 -5.13 -2.14
N GLN D 20 -0.11 -4.72 -1.89
CA GLN D 20 0.69 -4.05 -2.90
C GLN D 20 1.11 -5.03 -3.99
N GLN D 21 1.41 -6.26 -3.57
CA GLN D 21 1.81 -7.31 -4.50
C GLN D 21 1.15 -8.63 -4.14
N SER D 22 0.70 -9.35 -5.17
CA SER D 22 0.05 -10.64 -4.99
C SER D 22 -0.24 -11.27 -6.35
N GLN D 23 -0.54 -12.56 -6.36
CA GLN D 23 -0.83 -13.26 -7.60
C GLN D 23 -2.04 -12.65 -8.30
N GLU D 24 -3.00 -12.19 -7.51
CA GLU D 24 -4.20 -11.55 -8.05
C GLU D 24 -3.81 -10.32 -8.87
N HIS D 25 -2.92 -9.50 -8.31
CA HIS D 25 -2.42 -8.32 -8.99
C HIS D 25 -1.79 -8.68 -10.32
N ALA D 26 -0.99 -9.74 -10.32
CA ALA D 26 -0.32 -10.16 -11.52
C ALA D 26 -1.33 -10.76 -12.54
N ALA D 27 -2.33 -11.47 -12.03
CA ALA D 27 -3.42 -11.90 -12.88
C ALA D 27 -4.17 -10.72 -13.52
N PHE D 28 -4.54 -9.76 -12.70
CA PHE D 28 -5.18 -8.53 -13.15
C PHE D 28 -4.38 -7.84 -14.27
N ARG D 29 -3.08 -7.62 -14.06
CA ARG D 29 -2.26 -6.93 -15.05
C ARG D 29 -2.08 -7.74 -16.34
N PHE D 30 -1.99 -9.06 -16.21
CA PHE D 30 -1.84 -9.93 -17.37
C PHE D 30 -3.08 -9.87 -18.31
N ALA D 31 -4.25 -10.06 -17.71
CA ALA D 31 -5.49 -10.05 -18.46
C ALA D 31 -5.64 -8.73 -19.26
N LEU D 32 -5.25 -7.63 -18.62
CA LEU D 32 -5.29 -6.29 -19.21
C LEU D 32 -4.34 -6.06 -20.40
N SER D 33 -3.12 -6.59 -20.33
CA SER D 33 -2.18 -6.49 -21.44
C SER D 33 -2.63 -7.33 -22.63
N GLN D 34 -3.52 -8.31 -22.40
CA GLN D 34 -4.05 -9.09 -23.53
C GLN D 34 -5.00 -8.32 -24.43
N LEU D 35 -5.88 -7.50 -23.85
CA LEU D 35 -6.86 -6.69 -24.60
C LEU D 35 -6.32 -5.80 -25.73
N THR D 36 -7.10 -5.70 -26.81
CA THR D 36 -6.66 -5.03 -28.02
C THR D 36 -7.66 -3.97 -28.49
N GLU D 37 -8.94 -4.17 -28.21
CA GLU D 37 -9.96 -3.31 -28.79
C GLU D 37 -10.26 -2.11 -27.89
N PRO D 38 -10.58 -0.95 -28.50
CA PRO D 38 -11.08 0.14 -27.67
C PRO D 38 -12.51 -0.20 -27.21
N PRO D 39 -12.91 0.28 -26.03
CA PRO D 39 -12.20 1.16 -25.12
C PRO D 39 -11.07 0.48 -24.34
N LYS D 40 -9.97 1.21 -24.13
CA LYS D 40 -8.93 0.76 -23.28
C LYS D 40 -9.37 0.92 -21.82
N LEU D 41 -9.36 -0.19 -21.09
CA LEU D 41 -9.52 -0.25 -19.63
C LEU D 41 -8.25 0.21 -18.97
N LEU D 42 -8.38 1.35 -18.29
CA LEU D 42 -7.27 2.07 -17.70
C LEU D 42 -7.39 1.96 -16.19
N PRO D 43 -6.68 1.00 -15.59
CA PRO D 43 -6.83 0.71 -14.17
C PRO D 43 -6.25 1.79 -13.25
N GLN D 44 -6.91 2.00 -12.12
CA GLN D 44 -6.53 3.05 -11.17
C GLN D 44 -6.77 2.56 -9.74
N ILE D 45 -5.84 1.75 -9.25
CA ILE D 45 -6.08 1.06 -7.99
C ILE D 45 -5.42 1.53 -6.80
N ASP D 46 -6.10 1.24 -5.72
CA ASP D 46 -5.65 1.70 -4.48
C ASP D 46 -5.52 0.53 -3.55
N ILE D 47 -4.42 0.55 -2.82
CA ILE D 47 -4.17 -0.44 -1.82
C ILE D 47 -4.92 0.06 -0.60
N VAL D 48 -5.75 -0.81 -0.06
CA VAL D 48 -6.65 -0.41 1.01
C VAL D 48 -6.90 -1.59 1.93
N ASN D 49 -7.09 -1.30 3.20
CA ASN D 49 -7.58 -2.30 4.14
C ASN D 49 -9.02 -2.67 3.82
N ILE D 50 -9.20 -3.81 3.17
CA ILE D 50 -10.51 -4.23 2.70
C ILE D 50 -11.40 -4.55 3.85
N SER D 51 -10.87 -4.61 5.07
CA SER D 51 -11.75 -4.87 6.22
C SER D 51 -12.32 -3.64 6.91
N ASP D 52 -11.87 -2.46 6.51
CA ASP D 52 -12.26 -1.23 7.20
C ASP D 52 -13.24 -0.40 6.39
N SER D 53 -14.47 -0.32 6.89
CA SER D 53 -15.54 0.42 6.22
C SER D 53 -15.15 1.87 5.95
N PHE D 54 -14.38 2.47 6.86
CA PHE D 54 -13.97 3.86 6.69
C PHE D 54 -13.01 4.02 5.52
N GLU D 55 -11.87 3.34 5.59
CA GLU D 55 -10.91 3.37 4.50
C GLU D 55 -11.64 3.07 3.20
N MET D 56 -12.56 2.11 3.27
CA MET D 56 -13.31 1.67 2.09
C MET D 56 -14.23 2.72 1.55
N THR D 57 -14.86 3.45 2.46
CA THR D 57 -15.70 4.55 2.05
C THR D 57 -14.83 5.63 1.39
N TYR D 58 -13.68 5.91 2.00
CA TYR D 58 -12.79 6.93 1.44
C TYR D 58 -12.36 6.59 0.01
N ARG D 59 -11.87 5.37 -0.18
CA ARG D 59 -11.41 4.94 -1.50
C ARG D 59 -12.55 4.95 -2.51
N PHE D 60 -13.66 4.34 -2.15
CA PHE D 60 -14.83 4.27 -3.02
C PHE D 60 -15.24 5.66 -3.50
N CYS D 61 -15.38 6.59 -2.57
CA CYS D 61 -15.78 7.95 -2.90
C CYS D 61 -14.73 8.65 -3.74
N SER D 62 -13.47 8.48 -3.39
CA SER D 62 -12.39 9.04 -4.16
C SER D 62 -12.43 8.48 -5.61
N GLN D 63 -12.64 7.18 -5.76
CA GLN D 63 -12.71 6.65 -7.10
C GLN D 63 -13.95 7.12 -7.83
N PHE D 64 -15.05 7.24 -7.10
CA PHE D 64 -16.30 7.69 -7.67
C PHE D 64 -16.10 9.12 -8.18
N SER D 65 -15.65 10.01 -7.29
CA SER D 65 -15.21 11.35 -7.66
C SER D 65 -14.22 11.45 -8.84
N LYS D 66 -13.19 10.60 -8.86
CA LYS D 66 -12.24 10.63 -9.97
C LYS D 66 -12.87 10.22 -11.34
N GLY D 67 -14.00 9.52 -11.29
CA GLY D 67 -14.77 9.31 -12.51
C GLY D 67 -14.69 7.91 -13.11
N VAL D 68 -14.41 6.89 -12.30
CA VAL D 68 -14.29 5.55 -12.81
C VAL D 68 -15.69 5.06 -13.17
N TYR D 69 -15.73 4.13 -14.11
CA TYR D 69 -16.95 3.59 -14.65
C TYR D 69 -17.32 2.29 -13.93
N ALA D 70 -16.36 1.75 -13.19
CA ALA D 70 -16.60 0.54 -12.43
C ALA D 70 -15.49 0.39 -11.40
N ILE D 71 -15.73 -0.44 -10.39
CA ILE D 71 -14.68 -0.74 -9.44
C ILE D 71 -14.46 -2.24 -9.36
N PHE D 72 -13.22 -2.68 -9.50
CA PHE D 72 -12.89 -4.09 -9.35
C PHE D 72 -12.14 -4.22 -8.03
N GLY D 73 -12.47 -5.24 -7.24
CA GLY D 73 -11.85 -5.35 -5.94
C GLY D 73 -12.29 -6.49 -5.05
N PHE D 74 -11.87 -6.38 -3.79
CA PHE D 74 -12.15 -7.39 -2.78
C PHE D 74 -12.80 -6.78 -1.54
N TYR D 75 -13.70 -7.55 -0.93
CA TYR D 75 -14.31 -7.18 0.35
C TYR D 75 -14.32 -8.35 1.30
N GLU D 76 -14.68 -8.03 2.53
CA GLU D 76 -14.69 -8.96 3.64
C GLU D 76 -16.05 -8.83 4.33
N ARG D 77 -16.32 -9.70 5.29
CA ARG D 77 -17.61 -9.72 5.96
C ARG D 77 -17.85 -8.32 6.61
N ARG D 78 -16.80 -7.67 7.15
CA ARG D 78 -16.97 -6.35 7.76
C ARG D 78 -17.25 -5.20 6.79
N THR D 79 -17.05 -5.42 5.50
CA THR D 79 -17.28 -4.35 4.53
C THR D 79 -18.39 -4.59 3.50
N VAL D 80 -19.00 -5.75 3.50
CA VAL D 80 -20.00 -6.06 2.48
C VAL D 80 -21.16 -5.10 2.50
N ASN D 81 -21.62 -4.76 3.70
CA ASN D 81 -22.74 -3.83 3.83
C ASN D 81 -22.45 -2.42 3.28
N MET D 82 -21.25 -1.89 3.52
CA MET D 82 -20.94 -0.58 2.99
C MET D 82 -20.93 -0.60 1.46
N LEU D 83 -20.29 -1.62 0.89
CA LEU D 83 -20.20 -1.72 -0.56
C LEU D 83 -21.55 -1.93 -1.22
N THR D 84 -22.33 -2.83 -0.66
CA THR D 84 -23.61 -3.16 -1.23
C THR D 84 -24.40 -1.87 -1.19
N SER D 85 -24.27 -1.16 -0.08
CA SER D 85 -25.01 0.08 0.13
C SER D 85 -24.55 1.24 -0.75
N PHE D 86 -23.25 1.40 -0.89
CA PHE D 86 -22.72 2.49 -1.71
C PHE D 86 -22.92 2.18 -3.20
N CYS D 87 -22.87 0.90 -3.54
CA CYS D 87 -23.10 0.45 -4.91
C CYS D 87 -24.56 0.67 -5.30
N GLY D 88 -25.46 0.28 -4.41
CA GLY D 88 -26.87 0.44 -4.63
C GLY D 88 -27.29 1.89 -4.69
N ALA D 89 -26.69 2.72 -3.84
CA ALA D 89 -27.04 4.14 -3.80
C ALA D 89 -26.47 4.92 -4.97
N LEU D 90 -25.33 4.51 -5.51
CA LEU D 90 -24.67 5.31 -6.52
C LEU D 90 -24.71 4.70 -7.93
N HIS D 91 -25.17 3.46 -8.02
CA HIS D 91 -25.22 2.73 -9.29
C HIS D 91 -23.86 2.62 -9.93
N VAL D 92 -22.80 2.39 -9.15
CA VAL D 92 -21.49 2.05 -9.70
C VAL D 92 -21.35 0.54 -9.38
N CYS D 93 -20.89 -0.25 -10.35
CA CYS D 93 -20.72 -1.68 -10.09
C CYS D 93 -19.38 -2.02 -9.48
N PHE D 94 -19.43 -3.04 -8.64
CA PHE D 94 -18.28 -3.60 -7.96
C PHE D 94 -18.21 -5.03 -8.47
N ILE D 95 -17.10 -5.37 -9.10
CA ILE D 95 -16.85 -6.69 -9.70
C ILE D 95 -15.81 -7.34 -8.79
N THR D 96 -16.12 -8.47 -8.16
CA THR D 96 -15.29 -8.98 -7.09
C THR D 96 -15.22 -10.47 -7.12
N PRO D 97 -14.01 -11.05 -6.90
CA PRO D 97 -13.80 -12.49 -6.72
C PRO D 97 -14.04 -12.97 -5.32
N SER D 98 -14.38 -12.07 -4.42
CA SER D 98 -14.58 -12.40 -3.00
C SER D 98 -15.74 -13.33 -2.67
N PHE D 99 -15.76 -13.75 -1.41
CA PHE D 99 -16.71 -14.73 -0.99
C PHE D 99 -18.13 -14.19 -1.16
N PRO D 100 -18.95 -14.85 -1.96
CA PRO D 100 -20.31 -14.34 -2.26
C PRO D 100 -21.21 -14.24 -1.03
N VAL D 101 -22.02 -13.19 -0.98
CA VAL D 101 -22.93 -12.92 0.13
C VAL D 101 -24.38 -13.32 -0.15
N ASP D 102 -25.16 -13.54 0.92
CA ASP D 102 -26.56 -13.96 0.82
C ASP D 102 -27.54 -12.98 0.19
N THR D 103 -27.52 -11.72 0.62
CA THR D 103 -28.34 -10.69 -0.01
C THR D 103 -27.33 -9.51 -0.29
N SER D 104 -27.23 -9.11 -1.56
CA SER D 104 -26.36 -8.03 -2.03
C SER D 104 -27.31 -7.49 -3.06
N ASN D 105 -26.83 -6.71 -4.02
CA ASN D 105 -27.70 -6.17 -5.06
C ASN D 105 -27.19 -6.42 -6.48
N GLN D 106 -27.98 -6.00 -7.46
CA GLN D 106 -27.65 -6.21 -8.87
C GLN D 106 -26.31 -5.57 -9.24
N PHE D 107 -26.00 -4.46 -8.59
CA PHE D 107 -24.81 -3.69 -8.93
C PHE D 107 -23.49 -4.38 -8.53
N VAL D 108 -23.57 -5.35 -7.63
CA VAL D 108 -22.39 -6.11 -7.24
C VAL D 108 -22.25 -7.35 -8.11
N LEU D 109 -21.12 -7.47 -8.80
CA LEU D 109 -20.94 -8.62 -9.66
C LEU D 109 -19.95 -9.64 -9.12
N GLN D 110 -20.49 -10.78 -8.70
CA GLN D 110 -19.73 -11.81 -8.03
C GLN D 110 -19.20 -12.87 -8.94
N LEU D 111 -17.89 -12.80 -9.16
CA LEU D 111 -17.22 -13.73 -10.04
C LEU D 111 -17.17 -15.12 -9.43
N ARG D 112 -17.19 -15.20 -8.10
CA ARG D 112 -17.07 -16.49 -7.43
C ARG D 112 -18.38 -17.25 -7.30
N PRO D 113 -18.44 -18.42 -7.94
CA PRO D 113 -19.60 -19.30 -7.87
C PRO D 113 -19.94 -19.68 -6.42
N GLU D 114 -21.21 -19.75 -6.09
CA GLU D 114 -21.63 -20.15 -4.75
C GLU D 114 -21.34 -21.64 -4.55
N LEU D 115 -21.13 -22.00 -3.30
CA LEU D 115 -20.62 -23.31 -2.96
C LEU D 115 -21.56 -24.09 -2.05
N GLN D 116 -22.45 -23.37 -1.36
CA GLN D 116 -23.25 -23.96 -0.29
C GLN D 116 -24.16 -25.13 -0.73
N GLU D 117 -24.81 -24.99 -1.89
CA GLU D 117 -25.66 -26.06 -2.41
C GLU D 117 -24.81 -27.29 -2.70
N ALA D 118 -23.71 -27.08 -3.42
CA ALA D 118 -22.79 -28.15 -3.78
C ALA D 118 -22.37 -28.90 -2.54
N LEU D 119 -21.95 -28.15 -1.53
CA LEU D 119 -21.55 -28.72 -0.25
C LEU D 119 -22.63 -29.59 0.39
N ILE D 120 -23.87 -29.10 0.40
CA ILE D 120 -24.94 -29.89 0.98
C ILE D 120 -25.18 -31.19 0.21
N SER D 121 -24.96 -31.15 -1.11
CA SER D 121 -25.07 -32.36 -1.93
C SER D 121 -24.04 -33.39 -1.49
N ILE D 122 -22.81 -32.94 -1.30
CA ILE D 122 -21.70 -33.81 -0.95
C ILE D 122 -21.88 -34.48 0.42
N ILE D 123 -22.48 -33.74 1.35
CA ILE D 123 -22.81 -34.30 2.65
C ILE D 123 -23.94 -35.31 2.51
N ASP D 124 -25.00 -34.90 1.83
CA ASP D 124 -26.11 -35.79 1.55
C ASP D 124 -25.54 -37.06 0.86
N HIS D 125 -24.59 -36.91 -0.06
CA HIS D 125 -24.03 -38.07 -0.76
C HIS D 125 -23.47 -39.12 0.19
N TYR D 126 -22.48 -38.74 0.99
CA TYR D 126 -21.84 -39.66 1.92
C TYR D 126 -22.71 -39.93 3.14
N LYS D 127 -24.00 -39.59 3.02
CA LYS D 127 -24.97 -39.82 4.09
C LYS D 127 -24.44 -39.53 5.50
N TRP D 128 -23.74 -38.41 5.66
CA TRP D 128 -23.26 -37.98 6.97
C TRP D 128 -24.45 -37.66 7.89
N GLN D 129 -24.27 -37.87 9.19
CA GLN D 129 -25.33 -37.66 10.18
C GLN D 129 -24.86 -36.70 11.25
N THR D 130 -23.67 -36.97 11.77
CA THR D 130 -23.07 -36.16 12.82
C THR D 130 -21.67 -35.77 12.40
N PHE D 131 -21.39 -34.47 12.39
CA PHE D 131 -20.12 -33.95 11.94
C PHE D 131 -19.80 -32.54 12.49
N VAL D 132 -18.52 -32.20 12.42
CA VAL D 132 -18.03 -30.92 12.83
C VAL D 132 -18.08 -30.01 11.63
N TYR D 133 -18.51 -28.77 11.85
CA TYR D 133 -18.49 -27.76 10.82
C TYR D 133 -17.62 -26.58 11.25
N ILE D 134 -16.39 -26.55 10.74
CA ILE D 134 -15.45 -25.47 11.05
C ILE D 134 -15.55 -24.40 9.96
N TYR D 135 -15.73 -23.15 10.37
CA TYR D 135 -16.01 -22.09 9.41
C TYR D 135 -15.35 -20.76 9.66
N ASP D 136 -15.41 -19.94 8.62
CA ASP D 136 -14.83 -18.61 8.68
C ASP D 136 -15.88 -17.61 9.16
N ALA D 137 -15.67 -17.10 10.36
CA ALA D 137 -16.54 -16.07 10.89
C ALA D 137 -16.49 -14.87 9.95
N ASP D 138 -15.49 -14.86 9.08
CA ASP D 138 -15.27 -13.72 8.21
C ASP D 138 -16.22 -13.65 7.01
N ARG D 139 -16.73 -14.80 6.58
CA ARG D 139 -17.61 -14.85 5.41
C ARG D 139 -18.82 -15.73 5.61
N GLY D 140 -18.67 -16.76 6.43
CA GLY D 140 -19.67 -17.78 6.57
C GLY D 140 -20.54 -17.68 7.80
N LEU D 141 -21.37 -16.65 7.85
CA LEU D 141 -22.36 -16.55 8.91
C LEU D 141 -23.74 -16.90 8.36
N SER D 142 -23.91 -16.71 7.05
CA SER D 142 -25.16 -17.03 6.37
C SER D 142 -25.17 -18.51 5.96
N VAL D 143 -23.99 -19.06 5.68
CA VAL D 143 -23.86 -20.46 5.25
C VAL D 143 -24.16 -21.42 6.39
N LEU D 144 -23.87 -21.00 7.61
CA LEU D 144 -24.03 -21.86 8.75
C LEU D 144 -25.40 -22.10 9.12
N GLN D 145 -26.09 -21.03 8.96
CA GLN D 145 -27.53 -21.10 9.18
C GLN D 145 -28.13 -22.03 8.13
N ARG D 146 -27.66 -21.91 6.89
CA ARG D 146 -28.10 -22.80 5.83
C ARG D 146 -27.79 -24.26 6.16
N VAL D 147 -26.67 -24.47 6.84
CA VAL D 147 -26.25 -25.80 7.28
C VAL D 147 -27.10 -26.23 8.46
N LEU D 148 -27.37 -25.30 9.38
CA LEU D 148 -28.23 -25.58 10.52
C LEU D 148 -29.67 -25.87 10.09
N ASP D 149 -30.15 -25.12 9.09
CA ASP D 149 -31.47 -25.35 8.48
C ASP D 149 -31.59 -26.78 7.97
N THR D 150 -30.68 -27.16 7.07
CA THR D 150 -30.70 -28.50 6.50
C THR D 150 -30.60 -29.55 7.61
N ALA D 151 -29.73 -29.32 8.59
CA ALA D 151 -29.59 -30.21 9.73
C ALA D 151 -30.92 -30.50 10.41
N ALA D 152 -31.76 -29.49 10.54
CA ALA D 152 -33.08 -29.66 11.11
C ALA D 152 -33.94 -30.60 10.25
N GLU D 153 -33.87 -30.40 8.93
CA GLU D 153 -34.68 -31.18 8.00
C GLU D 153 -34.25 -32.65 7.92
N LYS D 154 -32.95 -32.88 7.76
CA LYS D 154 -32.45 -34.25 7.64
C LYS D 154 -31.93 -34.78 8.98
N ASN D 155 -32.23 -34.06 10.05
CA ASN D 155 -31.88 -34.48 11.40
C ASN D 155 -30.41 -34.81 11.59
N TRP D 156 -29.53 -33.89 11.18
CA TRP D 156 -28.10 -34.06 11.39
C TRP D 156 -27.74 -33.55 12.78
N GLN D 157 -26.58 -33.97 13.28
CA GLN D 157 -26.09 -33.50 14.57
C GLN D 157 -24.78 -32.73 14.32
N VAL D 158 -24.89 -31.47 13.90
CA VAL D 158 -23.71 -30.67 13.56
C VAL D 158 -23.08 -29.97 14.76
N THR D 159 -21.77 -29.76 14.68
CA THR D 159 -21.04 -29.07 15.74
C THR D 159 -20.33 -27.85 15.17
N ALA D 160 -20.90 -26.67 15.41
CA ALA D 160 -20.35 -25.44 14.84
C ALA D 160 -19.13 -24.93 15.58
N VAL D 161 -18.12 -24.53 14.82
CA VAL D 161 -16.84 -24.09 15.34
C VAL D 161 -16.36 -22.90 14.51
N ASN D 162 -16.31 -21.72 15.11
CA ASN D 162 -15.84 -20.56 14.39
C ASN D 162 -14.33 -20.50 14.45
N ILE D 163 -13.72 -20.38 13.28
CA ILE D 163 -12.27 -20.25 13.19
C ILE D 163 -11.71 -19.10 14.07
N LEU D 164 -12.26 -17.91 13.90
CA LEU D 164 -11.72 -16.71 14.56
C LEU D 164 -11.66 -16.77 16.09
N THR D 165 -12.53 -17.60 16.69
CA THR D 165 -12.75 -17.55 18.13
C THR D 165 -12.23 -18.75 18.95
N THR D 166 -11.86 -19.84 18.29
CA THR D 166 -11.47 -21.01 19.07
C THR D 166 -9.95 -21.03 19.19
N THR D 167 -9.44 -21.51 20.33
CA THR D 167 -7.99 -21.58 20.52
C THR D 167 -7.41 -22.95 20.20
N GLU D 168 -6.08 -22.97 20.17
CA GLU D 168 -5.27 -24.17 20.04
C GLU D 168 -5.79 -25.30 20.93
N GLU D 169 -6.13 -24.94 22.17
CA GLU D 169 -6.64 -25.89 23.15
C GLU D 169 -8.12 -26.21 22.93
N GLY D 170 -8.90 -25.20 22.56
CA GLY D 170 -10.26 -25.44 22.07
C GLY D 170 -10.27 -26.52 20.99
N TYR D 171 -9.28 -26.42 20.09
CA TYR D 171 -9.10 -27.39 19.00
C TYR D 171 -8.68 -28.75 19.52
N ARG D 172 -7.70 -28.76 20.43
CA ARG D 172 -7.21 -29.99 21.03
C ARG D 172 -8.40 -30.72 21.59
N MET D 173 -9.26 -29.95 22.23
CA MET D 173 -10.36 -30.49 22.99
C MET D 173 -11.39 -31.18 22.10
N LEU D 174 -11.78 -30.53 21.01
CA LEU D 174 -12.84 -31.08 20.17
C LEU D 174 -12.35 -32.22 19.27
N PHE D 175 -11.07 -32.19 18.94
CA PHE D 175 -10.43 -33.30 18.26
C PHE D 175 -10.26 -34.44 19.26
N GLN D 176 -10.33 -34.11 20.54
CA GLN D 176 -10.36 -35.13 21.59
C GLN D 176 -11.76 -35.75 21.68
N ASP D 177 -12.81 -34.96 21.50
CA ASP D 177 -14.17 -35.49 21.44
C ASP D 177 -14.37 -36.43 20.25
N LEU D 178 -13.83 -36.01 19.10
CA LEU D 178 -13.99 -36.70 17.82
C LEU D 178 -13.37 -38.10 17.78
N GLU D 179 -12.23 -38.25 18.43
CA GLU D 179 -11.49 -39.50 18.38
C GLU D 179 -11.99 -40.52 19.39
N LYS D 180 -13.10 -40.19 20.03
CA LYS D 180 -13.81 -41.13 20.88
C LYS D 180 -14.73 -42.05 20.08
N LYS D 181 -14.98 -41.68 18.81
CA LYS D 181 -15.84 -42.43 17.89
C LYS D 181 -15.03 -42.81 16.66
N LYS D 182 -15.34 -43.93 16.01
CA LYS D 182 -14.50 -44.47 14.95
C LYS D 182 -14.28 -43.65 13.65
N GLU D 183 -15.32 -43.03 13.09
CA GLU D 183 -15.13 -42.24 11.87
C GLU D 183 -15.32 -40.80 12.32
N ARG D 184 -14.34 -39.96 12.02
CA ARG D 184 -14.42 -38.57 12.41
C ARG D 184 -14.72 -37.77 11.16
N LEU D 185 -15.86 -37.10 11.17
CA LEU D 185 -16.28 -36.33 10.00
C LEU D 185 -16.22 -34.83 10.25
N VAL D 186 -15.44 -34.16 9.41
CA VAL D 186 -15.17 -32.75 9.52
C VAL D 186 -15.39 -32.00 8.20
N VAL D 187 -16.14 -30.90 8.30
CA VAL D 187 -16.28 -29.96 7.20
C VAL D 187 -15.46 -28.73 7.58
N VAL D 188 -14.66 -28.24 6.64
CA VAL D 188 -13.90 -27.02 6.85
C VAL D 188 -14.23 -26.05 5.72
N ASP D 189 -14.94 -24.96 6.02
CA ASP D 189 -15.27 -23.99 4.98
C ASP D 189 -14.55 -22.72 5.35
N CYS D 190 -13.60 -22.34 4.50
CA CYS D 190 -12.89 -21.08 4.69
C CYS D 190 -11.98 -20.79 3.50
N GLU D 191 -11.45 -19.59 3.47
CA GLU D 191 -10.56 -19.13 2.41
C GLU D 191 -9.19 -19.81 2.47
N SER D 192 -8.42 -19.71 1.39
CA SER D 192 -7.18 -20.46 1.23
C SER D 192 -6.07 -20.17 2.25
N GLU D 193 -5.82 -18.90 2.55
CA GLU D 193 -4.73 -18.56 3.45
C GLU D 193 -5.00 -19.07 4.88
N ARG D 194 -6.23 -18.87 5.37
CA ARG D 194 -6.59 -19.36 6.70
C ARG D 194 -6.72 -20.88 6.66
N LEU D 195 -7.08 -21.41 5.50
CA LEU D 195 -7.21 -22.84 5.30
C LEU D 195 -5.90 -23.56 5.60
N ASN D 196 -4.82 -23.11 4.96
CA ASN D 196 -3.51 -23.71 5.12
C ASN D 196 -2.98 -23.66 6.54
N ALA D 197 -3.30 -22.58 7.24
CA ALA D 197 -2.88 -22.42 8.63
C ALA D 197 -3.59 -23.42 9.51
N ILE D 198 -4.85 -23.70 9.20
CA ILE D 198 -5.65 -24.67 9.95
C ILE D 198 -5.18 -26.09 9.66
N LEU D 199 -4.71 -26.32 8.43
CA LEU D 199 -4.23 -27.63 8.02
C LEU D 199 -3.14 -28.14 8.97
N GLY D 200 -2.05 -27.39 9.06
CA GLY D 200 -0.95 -27.77 9.92
C GLY D 200 -1.38 -28.07 11.34
N GLN D 201 -2.41 -27.37 11.80
CA GLN D 201 -2.93 -27.57 13.15
C GLN D 201 -3.76 -28.84 13.26
N ILE D 202 -4.44 -29.20 12.18
CA ILE D 202 -5.27 -30.39 12.15
C ILE D 202 -4.45 -31.67 12.04
N VAL D 203 -3.60 -31.72 11.02
CA VAL D 203 -2.78 -32.90 10.77
C VAL D 203 -2.00 -33.32 12.01
N LYS D 204 -1.43 -32.34 12.71
CA LYS D 204 -0.65 -32.62 13.91
C LYS D 204 -1.51 -33.23 15.01
N LEU D 205 -2.78 -32.82 15.06
CA LEU D 205 -3.70 -33.27 16.10
C LEU D 205 -4.28 -34.65 15.81
N GLU D 206 -4.35 -35.00 14.52
CA GLU D 206 -5.06 -36.21 14.11
C GLU D 206 -4.23 -37.50 14.09
N LYS D 207 -2.92 -37.39 14.30
CA LYS D 207 -2.06 -38.59 14.32
C LYS D 207 -2.07 -39.46 13.02
N ASN D 208 -2.36 -40.75 13.15
CA ASN D 208 -2.31 -41.66 12.00
C ASN D 208 -3.28 -41.26 10.90
N GLY D 209 -4.27 -40.45 11.25
CA GLY D 209 -5.24 -39.97 10.28
C GLY D 209 -6.29 -41.00 9.91
N ILE D 210 -6.23 -42.16 10.56
CA ILE D 210 -7.19 -43.22 10.28
C ILE D 210 -8.59 -42.86 10.75
N GLY D 211 -9.58 -43.07 9.88
CA GLY D 211 -10.96 -42.83 10.24
C GLY D 211 -11.38 -41.36 10.18
N TYR D 212 -10.52 -40.51 9.65
CA TYR D 212 -10.83 -39.09 9.51
C TYR D 212 -11.26 -38.79 8.06
N HIS D 213 -12.39 -38.12 7.88
CA HIS D 213 -12.89 -37.77 6.56
C HIS D 213 -13.18 -36.27 6.45
N TYR D 214 -12.40 -35.58 5.62
CA TYR D 214 -12.52 -34.12 5.50
C TYR D 214 -13.17 -33.67 4.20
N ILE D 215 -14.12 -32.76 4.32
CA ILE D 215 -14.68 -32.06 3.17
C ILE D 215 -14.26 -30.59 3.28
N LEU D 216 -13.44 -30.14 2.34
CA LEU D 216 -12.96 -28.77 2.36
C LEU D 216 -13.79 -27.88 1.43
N ALA D 217 -14.64 -27.06 2.02
CA ALA D 217 -15.50 -26.15 1.26
C ALA D 217 -14.67 -25.01 0.67
N ASN D 218 -14.00 -25.31 -0.43
CA ASN D 218 -13.08 -24.38 -1.08
C ASN D 218 -13.09 -24.69 -2.55
N LEU D 219 -12.75 -23.71 -3.38
CA LEU D 219 -12.81 -23.88 -4.84
C LEU D 219 -11.43 -24.13 -5.45
N GLY D 220 -10.41 -24.16 -4.59
CA GLY D 220 -9.05 -24.40 -5.05
C GLY D 220 -8.44 -25.59 -4.34
N PHE D 221 -9.09 -26.76 -4.46
CA PHE D 221 -8.59 -27.96 -3.83
C PHE D 221 -7.11 -28.16 -4.15
N MET D 222 -6.79 -28.02 -5.43
CA MET D 222 -5.43 -28.18 -5.91
C MET D 222 -4.50 -27.05 -5.48
N ASP D 223 -5.03 -25.94 -4.98
CA ASP D 223 -4.16 -24.84 -4.50
C ASP D 223 -3.55 -25.15 -3.16
N ILE D 224 -4.16 -26.09 -2.43
CA ILE D 224 -3.73 -26.39 -1.06
C ILE D 224 -2.40 -27.12 -0.99
N ASP D 225 -1.66 -26.93 0.10
CA ASP D 225 -0.49 -27.78 0.35
C ASP D 225 -0.98 -29.12 0.83
N LEU D 226 -0.97 -30.07 -0.08
CA LEU D 226 -1.57 -31.36 0.17
C LEU D 226 -0.49 -32.32 0.63
N ASN D 227 0.75 -31.83 0.64
CA ASN D 227 1.91 -32.53 1.21
C ASN D 227 1.75 -32.77 2.71
N LYS D 228 1.00 -31.88 3.36
CA LYS D 228 0.72 -31.99 4.78
C LYS D 228 -0.04 -33.29 5.06
N PHE D 229 -0.51 -33.92 3.99
CA PHE D 229 -1.28 -35.16 4.09
C PHE D 229 -0.54 -36.42 3.62
N LYS D 230 0.74 -36.28 3.31
CA LYS D 230 1.55 -37.44 2.88
C LYS D 230 1.67 -38.48 4.01
N GLU D 231 1.20 -39.69 3.73
CA GLU D 231 0.94 -40.73 4.74
C GLU D 231 0.05 -40.29 5.93
N SER D 232 -1.04 -39.60 5.62
CA SER D 232 -2.15 -39.46 6.54
C SER D 232 -3.25 -40.34 6.01
N GLY D 233 -3.85 -41.15 6.90
CA GLY D 233 -5.03 -41.92 6.56
C GLY D 233 -6.22 -41.08 6.11
N ALA D 234 -6.09 -39.76 6.28
CA ALA D 234 -7.13 -38.79 6.02
C ALA D 234 -7.74 -38.91 4.63
N ASN D 235 -9.08 -39.02 4.60
CA ASN D 235 -9.87 -38.98 3.37
C ASN D 235 -10.27 -37.54 3.13
N VAL D 236 -9.73 -36.93 2.08
CA VAL D 236 -9.95 -35.51 1.86
C VAL D 236 -10.72 -35.26 0.59
N THR D 237 -11.86 -34.58 0.72
CA THR D 237 -12.69 -34.23 -0.43
C THR D 237 -12.81 -32.73 -0.55
N GLY D 238 -12.82 -32.27 -1.80
CA GLY D 238 -12.93 -30.86 -2.10
C GLY D 238 -13.49 -30.57 -3.47
N PHE D 239 -13.19 -29.37 -3.94
CA PHE D 239 -13.80 -28.82 -5.13
C PHE D 239 -12.74 -28.11 -5.96
N GLN D 240 -12.72 -28.37 -7.26
CA GLN D 240 -11.85 -27.61 -8.14
C GLN D 240 -12.69 -26.90 -9.20
N LEU D 241 -12.46 -25.59 -9.32
CA LEU D 241 -13.20 -24.78 -10.28
C LEU D 241 -12.49 -24.80 -11.64
N VAL D 242 -11.16 -24.76 -11.60
CA VAL D 242 -10.35 -24.68 -12.82
C VAL D 242 -9.65 -26.01 -13.18
N ASN D 243 -9.77 -26.39 -14.45
CA ASN D 243 -8.99 -27.49 -15.03
C ASN D 243 -7.96 -26.87 -15.99
N TYR D 244 -6.68 -26.99 -15.66
CA TYR D 244 -5.59 -26.34 -16.41
C TYR D 244 -5.13 -27.08 -17.63
N THR D 245 -5.75 -28.23 -17.82
CA THR D 245 -5.44 -29.07 -18.95
C THR D 245 -6.54 -28.97 -20.00
N ASP D 246 -7.60 -28.23 -19.67
CA ASP D 246 -8.66 -28.00 -20.64
C ASP D 246 -8.19 -27.03 -21.70
N THR D 247 -8.82 -27.10 -22.86
CA THR D 247 -8.42 -26.34 -24.04
C THR D 247 -8.22 -24.86 -23.79
N ILE D 248 -9.29 -24.16 -23.43
CA ILE D 248 -9.23 -22.72 -23.23
C ILE D 248 -8.31 -22.35 -22.05
N PRO D 249 -8.48 -23.01 -20.92
CA PRO D 249 -7.59 -22.79 -19.77
C PRO D 249 -6.11 -23.02 -20.11
N ALA D 250 -5.81 -24.14 -20.75
CA ALA D 250 -4.44 -24.49 -21.10
C ALA D 250 -3.84 -23.47 -22.07
N ARG D 251 -4.60 -23.08 -23.09
CA ARG D 251 -4.15 -22.07 -24.03
C ARG D 251 -3.79 -20.80 -23.29
N ILE D 252 -4.60 -20.46 -22.28
CA ILE D 252 -4.38 -19.27 -21.47
C ILE D 252 -3.15 -19.43 -20.59
N MET D 253 -3.03 -20.59 -19.94
CA MET D 253 -1.88 -20.87 -19.08
C MET D 253 -0.61 -20.80 -19.90
N GLN D 254 -0.67 -21.36 -21.11
CA GLN D 254 0.48 -21.36 -22.01
C GLN D 254 0.87 -19.95 -22.40
N GLN D 255 -0.13 -19.09 -22.60
CA GLN D 255 0.11 -17.73 -23.06
C GLN D 255 0.88 -16.86 -22.05
N TRP D 256 0.50 -16.89 -20.78
CA TRP D 256 1.24 -16.10 -19.79
C TRP D 256 2.43 -16.84 -19.18
N ARG D 257 2.46 -18.16 -19.30
CA ARG D 257 3.63 -18.92 -18.91
C ARG D 257 4.80 -18.45 -19.77
N THR D 258 4.52 -18.30 -21.06
CA THR D 258 5.52 -17.76 -22.00
C THR D 258 5.72 -16.29 -21.73
N SER D 259 4.65 -15.62 -21.32
CA SER D 259 4.70 -14.20 -21.01
C SER D 259 5.74 -13.90 -19.94
N ASP D 260 5.87 -14.82 -18.98
CA ASP D 260 6.78 -14.61 -17.85
C ASP D 260 8.14 -15.24 -18.02
N SER D 261 8.25 -16.15 -18.97
CA SER D 261 9.51 -16.80 -19.24
C SER D 261 10.29 -16.00 -20.28
N ARG D 262 9.61 -15.60 -21.36
CA ARG D 262 10.24 -14.81 -22.40
C ARG D 262 10.72 -13.50 -21.79
N ASP D 263 9.97 -13.01 -20.82
CA ASP D 263 10.36 -11.82 -20.06
C ASP D 263 11.57 -12.14 -19.19
N LYS D 270 4.58 -20.49 -11.45
CA LYS D 270 3.73 -20.96 -10.37
C LYS D 270 2.27 -21.09 -10.83
N ARG D 271 1.62 -22.14 -10.34
CA ARG D 271 0.25 -22.49 -10.71
C ARG D 271 -0.76 -21.49 -10.16
N PRO D 272 -1.52 -20.85 -11.03
CA PRO D 272 -2.45 -19.79 -10.60
C PRO D 272 -3.57 -20.28 -9.69
N LYS D 273 -3.70 -19.61 -8.54
CA LYS D 273 -4.75 -19.91 -7.59
C LYS D 273 -6.09 -19.47 -8.20
N TYR D 274 -7.19 -20.00 -7.67
CA TYR D 274 -8.52 -19.74 -8.23
C TYR D 274 -8.99 -18.31 -8.14
N THR D 275 -8.52 -17.62 -7.11
CA THR D 275 -8.84 -16.22 -6.92
C THR D 275 -8.16 -15.40 -8.01
N SER D 276 -6.99 -15.84 -8.43
CA SER D 276 -6.26 -15.19 -9.50
C SER D 276 -6.91 -15.52 -10.83
N ALA D 277 -7.52 -16.70 -10.91
CA ALA D 277 -8.23 -17.09 -12.11
C ALA D 277 -9.51 -16.27 -12.23
N LEU D 278 -10.19 -16.08 -11.09
CA LEU D 278 -11.39 -15.27 -11.05
C LEU D 278 -11.07 -13.83 -11.41
N THR D 279 -9.92 -13.36 -10.94
CA THR D 279 -9.47 -12.02 -11.23
C THR D 279 -9.25 -11.87 -12.74
N TYR D 280 -8.55 -12.84 -13.32
CA TYR D 280 -8.40 -12.93 -14.77
C TYR D 280 -9.73 -12.86 -15.54
N ASP D 281 -10.71 -13.68 -15.13
CA ASP D 281 -12.00 -13.72 -15.80
C ASP D 281 -12.80 -12.43 -15.47
N GLY D 282 -12.52 -11.82 -14.33
CA GLY D 282 -13.21 -10.59 -13.91
C GLY D 282 -12.85 -9.45 -14.84
N VAL D 283 -11.62 -9.49 -15.35
CA VAL D 283 -11.17 -8.49 -16.27
C VAL D 283 -11.86 -8.65 -17.63
N LYS D 284 -11.94 -9.87 -18.17
CA LYS D 284 -12.63 -10.12 -19.43
C LYS D 284 -14.14 -9.81 -19.34
N VAL D 285 -14.74 -10.05 -18.18
CA VAL D 285 -16.13 -9.65 -17.91
C VAL D 285 -16.28 -8.16 -18.20
N MET D 286 -15.32 -7.37 -17.69
CA MET D 286 -15.41 -5.93 -17.80
C MET D 286 -15.16 -5.54 -19.24
N ALA D 287 -14.11 -6.12 -19.82
CA ALA D 287 -13.77 -5.89 -21.23
C ALA D 287 -14.98 -6.19 -22.12
N GLU D 288 -15.61 -7.34 -21.88
CA GLU D 288 -16.78 -7.73 -22.66
C GLU D 288 -17.91 -6.74 -22.44
N ALA D 289 -18.17 -6.40 -21.18
CA ALA D 289 -19.25 -5.50 -20.82
C ALA D 289 -19.25 -4.23 -21.68
N PHE D 290 -18.11 -3.54 -21.72
CA PHE D 290 -18.03 -2.26 -22.42
C PHE D 290 -18.02 -2.41 -23.94
N GLN D 291 -17.46 -3.51 -24.44
CA GLN D 291 -17.46 -3.77 -25.87
C GLN D 291 -18.91 -4.11 -26.33
N SER D 292 -19.74 -4.56 -25.39
CA SER D 292 -21.16 -4.79 -25.68
C SER D 292 -21.87 -3.45 -25.74
N LEU D 293 -21.38 -2.50 -24.95
CA LEU D 293 -21.91 -1.16 -24.95
C LEU D 293 -21.53 -0.41 -26.22
N ARG D 294 -20.37 -0.74 -26.78
CA ARG D 294 -19.95 -0.10 -28.03
C ARG D 294 -20.77 -0.58 -29.21
N ARG D 295 -21.08 -1.87 -29.26
CA ARG D 295 -21.89 -2.39 -30.37
C ARG D 295 -23.39 -2.15 -30.18
N GLN D 296 -23.80 -1.88 -28.94
CA GLN D 296 -25.17 -1.45 -28.68
C GLN D 296 -25.24 0.05 -28.95
N ARG D 297 -24.06 0.66 -29.05
CA ARG D 297 -23.91 2.07 -29.40
C ARG D 297 -24.51 3.03 -28.39
N ILE D 298 -24.48 2.61 -27.13
CA ILE D 298 -24.90 3.48 -26.03
C ILE D 298 -23.70 4.34 -25.65
N ASP D 299 -23.92 5.65 -25.55
CA ASP D 299 -22.84 6.60 -25.28
C ASP D 299 -22.64 6.93 -23.80
N ILE D 300 -21.45 6.63 -23.30
CA ILE D 300 -21.10 6.86 -21.90
C ILE D 300 -20.06 7.97 -21.75
N SER D 301 -20.05 8.58 -20.57
CA SER D 301 -19.09 9.65 -20.25
C SER D 301 -19.26 10.03 -18.78
N ARG D 302 -18.16 10.42 -18.12
CA ARG D 302 -18.26 10.80 -16.71
C ARG D 302 -17.43 12.02 -16.30
N ARG D 303 -17.88 12.67 -15.24
CA ARG D 303 -17.26 13.88 -14.71
C ARG D 303 -15.89 13.63 -14.12
N GLY D 304 -14.90 14.35 -14.64
CA GLY D 304 -13.58 14.39 -14.04
C GLY D 304 -13.59 15.51 -13.03
N ASN D 305 -14.72 16.23 -13.00
CA ASN D 305 -14.90 17.38 -12.13
C ASN D 305 -15.35 16.99 -10.71
N ALA D 306 -14.75 15.94 -10.17
CA ALA D 306 -14.95 15.55 -8.78
C ALA D 306 -16.40 15.58 -8.29
N GLY D 307 -17.32 15.03 -9.08
CA GLY D 307 -18.70 14.92 -8.63
C GLY D 307 -18.63 14.30 -7.22
N ASP D 308 -19.07 15.04 -6.21
CA ASP D 308 -18.95 14.59 -4.82
C ASP D 308 -19.81 13.35 -4.54
N CYS D 309 -19.38 12.57 -3.54
CA CYS D 309 -19.92 11.26 -3.27
C CYS D 309 -21.13 11.34 -2.30
N LEU D 310 -20.88 11.72 -1.07
CA LEU D 310 -21.90 11.78 -0.03
C LEU D 310 -22.90 12.89 -0.20
N ALA D 311 -24.15 12.50 -0.11
CA ALA D 311 -25.20 13.43 -0.33
C ALA D 311 -26.46 12.84 0.21
N ASN D 312 -27.49 13.66 0.34
CA ASN D 312 -28.81 13.17 0.75
C ASN D 312 -29.92 13.84 -0.03
N PRO D 313 -30.60 13.06 -0.88
CA PRO D 313 -30.30 11.64 -1.04
C PRO D 313 -29.07 11.41 -1.91
N ALA D 314 -28.64 10.16 -2.01
CA ALA D 314 -27.57 9.79 -2.91
C ALA D 314 -28.07 9.99 -4.33
N VAL D 315 -27.34 10.78 -5.11
CA VAL D 315 -27.69 11.00 -6.49
C VAL D 315 -26.95 9.94 -7.34
N PRO D 316 -27.69 9.03 -7.98
CA PRO D 316 -27.07 7.95 -8.76
C PRO D 316 -26.46 8.41 -10.09
N TRP D 317 -25.49 7.65 -10.57
CA TRP D 317 -24.90 7.89 -11.89
C TRP D 317 -25.91 7.40 -12.92
N GLY D 318 -26.47 8.35 -13.67
CA GLY D 318 -27.56 8.07 -14.60
C GLY D 318 -27.34 6.93 -15.57
N GLN D 319 -26.09 6.67 -15.94
CA GLN D 319 -25.79 5.64 -16.92
C GLN D 319 -25.25 4.38 -16.27
N GLY D 320 -25.23 4.38 -14.94
CA GLY D 320 -24.76 3.23 -14.19
C GLY D 320 -25.54 1.97 -14.50
N ILE D 321 -26.85 2.12 -14.70
CA ILE D 321 -27.72 1.00 -15.00
C ILE D 321 -27.39 0.39 -16.36
N ASP D 322 -26.80 1.20 -17.24
CA ASP D 322 -26.41 0.73 -18.56
C ASP D 322 -25.19 -0.18 -18.46
N ILE D 323 -24.21 0.25 -17.69
CA ILE D 323 -23.00 -0.53 -17.47
C ILE D 323 -23.32 -1.82 -16.72
N GLN D 324 -24.35 -1.76 -15.89
CA GLN D 324 -24.74 -2.89 -15.04
C GLN D 324 -25.46 -3.98 -15.80
N ARG D 325 -26.33 -3.56 -16.71
CA ARG D 325 -27.01 -4.52 -17.55
C ARG D 325 -26.00 -5.24 -18.42
N ALA D 326 -25.03 -4.49 -18.93
CA ALA D 326 -23.99 -5.05 -19.79
C ALA D 326 -23.13 -6.08 -19.05
N LEU D 327 -22.70 -5.73 -17.84
CA LEU D 327 -21.87 -6.62 -17.04
C LEU D 327 -22.63 -7.91 -16.72
N GLN D 328 -23.92 -7.78 -16.44
CA GLN D 328 -24.75 -8.92 -16.04
C GLN D 328 -25.07 -9.87 -17.19
N GLN D 329 -25.12 -9.34 -18.41
CA GLN D 329 -25.49 -10.14 -19.56
C GLN D 329 -24.31 -10.89 -20.19
N VAL D 330 -23.12 -10.68 -19.63
CA VAL D 330 -21.91 -11.29 -20.16
C VAL D 330 -21.93 -12.80 -20.18
N ARG D 331 -21.53 -13.37 -21.31
CA ARG D 331 -21.46 -14.82 -21.47
C ARG D 331 -20.21 -15.19 -22.25
N PHE D 332 -19.33 -15.95 -21.62
CA PHE D 332 -18.12 -16.41 -22.28
C PHE D 332 -17.41 -17.55 -21.55
N GLU D 333 -16.35 -18.03 -22.19
CA GLU D 333 -15.58 -19.16 -21.70
C GLU D 333 -14.21 -18.67 -21.24
N GLY D 334 -14.00 -18.64 -19.93
CA GLY D 334 -12.72 -18.15 -19.43
C GLY D 334 -11.97 -19.22 -18.70
N LEU D 335 -10.92 -18.78 -18.03
CA LEU D 335 -10.16 -19.62 -17.13
C LEU D 335 -11.03 -20.40 -16.12
N THR D 336 -12.24 -19.95 -15.84
CA THR D 336 -13.04 -20.61 -14.80
C THR D 336 -14.30 -21.25 -15.41
N GLY D 337 -14.14 -21.79 -16.61
CA GLY D 337 -15.26 -22.41 -17.26
C GLY D 337 -16.19 -21.37 -17.83
N ASN D 338 -17.49 -21.67 -17.76
CA ASN D 338 -18.51 -20.84 -18.32
C ASN D 338 -18.80 -19.66 -17.40
N VAL D 339 -18.57 -18.43 -17.89
CA VAL D 339 -18.77 -17.21 -17.08
C VAL D 339 -20.11 -16.55 -17.44
N GLN D 340 -21.03 -16.52 -16.48
CA GLN D 340 -22.43 -16.15 -16.70
C GLN D 340 -23.11 -15.68 -15.39
N PHE D 341 -23.97 -14.66 -15.46
CA PHE D 341 -24.61 -14.15 -14.23
C PHE D 341 -26.14 -14.17 -14.33
N ASN D 342 -26.79 -14.60 -13.26
CA ASN D 342 -28.22 -14.38 -13.12
C ASN D 342 -28.51 -12.91 -12.81
N GLU D 343 -29.79 -12.57 -12.73
CA GLU D 343 -30.21 -11.17 -12.54
C GLU D 343 -29.84 -10.62 -11.16
N LYS D 344 -29.64 -11.49 -10.18
CA LYS D 344 -29.25 -11.02 -8.87
C LYS D 344 -27.75 -10.65 -8.77
N GLY D 345 -27.00 -10.86 -9.84
CA GLY D 345 -25.56 -10.59 -9.86
C GLY D 345 -24.61 -11.74 -9.55
N ARG D 346 -25.11 -12.96 -9.51
CA ARG D 346 -24.30 -14.11 -9.14
C ARG D 346 -24.02 -15.02 -10.32
N ARG D 347 -22.88 -15.71 -10.27
CA ARG D 347 -22.51 -16.75 -11.23
C ARG D 347 -23.64 -17.76 -11.44
N THR D 348 -23.98 -18.01 -12.69
CA THR D 348 -24.98 -19.02 -12.99
C THR D 348 -24.52 -19.94 -14.12
N ASN D 349 -25.15 -21.09 -14.30
CA ASN D 349 -24.72 -22.06 -15.32
C ASN D 349 -23.24 -22.46 -15.16
N TYR D 350 -22.83 -22.86 -13.97
CA TYR D 350 -21.43 -23.25 -13.80
C TYR D 350 -21.34 -24.71 -13.35
N THR D 351 -20.19 -25.34 -13.59
CA THR D 351 -19.95 -26.72 -13.17
C THR D 351 -18.82 -26.69 -12.14
N LEU D 352 -19.00 -27.38 -11.01
CA LEU D 352 -17.90 -27.60 -10.06
C LEU D 352 -17.45 -29.04 -10.12
N HIS D 353 -16.14 -29.26 -10.27
CA HIS D 353 -15.62 -30.65 -10.24
C HIS D 353 -15.28 -31.07 -8.82
N VAL D 354 -15.76 -32.23 -8.40
CA VAL D 354 -15.49 -32.80 -7.07
C VAL D 354 -14.28 -33.76 -7.10
N ILE D 355 -13.32 -33.52 -6.20
CA ILE D 355 -12.09 -34.30 -6.14
C ILE D 355 -11.88 -34.89 -4.75
N GLU D 356 -11.18 -36.01 -4.70
CA GLU D 356 -10.94 -36.77 -3.48
C GLU D 356 -9.46 -37.10 -3.37
N MET D 357 -8.94 -37.23 -2.15
CA MET D 357 -7.53 -37.56 -1.96
C MET D 357 -7.25 -38.43 -0.74
N LYS D 358 -6.46 -39.47 -0.96
CA LYS D 358 -6.00 -40.35 0.12
C LYS D 358 -4.64 -40.90 -0.26
N HIS D 359 -3.66 -40.78 0.64
CA HIS D 359 -2.31 -41.21 0.35
C HIS D 359 -1.96 -40.72 -1.06
N ASP D 360 -2.21 -39.43 -1.30
CA ASP D 360 -2.13 -38.81 -2.61
C ASP D 360 -3.02 -39.51 -3.63
N GLY D 361 -4.26 -39.77 -3.22
CA GLY D 361 -5.26 -40.30 -4.12
C GLY D 361 -5.95 -39.15 -4.79
N ILE D 362 -5.48 -38.76 -5.97
CA ILE D 362 -6.12 -37.69 -6.72
C ILE D 362 -7.10 -38.28 -7.72
N ARG D 363 -8.30 -38.60 -7.24
CA ARG D 363 -9.38 -39.14 -8.06
C ARG D 363 -10.48 -38.10 -8.20
N LYS D 364 -11.21 -38.17 -9.30
CA LYS D 364 -12.31 -37.25 -9.56
C LYS D 364 -13.65 -37.93 -9.30
N ILE D 365 -14.27 -37.58 -8.16
CA ILE D 365 -15.50 -38.18 -7.74
C ILE D 365 -16.56 -37.90 -8.80
N GLY D 366 -16.49 -36.71 -9.39
CA GLY D 366 -17.44 -36.31 -10.41
C GLY D 366 -17.57 -34.82 -10.61
N TYR D 367 -18.80 -34.35 -10.67
CA TYR D 367 -19.09 -32.92 -10.90
C TYR D 367 -20.42 -32.52 -10.27
N TRP D 368 -20.58 -31.21 -10.01
CA TRP D 368 -21.84 -30.65 -9.51
C TRP D 368 -22.25 -29.44 -10.30
N ASN D 369 -23.54 -29.32 -10.54
CA ASN D 369 -24.08 -28.15 -11.21
C ASN D 369 -25.49 -27.90 -10.72
N GLU D 370 -26.03 -26.73 -11.06
CA GLU D 370 -27.33 -26.35 -10.55
C GLU D 370 -28.47 -27.27 -10.99
N ASP D 371 -28.51 -27.67 -12.27
CA ASP D 371 -29.55 -28.57 -12.76
C ASP D 371 -29.55 -30.03 -12.28
N ASP D 372 -28.39 -30.67 -12.33
CA ASP D 372 -28.31 -32.08 -11.97
C ASP D 372 -27.82 -32.31 -10.56
N LYS D 373 -27.43 -31.23 -9.88
CA LYS D 373 -26.82 -31.37 -8.58
C LYS D 373 -25.56 -32.22 -8.76
N PHE D 374 -25.42 -33.26 -7.95
CA PHE D 374 -24.21 -34.07 -7.99
C PHE D 374 -24.37 -35.38 -8.77
N VAL D 375 -23.51 -35.58 -9.77
CA VAL D 375 -23.48 -36.80 -10.59
C VAL D 375 -22.05 -37.31 -10.49
N PRO D 376 -21.91 -38.55 -10.03
CA PRO D 376 -20.59 -39.19 -9.89
C PRO D 376 -20.00 -39.57 -11.24
N ALA D 377 -18.67 -39.61 -11.32
CA ALA D 377 -18.02 -39.99 -12.57
C ALA D 377 -16.55 -40.37 -12.37
#